data_8CEJ
#
_entry.id   8CEJ
#
_cell.length_a   141.890
_cell.length_b   190.650
_cell.length_c   190.330
_cell.angle_alpha   90.00
_cell.angle_beta   90.00
_cell.angle_gamma   90.00
#
_symmetry.space_group_name_H-M   'I 2 2 2'
#
loop_
_entity.id
_entity.type
_entity.pdbx_description
1 polymer 'Succinate-semialdehyde dehydrogenase (acetylating)'
2 non-polymer '(2E)-2-METHYLBUT-2-ENEDIOIC ACID'
3 non-polymer 'Mesaconyl Coenzme A'
4 water water
#
_entity_poly.entity_id   1
_entity_poly.type   'polypeptide(L)'
_entity_poly.pdbx_seq_one_letter_code
;MSNEVSIKELIEKAKVAQKKLEAYSQEQVDVLVKALGKVVYDNAEMFAKEAVEETEMGVYEDKVAKCHLKSGAIWNHIKD
KKTVGIIKEEPERALVYVAKPKGVVAATTPITNPVVTPMCNAMAAIKGRNTIIVAPHPKAKKVSAHTVELMNAELKKLGA
PENIIQIVEAPSREAAKELMESADVVIATGGAGRVKAAYSSGRPAYGVGPGNSQVIVDKGYDYNKAAQDIITGRKYDNGI
ICSSEQSVIAPAEDYDKVIAAFVENGAFYVEDEETVEKFRSTLFKDGKINSKIIGKSVQIIADLAGVKVPEGTKVIVLKG
KGAGEKDVLCKEKMCPVLVALKYDTFEEAVEIAMANYMYEGAGHTAGIHSDNDENIRYAGTVLPISRLVVNQPATTAGGS
FNNGFNPTTTLGCGSWGRNSISENLTYEHLINVSRIGYFNKEAKVPSYEEIWG
;
_entity_poly.pdbx_strand_id   A,B,C,D
#
loop_
_chem_comp.id
_chem_comp.type
_chem_comp.name
_chem_comp.formula
MEZ non-polymer '(2E)-2-METHYLBUT-2-ENEDIOIC ACID' 'C5 H6 O4'
OA9 non-polymer 'Mesaconyl Coenzme A' 'C26 H40 N7 O19 P3 S'
#
# COMPACT_ATOMS: atom_id res chain seq x y z
N VAL A 5 28.93 -30.50 -30.84
CA VAL A 5 28.02 -31.62 -31.09
C VAL A 5 26.97 -31.23 -32.12
N SER A 6 27.11 -31.75 -33.33
CA SER A 6 26.17 -31.44 -34.39
C SER A 6 24.84 -32.19 -34.17
N ILE A 7 23.84 -31.79 -34.95
CA ILE A 7 22.51 -32.38 -34.80
C ILE A 7 22.53 -33.85 -35.21
N LYS A 8 23.32 -34.19 -36.24
CA LYS A 8 23.42 -35.58 -36.66
C LYS A 8 23.99 -36.47 -35.55
N GLU A 9 24.85 -35.90 -34.70
CA GLU A 9 25.37 -36.67 -33.57
C GLU A 9 24.29 -36.86 -32.50
N LEU A 10 23.52 -35.80 -32.22
CA LEU A 10 22.45 -35.91 -31.25
C LEU A 10 21.40 -36.92 -31.68
N ILE A 11 21.09 -36.97 -32.98
CA ILE A 11 20.11 -37.92 -33.49
C ILE A 11 20.63 -39.35 -33.35
N GLU A 12 21.90 -39.57 -33.69
CA GLU A 12 22.46 -40.91 -33.60
C GLU A 12 22.55 -41.39 -32.16
N LYS A 13 22.89 -40.50 -31.23
CA LYS A 13 22.89 -40.87 -29.83
C LYS A 13 21.48 -41.17 -29.32
N ALA A 14 20.48 -40.46 -29.85
CA ALA A 14 19.11 -40.69 -29.44
C ALA A 14 18.54 -41.98 -30.01
N LYS A 15 18.92 -42.33 -31.24
CA LYS A 15 18.43 -43.57 -31.83
C LYS A 15 19.06 -44.79 -31.16
N VAL A 16 20.32 -44.69 -30.75
CA VAL A 16 20.95 -45.79 -30.03
C VAL A 16 20.32 -45.97 -28.67
N ALA A 17 20.08 -44.87 -27.95
CA ALA A 17 19.49 -44.96 -26.62
C ALA A 17 18.05 -45.46 -26.69
N GLN A 18 17.31 -45.07 -27.73
CA GLN A 18 15.92 -45.52 -27.84
C GLN A 18 15.85 -47.02 -28.06
N LYS A 19 16.73 -47.57 -28.89
CA LYS A 19 16.76 -49.01 -29.09
C LYS A 19 17.13 -49.74 -27.80
N LYS A 20 17.92 -49.10 -26.94
CA LYS A 20 18.16 -49.65 -25.61
C LYS A 20 16.93 -49.49 -24.72
N LEU A 21 16.29 -48.32 -24.77
CA LEU A 21 15.11 -48.07 -23.97
C LEU A 21 13.91 -48.92 -24.40
N GLU A 22 13.89 -49.37 -25.66
CA GLU A 22 12.77 -50.16 -26.14
C GLU A 22 12.68 -51.50 -25.40
N ALA A 23 13.80 -52.02 -24.91
CA ALA A 23 13.81 -53.27 -24.15
C ALA A 23 13.24 -53.11 -22.75
N TYR A 24 12.90 -51.90 -22.33
CA TYR A 24 12.36 -51.69 -20.99
C TYR A 24 10.93 -52.20 -20.89
N SER A 25 10.58 -52.66 -19.70
CA SER A 25 9.23 -53.11 -19.42
C SER A 25 8.37 -51.95 -18.93
N GLN A 26 7.08 -52.22 -18.75
CA GLN A 26 6.17 -51.19 -18.24
C GLN A 26 6.61 -50.70 -16.87
N GLU A 27 7.07 -51.62 -16.02
CA GLU A 27 7.50 -51.23 -14.68
C GLU A 27 8.81 -50.45 -14.72
N GLN A 28 9.78 -50.94 -15.50
CA GLN A 28 11.08 -50.25 -15.59
C GLN A 28 10.93 -48.87 -16.23
N VAL A 29 9.92 -48.69 -17.08
CA VAL A 29 9.67 -47.38 -17.66
C VAL A 29 9.09 -46.44 -16.61
N ASP A 30 8.08 -46.90 -15.87
CA ASP A 30 7.41 -46.06 -14.90
C ASP A 30 8.37 -45.59 -13.80
N VAL A 31 9.39 -46.39 -13.50
CA VAL A 31 10.39 -45.97 -12.50
C VAL A 31 11.11 -44.72 -12.97
N LEU A 32 11.48 -44.67 -14.25
CA LEU A 32 12.20 -43.50 -14.77
C LEU A 32 11.28 -42.28 -14.83
N VAL A 33 10.02 -42.49 -15.22
CA VAL A 33 9.11 -41.35 -15.41
C VAL A 33 8.79 -40.70 -14.07
N LYS A 34 8.62 -41.50 -13.01
CA LYS A 34 8.29 -40.94 -11.71
C LYS A 34 9.42 -40.06 -11.19
N ALA A 35 10.67 -40.49 -11.40
CA ALA A 35 11.81 -39.71 -10.90
C ALA A 35 12.00 -38.41 -11.67
N LEU A 36 11.57 -38.38 -12.94
CA LEU A 36 11.70 -37.15 -13.73
C LEU A 36 10.83 -36.04 -13.15
N GLY A 37 9.59 -36.36 -12.77
CA GLY A 37 8.74 -35.36 -12.17
C GLY A 37 9.07 -35.05 -10.73
N LYS A 38 9.63 -36.03 -10.00
CA LYS A 38 9.94 -35.81 -8.60
C LYS A 38 11.10 -34.83 -8.44
N VAL A 39 12.10 -34.90 -9.31
CA VAL A 39 13.25 -34.02 -9.17
C VAL A 39 12.89 -32.58 -9.51
N VAL A 40 11.88 -32.39 -10.37
CA VAL A 40 11.39 -31.04 -10.63
C VAL A 40 10.56 -30.54 -9.46
N TYR A 41 9.82 -31.44 -8.81
CA TYR A 41 9.07 -31.08 -7.62
C TYR A 41 10.02 -30.72 -6.47
N ASP A 42 11.06 -31.53 -6.26
CA ASP A 42 11.94 -31.33 -5.12
C ASP A 42 12.89 -30.14 -5.31
N ASN A 43 13.11 -29.69 -6.55
CA ASN A 43 13.97 -28.55 -6.82
C ASN A 43 13.18 -27.38 -7.40
N ALA A 44 11.92 -27.22 -6.98
CA ALA A 44 11.07 -26.20 -7.56
C ALA A 44 11.53 -24.80 -7.18
N GLU A 45 12.00 -24.60 -5.96
CA GLU A 45 12.43 -23.28 -5.52
C GLU A 45 13.65 -22.81 -6.30
N MET A 46 14.58 -23.72 -6.61
CA MET A 46 15.78 -23.32 -7.34
C MET A 46 15.46 -23.04 -8.81
N PHE A 47 14.64 -23.90 -9.43
CA PHE A 47 14.29 -23.71 -10.84
C PHE A 47 13.49 -22.44 -11.05
N ALA A 48 12.56 -22.13 -10.13
CA ALA A 48 11.71 -20.96 -10.31
C ALA A 48 12.52 -19.67 -10.15
N LYS A 49 13.47 -19.65 -9.21
CA LYS A 49 14.29 -18.46 -9.03
C LYS A 49 15.17 -18.21 -10.24
N GLU A 50 15.70 -19.27 -10.86
CA GLU A 50 16.56 -19.11 -12.02
C GLU A 50 15.75 -18.74 -13.26
N ALA A 51 14.57 -19.35 -13.42
CA ALA A 51 13.75 -19.08 -14.60
C ALA A 51 13.24 -17.65 -14.62
N VAL A 52 12.85 -17.12 -13.45
CA VAL A 52 12.35 -15.76 -13.39
C VAL A 52 13.47 -14.76 -13.68
N GLU A 53 14.64 -14.98 -13.10
CA GLU A 53 15.72 -14.00 -13.20
C GLU A 53 16.55 -14.15 -14.47
N GLU A 54 16.36 -15.24 -15.23
CA GLU A 54 16.99 -15.40 -16.54
C GLU A 54 16.09 -14.93 -17.68
N THR A 55 14.84 -15.36 -17.70
CA THR A 55 13.89 -14.94 -18.72
C THR A 55 13.34 -13.54 -18.45
N GLU A 56 13.60 -12.97 -17.27
CA GLU A 56 13.16 -11.63 -16.89
C GLU A 56 11.64 -11.48 -16.99
N MET A 57 10.91 -12.55 -16.70
CA MET A 57 9.46 -12.51 -16.74
C MET A 57 8.90 -13.56 -15.81
N GLY A 58 7.73 -13.28 -15.25
CA GLY A 58 7.04 -14.22 -14.38
C GLY A 58 7.23 -13.89 -12.91
N VAL A 59 6.51 -14.67 -12.09
CA VAL A 59 6.54 -14.52 -10.64
C VAL A 59 7.18 -15.76 -10.04
N TYR A 60 8.04 -15.56 -9.03
CA TYR A 60 8.78 -16.66 -8.44
C TYR A 60 7.85 -17.66 -7.78
N GLU A 61 6.92 -17.18 -6.94
CA GLU A 61 6.03 -18.09 -6.22
C GLU A 61 5.09 -18.82 -7.17
N ASP A 62 4.69 -18.18 -8.27
CA ASP A 62 3.78 -18.83 -9.21
C ASP A 62 4.49 -19.94 -9.99
N LYS A 63 5.78 -19.77 -10.28
CA LYS A 63 6.51 -20.83 -10.95
C LYS A 63 6.82 -21.99 -10.02
N VAL A 64 6.96 -21.72 -8.72
CA VAL A 64 7.10 -22.80 -7.73
C VAL A 64 5.85 -23.66 -7.73
N ALA A 65 4.68 -23.02 -7.63
CA ALA A 65 3.42 -23.75 -7.70
C ALA A 65 3.25 -24.45 -9.04
N LYS A 66 3.75 -23.85 -10.12
CA LYS A 66 3.67 -24.48 -11.42
C LYS A 66 4.49 -25.78 -11.45
N CYS A 67 5.71 -25.73 -10.93
CA CYS A 67 6.54 -26.93 -10.88
C CYS A 67 5.91 -27.99 -9.98
N HIS A 68 5.32 -27.57 -8.86
CA HIS A 68 4.67 -28.53 -7.97
C HIS A 68 3.41 -29.11 -8.61
N LEU A 69 2.61 -28.27 -9.26
CA LEU A 69 1.35 -28.74 -9.83
C LEU A 69 1.57 -29.63 -11.05
N LYS A 70 2.42 -29.18 -11.98
CA LYS A 70 2.62 -29.93 -13.22
C LYS A 70 3.27 -31.28 -12.94
N SER A 71 4.32 -31.31 -12.12
CA SER A 71 5.03 -32.56 -11.89
C SER A 71 4.18 -33.58 -11.16
N GLY A 72 3.40 -33.15 -10.16
CA GLY A 72 2.58 -34.08 -9.41
C GLY A 72 1.37 -34.55 -10.19
N ALA A 73 0.70 -33.64 -10.88
CA ALA A 73 -0.53 -34.00 -11.59
C ALA A 73 -0.23 -34.88 -12.80
N ILE A 74 0.93 -34.71 -13.43
CA ILE A 74 1.26 -35.53 -14.59
C ILE A 74 1.54 -36.97 -14.16
N TRP A 75 2.38 -37.15 -13.13
CA TRP A 75 2.68 -38.50 -12.68
C TRP A 75 1.45 -39.18 -12.08
N ASN A 76 0.63 -38.42 -11.35
CA ASN A 76 -0.60 -38.98 -10.81
C ASN A 76 -1.53 -39.47 -11.91
N HIS A 77 -1.41 -38.93 -13.12
CA HIS A 77 -2.27 -39.31 -14.22
C HIS A 77 -1.70 -40.48 -15.03
N ILE A 78 -0.38 -40.58 -15.17
CA ILE A 78 0.23 -41.56 -16.05
C ILE A 78 0.87 -42.71 -15.30
N LYS A 79 0.72 -42.78 -13.98
CA LYS A 79 1.43 -43.81 -13.23
C LYS A 79 0.88 -45.21 -13.51
N ASP A 80 -0.43 -45.33 -13.76
CA ASP A 80 -1.05 -46.63 -13.97
C ASP A 80 -1.41 -46.87 -15.43
N LYS A 81 -0.99 -46.01 -16.34
CA LYS A 81 -1.30 -46.17 -17.75
C LYS A 81 -0.38 -47.20 -18.39
N LYS A 82 -0.94 -48.08 -19.21
CA LYS A 82 -0.18 -49.12 -19.89
C LYS A 82 0.27 -48.60 -21.25
N THR A 83 1.59 -48.56 -21.45
CA THR A 83 2.16 -48.00 -22.68
C THR A 83 3.25 -48.89 -23.29
N VAL A 84 3.41 -50.12 -22.81
CA VAL A 84 4.48 -51.01 -23.27
C VAL A 84 3.87 -52.33 -23.71
N GLY A 85 4.10 -52.69 -24.97
CA GLY A 85 3.60 -53.95 -25.51
C GLY A 85 2.09 -54.01 -25.66
N ILE A 86 1.51 -55.17 -25.37
CA ILE A 86 0.06 -55.32 -25.43
C ILE A 86 -0.58 -54.62 -24.25
N ILE A 87 -1.53 -53.72 -24.54
CA ILE A 87 -2.11 -52.87 -23.51
C ILE A 87 -3.63 -53.01 -23.41
N LYS A 88 -4.31 -53.53 -24.41
CA LYS A 88 -5.77 -53.62 -24.37
C LYS A 88 -6.22 -54.74 -25.31
N GLU A 89 -7.23 -55.48 -24.88
CA GLU A 89 -7.82 -56.55 -25.67
C GLU A 89 -9.31 -56.27 -25.84
N GLU A 90 -9.78 -56.30 -27.09
CA GLU A 90 -11.17 -56.03 -27.43
C GLU A 90 -11.74 -57.24 -28.16
N PRO A 91 -12.16 -58.26 -27.42
CA PRO A 91 -12.65 -59.48 -28.09
C PRO A 91 -13.93 -59.26 -28.88
N GLU A 92 -14.75 -58.27 -28.53
CA GLU A 92 -15.95 -58.01 -29.29
C GLU A 92 -15.66 -57.53 -30.70
N ARG A 93 -14.49 -56.95 -30.94
CA ARG A 93 -14.05 -56.60 -32.28
C ARG A 93 -12.94 -57.50 -32.79
N ALA A 94 -12.58 -58.54 -32.04
CA ALA A 94 -11.47 -59.44 -32.39
C ALA A 94 -10.18 -58.63 -32.60
N LEU A 95 -9.91 -57.73 -31.67
CA LEU A 95 -8.78 -56.82 -31.75
C LEU A 95 -7.89 -56.95 -30.52
N VAL A 96 -6.58 -56.83 -30.73
CA VAL A 96 -5.61 -56.71 -29.66
C VAL A 96 -4.76 -55.48 -29.94
N TYR A 97 -4.66 -54.59 -28.95
CA TYR A 97 -3.95 -53.33 -29.11
C TYR A 97 -2.54 -53.44 -28.54
N VAL A 98 -1.56 -52.95 -29.29
CA VAL A 98 -0.16 -53.00 -28.90
C VAL A 98 0.39 -51.58 -28.93
N ALA A 99 1.14 -51.21 -27.89
CA ALA A 99 1.75 -49.89 -27.79
C ALA A 99 3.21 -49.98 -28.17
N LYS A 100 3.62 -49.18 -29.16
CA LYS A 100 4.98 -49.18 -29.64
C LYS A 100 5.56 -47.77 -29.61
N PRO A 101 6.87 -47.64 -29.41
CA PRO A 101 7.47 -46.31 -29.43
C PRO A 101 7.45 -45.70 -30.82
N LYS A 102 7.45 -44.37 -30.87
CA LYS A 102 7.56 -43.66 -32.14
C LYS A 102 9.00 -43.39 -32.54
N GLY A 103 9.92 -43.38 -31.58
CA GLY A 103 11.34 -43.22 -31.88
C GLY A 103 12.00 -42.07 -31.14
N VAL A 104 12.51 -41.10 -31.89
CA VAL A 104 13.21 -39.95 -31.34
C VAL A 104 12.30 -38.74 -31.41
N VAL A 105 12.12 -38.08 -30.26
CA VAL A 105 11.25 -36.92 -30.15
C VAL A 105 12.11 -35.67 -30.14
N ALA A 106 11.71 -34.67 -30.95
CA ALA A 106 12.33 -33.36 -30.95
C ALA A 106 11.34 -32.37 -30.35
N ALA A 107 11.74 -31.75 -29.24
CA ALA A 107 10.85 -30.85 -28.49
C ALA A 107 11.52 -29.49 -28.35
N THR A 108 10.92 -28.48 -28.98
CA THR A 108 11.36 -27.10 -28.81
C THR A 108 10.55 -26.47 -27.67
N THR A 109 11.24 -26.03 -26.62
CA THR A 109 10.54 -25.56 -25.44
C THR A 109 10.47 -24.04 -25.40
N PRO A 110 9.46 -23.47 -24.74
CA PRO A 110 9.29 -22.01 -24.77
C PRO A 110 10.04 -21.28 -23.67
N ILE A 111 9.93 -19.95 -23.67
CA ILE A 111 10.54 -19.13 -22.64
C ILE A 111 9.63 -18.97 -21.42
N THR A 112 8.33 -19.20 -21.57
CA THR A 112 7.39 -18.94 -20.49
C THR A 112 7.37 -20.07 -19.47
N ASN A 113 7.49 -21.31 -19.92
CA ASN A 113 7.54 -22.48 -19.03
C ASN A 113 8.79 -23.29 -19.34
N PRO A 114 9.97 -22.73 -19.06
CA PRO A 114 11.21 -23.39 -19.48
C PRO A 114 11.62 -24.59 -18.62
N VAL A 115 10.87 -24.89 -17.56
CA VAL A 115 11.21 -25.98 -16.65
C VAL A 115 10.19 -27.13 -16.78
N VAL A 116 8.90 -26.82 -16.66
CA VAL A 116 7.90 -27.87 -16.67
C VAL A 116 7.67 -28.43 -18.07
N THR A 117 7.97 -27.65 -19.12
CA THR A 117 7.78 -28.18 -20.47
C THR A 117 8.85 -29.21 -20.83
N PRO A 118 10.15 -28.99 -20.60
CA PRO A 118 11.10 -30.08 -20.83
C PRO A 118 10.84 -31.28 -19.95
N MET A 119 10.28 -31.10 -18.76
CA MET A 119 9.92 -32.22 -17.91
C MET A 119 8.73 -32.98 -18.47
N CYS A 120 7.66 -32.27 -18.80
CA CYS A 120 6.45 -32.91 -19.29
C CYS A 120 6.72 -33.72 -20.56
N ASN A 121 7.41 -33.12 -21.52
CA ASN A 121 7.69 -33.82 -22.78
C ASN A 121 8.58 -35.02 -22.56
N ALA A 122 9.57 -34.91 -21.67
CA ALA A 122 10.44 -36.04 -21.39
C ALA A 122 9.70 -37.15 -20.67
N MET A 123 8.81 -36.80 -19.73
CA MET A 123 8.03 -37.81 -19.05
C MET A 123 7.08 -38.53 -20.00
N ALA A 124 6.46 -37.77 -20.91
CA ALA A 124 5.54 -38.39 -21.86
C ALA A 124 6.27 -39.23 -22.90
N ALA A 125 7.49 -38.83 -23.28
CA ALA A 125 8.25 -39.59 -24.26
C ALA A 125 8.78 -40.89 -23.65
N ILE A 126 9.45 -40.79 -22.50
CA ILE A 126 10.01 -41.97 -21.86
C ILE A 126 8.90 -42.93 -21.42
N LYS A 127 7.72 -42.41 -21.10
CA LYS A 127 6.59 -43.27 -20.77
C LYS A 127 6.29 -44.26 -21.88
N GLY A 128 6.53 -43.89 -23.13
CA GLY A 128 6.30 -44.79 -24.25
C GLY A 128 7.59 -45.33 -24.86
N ARG A 129 8.64 -45.39 -24.05
CA ARG A 129 9.96 -45.89 -24.43
C ARG A 129 10.61 -45.07 -25.55
N ASN A 130 10.25 -43.80 -25.67
CA ASN A 130 10.87 -42.91 -26.63
C ASN A 130 11.99 -42.10 -25.98
N THR A 131 12.90 -41.61 -26.82
CA THR A 131 13.91 -40.66 -26.40
C THR A 131 13.57 -39.27 -26.93
N ILE A 132 14.14 -38.25 -26.29
CA ILE A 132 13.78 -36.87 -26.57
C ILE A 132 15.05 -36.04 -26.70
N ILE A 133 15.03 -35.10 -27.64
CA ILE A 133 16.09 -34.09 -27.79
C ILE A 133 15.43 -32.73 -27.63
N VAL A 134 15.87 -31.96 -26.64
CA VAL A 134 15.25 -30.69 -26.28
C VAL A 134 16.02 -29.56 -26.95
N ALA A 135 15.30 -28.65 -27.59
CA ALA A 135 15.86 -27.43 -28.14
C ALA A 135 15.22 -26.24 -27.44
N PRO A 136 15.87 -25.65 -26.44
CA PRO A 136 15.23 -24.63 -25.62
C PRO A 136 15.20 -23.28 -26.30
N HIS A 137 14.38 -22.39 -25.74
CA HIS A 137 14.34 -21.02 -26.22
C HIS A 137 15.65 -20.31 -25.84
N PRO A 138 16.18 -19.47 -26.73
CA PRO A 138 17.49 -18.84 -26.45
C PRO A 138 17.53 -18.07 -25.14
N LYS A 139 16.49 -17.31 -24.82
CA LYS A 139 16.47 -16.53 -23.59
C LYS A 139 16.18 -17.38 -22.35
N ALA A 140 16.07 -18.70 -22.50
CA ALA A 140 15.85 -19.58 -21.36
C ALA A 140 16.71 -20.84 -21.44
N LYS A 141 17.78 -20.82 -22.23
CA LYS A 141 18.56 -22.02 -22.47
C LYS A 141 19.31 -22.50 -21.23
N LYS A 142 19.62 -21.59 -20.30
CA LYS A 142 20.40 -21.99 -19.13
C LYS A 142 19.54 -22.78 -18.15
N VAL A 143 18.33 -22.29 -17.85
CA VAL A 143 17.48 -22.99 -16.89
C VAL A 143 16.88 -24.25 -17.51
N SER A 144 16.69 -24.25 -18.84
CA SER A 144 16.17 -25.44 -19.49
C SER A 144 17.22 -26.55 -19.55
N ALA A 145 18.48 -26.18 -19.75
CA ALA A 145 19.55 -27.17 -19.73
C ALA A 145 19.83 -27.65 -18.32
N HIS A 146 19.63 -26.79 -17.31
CA HIS A 146 19.81 -27.20 -15.93
C HIS A 146 18.75 -28.21 -15.50
N THR A 147 17.53 -28.08 -16.04
CA THR A 147 16.50 -29.07 -15.75
C THR A 147 16.85 -30.42 -16.36
N VAL A 148 17.35 -30.42 -17.60
CA VAL A 148 17.78 -31.65 -18.25
C VAL A 148 18.95 -32.26 -17.49
N GLU A 149 19.82 -31.42 -16.95
CA GLU A 149 20.97 -31.93 -16.19
C GLU A 149 20.52 -32.64 -14.92
N LEU A 150 19.61 -32.02 -14.17
CA LEU A 150 19.11 -32.65 -12.95
C LEU A 150 18.30 -33.91 -13.25
N MET A 151 17.59 -33.94 -14.38
CA MET A 151 16.85 -35.13 -14.75
C MET A 151 17.79 -36.27 -15.15
N ASN A 152 18.81 -35.96 -15.95
CA ASN A 152 19.77 -36.99 -16.35
C ASN A 152 20.59 -37.49 -15.17
N ALA A 153 20.78 -36.65 -14.15
CA ALA A 153 21.46 -37.11 -12.94
C ALA A 153 20.65 -38.20 -12.23
N GLU A 154 19.33 -38.05 -12.18
CA GLU A 154 18.50 -39.06 -11.54
C GLU A 154 18.39 -40.31 -12.39
N LEU A 155 18.35 -40.15 -13.72
CA LEU A 155 18.34 -41.32 -14.60
C LEU A 155 19.63 -42.11 -14.48
N LYS A 156 20.76 -41.41 -14.32
CA LYS A 156 22.03 -42.12 -14.16
C LYS A 156 22.08 -42.88 -12.85
N LYS A 157 21.51 -42.32 -11.78
CA LYS A 157 21.44 -43.02 -10.51
C LYS A 157 20.65 -44.32 -10.64
N LEU A 158 19.66 -44.36 -11.51
CA LEU A 158 18.84 -45.54 -11.72
C LEU A 158 19.36 -46.44 -12.83
N GLY A 159 20.57 -46.19 -13.33
CA GLY A 159 21.14 -47.03 -14.36
C GLY A 159 20.44 -46.97 -15.69
N ALA A 160 19.71 -45.88 -15.97
CA ALA A 160 19.02 -45.73 -17.24
C ALA A 160 20.04 -45.61 -18.37
N PRO A 161 19.64 -45.95 -19.60
CA PRO A 161 20.56 -45.77 -20.74
C PRO A 161 20.90 -44.31 -20.93
N GLU A 162 22.16 -44.04 -21.23
CA GLU A 162 22.61 -42.68 -21.42
C GLU A 162 21.99 -42.08 -22.68
N ASN A 163 21.76 -40.76 -22.64
CA ASN A 163 21.31 -39.97 -23.78
C ASN A 163 19.86 -40.24 -24.18
N ILE A 164 19.03 -40.74 -23.28
CA ILE A 164 17.61 -40.80 -23.57
C ILE A 164 16.97 -39.43 -23.47
N ILE A 165 17.64 -38.48 -22.81
CA ILE A 165 17.25 -37.07 -22.81
C ILE A 165 18.48 -36.27 -23.21
N GLN A 166 18.36 -35.50 -24.29
CA GLN A 166 19.46 -34.65 -24.76
C GLN A 166 18.97 -33.22 -24.87
N ILE A 167 19.93 -32.30 -24.99
CA ILE A 167 19.65 -30.87 -25.04
C ILE A 167 20.47 -30.25 -26.15
N VAL A 168 19.86 -29.33 -26.90
CA VAL A 168 20.56 -28.58 -27.93
C VAL A 168 20.78 -27.16 -27.43
N GLU A 169 21.90 -26.94 -26.73
CA GLU A 169 22.16 -25.63 -26.12
C GLU A 169 22.52 -24.61 -27.20
N ALA A 170 21.69 -23.56 -27.30
CA ALA A 170 21.87 -22.46 -28.24
C ALA A 170 22.02 -22.96 -29.67
N PRO A 171 20.94 -23.43 -30.31
CA PRO A 171 21.03 -23.79 -31.72
C PRO A 171 20.56 -22.66 -32.63
N SER A 172 21.13 -22.63 -33.83
CA SER A 172 20.68 -21.68 -34.83
C SER A 172 19.32 -22.12 -35.39
N ARG A 173 18.67 -21.22 -36.14
CA ARG A 173 17.41 -21.57 -36.77
C ARG A 173 17.58 -22.73 -37.73
N GLU A 174 18.73 -22.84 -38.39
CA GLU A 174 19.00 -23.98 -39.25
C GLU A 174 19.24 -25.25 -38.45
N ALA A 175 19.76 -25.13 -37.23
CA ALA A 175 20.01 -26.31 -36.40
C ALA A 175 18.70 -26.89 -35.89
N ALA A 176 17.80 -26.04 -35.40
CA ALA A 176 16.49 -26.52 -34.98
C ALA A 176 15.69 -27.07 -36.16
N LYS A 177 15.85 -26.44 -37.33
CA LYS A 177 15.23 -26.99 -38.54
C LYS A 177 15.84 -28.34 -38.90
N GLU A 178 17.15 -28.49 -38.71
CA GLU A 178 17.79 -29.78 -38.95
C GLU A 178 17.33 -30.83 -37.95
N LEU A 179 17.06 -30.43 -36.71
CA LEU A 179 16.65 -31.38 -35.69
C LEU A 179 15.23 -31.89 -35.96
N MET A 180 14.30 -30.98 -36.24
CA MET A 180 12.92 -31.38 -36.47
C MET A 180 12.79 -32.27 -37.70
N GLU A 181 13.54 -31.96 -38.76
CA GLU A 181 13.49 -32.76 -39.98
C GLU A 181 14.12 -34.13 -39.79
N SER A 182 14.96 -34.31 -38.77
CA SER A 182 15.65 -35.56 -38.56
C SER A 182 14.97 -36.46 -37.53
N ALA A 183 14.12 -35.92 -36.68
CA ALA A 183 13.47 -36.72 -35.64
C ALA A 183 12.23 -37.41 -36.20
N ASP A 184 11.79 -38.43 -35.47
CA ASP A 184 10.63 -39.21 -35.90
C ASP A 184 9.32 -38.51 -35.59
N VAL A 185 9.29 -37.66 -34.57
CA VAL A 185 8.10 -36.89 -34.22
C VAL A 185 8.56 -35.59 -33.59
N VAL A 186 7.74 -34.55 -33.75
CA VAL A 186 8.11 -33.18 -33.35
C VAL A 186 7.10 -32.67 -32.35
N ILE A 187 7.58 -31.94 -31.34
CA ILE A 187 6.74 -31.19 -30.41
C ILE A 187 7.25 -29.75 -30.40
N ALA A 188 6.37 -28.82 -30.73
CA ALA A 188 6.72 -27.40 -30.81
C ALA A 188 5.81 -26.62 -29.87
N THR A 189 6.34 -26.29 -28.69
CA THR A 189 5.63 -25.46 -27.70
C THR A 189 6.28 -24.08 -27.71
N GLY A 190 5.60 -23.12 -28.34
CA GLY A 190 6.16 -21.78 -28.43
C GLY A 190 5.36 -20.92 -29.39
N GLY A 191 6.05 -19.92 -29.96
CA GLY A 191 5.39 -18.99 -30.84
C GLY A 191 4.96 -19.63 -32.15
N ALA A 192 4.07 -18.93 -32.86
CA ALA A 192 3.52 -19.44 -34.11
C ALA A 192 4.60 -19.64 -35.18
N GLY A 193 5.73 -18.95 -35.06
CA GLY A 193 6.81 -19.18 -36.00
C GLY A 193 7.48 -20.53 -35.80
N ARG A 194 7.66 -20.94 -34.54
CA ARG A 194 8.24 -22.24 -34.27
C ARG A 194 7.26 -23.37 -34.56
N VAL A 195 5.96 -23.13 -34.35
CA VAL A 195 4.96 -24.16 -34.62
C VAL A 195 4.84 -24.41 -36.12
N LYS A 196 4.78 -23.33 -36.90
CA LYS A 196 4.69 -23.47 -38.36
C LYS A 196 5.90 -24.18 -38.93
N ALA A 197 7.07 -24.01 -38.30
CA ALA A 197 8.25 -24.74 -38.74
C ALA A 197 8.12 -26.23 -38.48
N ALA A 198 7.42 -26.61 -37.40
CA ALA A 198 7.26 -28.03 -37.09
C ALA A 198 6.42 -28.73 -38.13
N TYR A 199 5.27 -28.14 -38.49
CA TYR A 199 4.39 -28.72 -39.50
C TYR A 199 4.90 -28.51 -40.92
N SER A 200 6.07 -27.91 -41.09
CA SER A 200 6.70 -27.76 -42.40
C SER A 200 7.95 -28.62 -42.54
N SER A 201 8.18 -29.55 -41.61
CA SER A 201 9.41 -30.33 -41.56
C SER A 201 9.30 -31.68 -42.25
N GLY A 202 8.17 -31.98 -42.89
CA GLY A 202 7.99 -33.29 -43.48
C GLY A 202 7.83 -34.41 -42.49
N ARG A 203 7.59 -34.10 -41.22
CA ARG A 203 7.43 -35.07 -40.15
C ARG A 203 6.12 -34.81 -39.42
N PRO A 204 5.52 -35.84 -38.83
CA PRO A 204 4.33 -35.62 -38.00
C PRO A 204 4.69 -34.80 -36.78
N ALA A 205 3.89 -33.76 -36.51
CA ALA A 205 4.22 -32.79 -35.48
C ALA A 205 3.02 -32.55 -34.57
N TYR A 206 3.32 -32.17 -33.33
CA TYR A 206 2.33 -31.73 -32.36
C TYR A 206 2.71 -30.32 -31.93
N GLY A 207 1.81 -29.36 -32.16
CA GLY A 207 2.07 -27.97 -31.88
C GLY A 207 1.06 -27.37 -30.92
N VAL A 208 1.26 -26.08 -30.64
CA VAL A 208 0.34 -25.30 -29.84
C VAL A 208 -0.16 -24.14 -30.69
N GLY A 209 -0.80 -23.17 -30.05
CA GLY A 209 -1.26 -21.99 -30.74
C GLY A 209 -1.31 -20.80 -29.80
N PRO A 210 -1.37 -19.59 -30.37
CA PRO A 210 -1.53 -18.40 -29.53
C PRO A 210 -2.85 -18.46 -28.79
N GLY A 211 -2.79 -18.20 -27.49
CA GLY A 211 -3.99 -18.20 -26.69
C GLY A 211 -4.72 -16.87 -26.73
N ASN A 212 -5.96 -16.83 -26.22
CA ASN A 212 -6.76 -15.56 -26.06
C ASN A 212 -8.03 -15.93 -25.30
N SER A 213 -7.90 -16.52 -24.11
CA SER A 213 -9.03 -17.04 -23.35
C SER A 213 -10.08 -15.97 -23.07
N GLN A 214 -11.23 -16.11 -23.72
CA GLN A 214 -12.37 -15.24 -23.44
C GLN A 214 -13.16 -15.81 -22.28
N VAL A 215 -13.66 -14.92 -21.42
CA VAL A 215 -14.37 -15.32 -20.21
C VAL A 215 -15.74 -14.69 -20.21
N ILE A 216 -16.78 -15.52 -20.18
CA ILE A 216 -18.17 -15.08 -20.10
C ILE A 216 -18.63 -15.24 -18.66
N VAL A 217 -19.17 -14.16 -18.10
CA VAL A 217 -19.83 -14.19 -16.79
C VAL A 217 -21.33 -14.08 -17.04
N ASP A 218 -22.07 -15.10 -16.63
CA ASP A 218 -23.49 -15.15 -16.91
C ASP A 218 -24.29 -14.37 -15.88
N LYS A 219 -25.49 -13.96 -16.28
CA LYS A 219 -26.37 -13.20 -15.38
C LYS A 219 -26.78 -14.06 -14.20
N GLY A 220 -26.62 -13.53 -12.99
CA GLY A 220 -27.06 -14.19 -11.79
C GLY A 220 -26.00 -15.01 -11.08
N TYR A 221 -24.87 -15.28 -11.71
CA TYR A 221 -23.81 -16.05 -11.08
C TYR A 221 -23.19 -15.25 -9.93
N ASP A 222 -22.46 -15.96 -9.07
CA ASP A 222 -21.72 -15.32 -7.98
C ASP A 222 -20.61 -14.47 -8.59
N TYR A 223 -20.87 -13.16 -8.67
CA TYR A 223 -19.89 -12.25 -9.27
C TYR A 223 -18.62 -12.15 -8.43
N ASN A 224 -18.72 -12.34 -7.12
CA ASN A 224 -17.52 -12.33 -6.28
C ASN A 224 -16.66 -13.53 -6.55
N LYS A 225 -17.27 -14.70 -6.75
CA LYS A 225 -16.50 -15.90 -7.05
C LYS A 225 -15.89 -15.83 -8.44
N ALA A 226 -16.66 -15.38 -9.44
CA ALA A 226 -16.13 -15.23 -10.78
C ALA A 226 -14.96 -14.25 -10.81
N ALA A 227 -15.08 -13.14 -10.09
CA ALA A 227 -14.00 -12.15 -10.06
C ALA A 227 -12.73 -12.75 -9.48
N GLN A 228 -12.86 -13.52 -8.39
CA GLN A 228 -11.68 -14.11 -7.76
C GLN A 228 -11.00 -15.11 -8.69
N ASP A 229 -11.78 -15.96 -9.37
CA ASP A 229 -11.20 -16.95 -10.25
C ASP A 229 -10.52 -16.29 -11.45
N ILE A 230 -11.13 -15.26 -12.01
CA ILE A 230 -10.57 -14.61 -13.20
C ILE A 230 -9.29 -13.86 -12.84
N ILE A 231 -9.30 -13.15 -11.70
CA ILE A 231 -8.09 -12.43 -11.28
C ILE A 231 -6.97 -13.39 -10.98
N THR A 232 -7.28 -14.54 -10.39
CA THR A 232 -6.25 -15.52 -10.05
C THR A 232 -5.56 -16.05 -11.30
N GLY A 233 -6.32 -16.30 -12.37
CA GLY A 233 -5.73 -16.82 -13.59
C GLY A 233 -5.05 -15.77 -14.43
N ARG A 234 -5.51 -14.52 -14.36
CA ARG A 234 -4.90 -13.46 -15.15
C ARG A 234 -3.52 -13.09 -14.62
N LYS A 235 -3.39 -12.92 -13.31
CA LYS A 235 -2.13 -12.51 -12.71
C LYS A 235 -1.16 -13.67 -12.52
N TYR A 236 -1.56 -14.89 -12.86
CA TYR A 236 -0.72 -16.06 -12.66
C TYR A 236 0.55 -15.94 -13.52
N ASP A 237 1.70 -15.97 -12.85
CA ASP A 237 3.01 -15.84 -13.50
C ASP A 237 3.11 -14.55 -14.31
N ASN A 238 2.48 -13.48 -13.81
CA ASN A 238 2.40 -12.19 -14.50
C ASN A 238 1.76 -12.32 -15.88
N GLY A 239 0.89 -13.33 -16.06
CA GLY A 239 0.06 -13.40 -17.23
C GLY A 239 0.70 -13.95 -18.49
N ILE A 240 1.68 -14.84 -18.37
CA ILE A 240 2.33 -15.43 -19.54
C ILE A 240 1.77 -16.79 -19.89
N ILE A 241 0.86 -17.33 -19.08
CA ILE A 241 0.25 -18.63 -19.35
C ILE A 241 -0.67 -18.52 -20.56
N CYS A 242 -0.54 -19.46 -21.49
CA CYS A 242 -1.26 -19.43 -22.74
C CYS A 242 -2.78 -19.51 -22.56
N SER A 243 -3.23 -20.20 -21.51
CA SER A 243 -4.65 -20.39 -21.28
C SER A 243 -5.22 -19.34 -20.33
N SER A 244 -4.38 -18.39 -19.92
CA SER A 244 -4.79 -17.38 -18.96
C SER A 244 -5.90 -16.50 -19.51
N GLU A 245 -6.76 -16.03 -18.61
CA GLU A 245 -7.90 -15.20 -19.00
C GLU A 245 -7.44 -13.91 -19.67
N GLN A 246 -8.16 -13.45 -20.68
CA GLN A 246 -7.78 -12.23 -21.46
C GLN A 246 -8.90 -11.19 -21.45
N SER A 247 -10.15 -11.61 -21.20
CA SER A 247 -11.24 -10.64 -21.23
C SER A 247 -12.25 -11.00 -20.15
N VAL A 248 -13.14 -10.06 -19.88
CA VAL A 248 -14.27 -10.26 -18.97
C VAL A 248 -15.51 -9.79 -19.72
N ILE A 249 -16.28 -10.74 -20.26
CA ILE A 249 -17.50 -10.42 -20.99
C ILE A 249 -18.64 -10.49 -19.99
N ALA A 250 -19.10 -9.33 -19.52
CA ALA A 250 -20.05 -9.21 -18.44
C ALA A 250 -21.39 -8.68 -18.94
N PRO A 251 -22.50 -9.05 -18.30
CA PRO A 251 -23.81 -8.56 -18.73
C PRO A 251 -23.99 -7.10 -18.36
N ALA A 252 -24.50 -6.31 -19.32
CA ALA A 252 -24.68 -4.89 -19.09
C ALA A 252 -25.68 -4.59 -17.98
N GLU A 253 -26.57 -5.55 -17.67
CA GLU A 253 -27.50 -5.36 -16.56
C GLU A 253 -26.74 -5.23 -15.23
N ASP A 254 -25.82 -6.15 -14.98
CA ASP A 254 -25.03 -6.16 -13.75
C ASP A 254 -23.58 -5.76 -13.98
N TYR A 255 -23.33 -4.91 -14.98
CA TYR A 255 -21.97 -4.54 -15.31
C TYR A 255 -21.28 -3.85 -14.14
N ASP A 256 -21.97 -2.91 -13.49
CA ASP A 256 -21.39 -2.24 -12.34
C ASP A 256 -21.18 -3.20 -11.17
N LYS A 257 -22.00 -4.24 -11.08
CA LYS A 257 -21.81 -5.24 -10.02
C LYS A 257 -20.60 -6.12 -10.31
N VAL A 258 -20.39 -6.48 -11.58
CA VAL A 258 -19.25 -7.33 -11.93
C VAL A 258 -17.95 -6.57 -11.75
N ILE A 259 -17.91 -5.30 -12.17
CA ILE A 259 -16.71 -4.50 -12.04
C ILE A 259 -16.38 -4.24 -10.57
N ALA A 260 -17.41 -3.91 -9.77
CA ALA A 260 -17.19 -3.70 -8.35
C ALA A 260 -16.68 -4.97 -7.68
N ALA A 261 -17.12 -6.14 -8.15
CA ALA A 261 -16.60 -7.39 -7.61
C ALA A 261 -15.13 -7.58 -7.97
N PHE A 262 -14.71 -7.13 -9.16
CA PHE A 262 -13.30 -7.16 -9.51
C PHE A 262 -12.50 -6.17 -8.67
N VAL A 263 -13.03 -4.95 -8.50
CA VAL A 263 -12.34 -3.95 -7.70
C VAL A 263 -12.24 -4.39 -6.25
N GLU A 264 -13.28 -5.06 -5.75
CA GLU A 264 -13.25 -5.57 -4.37
C GLU A 264 -12.15 -6.60 -4.17
N ASN A 265 -11.76 -7.30 -5.23
CA ASN A 265 -10.78 -8.38 -5.14
C ASN A 265 -9.44 -8.00 -5.73
N GLY A 266 -9.11 -6.72 -5.74
CA GLY A 266 -7.78 -6.26 -6.09
C GLY A 266 -7.54 -5.89 -7.54
N ALA A 267 -8.56 -5.45 -8.27
CA ALA A 267 -8.40 -5.01 -9.64
C ALA A 267 -8.53 -3.50 -9.74
N PHE A 268 -7.79 -2.92 -10.67
CA PHE A 268 -7.86 -1.48 -10.96
C PHE A 268 -8.61 -1.31 -12.28
N TYR A 269 -9.84 -0.79 -12.20
CA TYR A 269 -10.68 -0.64 -13.37
C TYR A 269 -10.50 0.75 -13.97
N VAL A 270 -10.36 0.80 -15.28
CA VAL A 270 -10.15 2.05 -16.02
C VAL A 270 -11.29 2.18 -17.03
N GLU A 271 -12.03 3.28 -16.94
CA GLU A 271 -13.11 3.59 -17.86
C GLU A 271 -12.80 4.73 -18.81
N ASP A 272 -11.97 5.68 -18.38
CA ASP A 272 -11.68 6.87 -19.18
C ASP A 272 -11.00 6.50 -20.49
N GLU A 273 -11.44 7.13 -21.57
CA GLU A 273 -10.90 6.83 -22.90
C GLU A 273 -9.42 7.20 -22.99
N GLU A 274 -9.07 8.41 -22.57
CA GLU A 274 -7.67 8.85 -22.66
C GLU A 274 -6.76 8.02 -21.77
N THR A 275 -7.26 7.59 -20.61
CA THR A 275 -6.44 6.80 -19.71
C THR A 275 -6.26 5.39 -20.23
N VAL A 276 -7.29 4.82 -20.85
CA VAL A 276 -7.16 3.51 -21.46
C VAL A 276 -6.15 3.55 -22.60
N GLU A 277 -6.17 4.63 -23.39
CA GLU A 277 -5.23 4.77 -24.49
C GLU A 277 -3.78 4.84 -23.99
N LYS A 278 -3.57 5.41 -22.81
CA LYS A 278 -2.23 5.39 -22.22
C LYS A 278 -1.75 3.96 -21.99
N PHE A 279 -2.67 3.05 -21.67
CA PHE A 279 -2.30 1.64 -21.55
C PHE A 279 -2.22 0.98 -22.92
N ARG A 280 -3.15 1.30 -23.82
CA ARG A 280 -3.18 0.65 -25.12
C ARG A 280 -1.94 0.98 -25.93
N SER A 281 -1.54 2.25 -25.96
CA SER A 281 -0.34 2.65 -26.67
C SER A 281 0.93 2.12 -26.03
N THR A 282 0.85 1.63 -24.79
CA THR A 282 1.98 1.00 -24.12
C THR A 282 2.00 -0.51 -24.34
N LEU A 283 0.83 -1.16 -24.29
CA LEU A 283 0.79 -2.61 -24.42
C LEU A 283 1.04 -3.05 -25.85
N PHE A 284 0.57 -2.28 -26.83
CA PHE A 284 0.66 -2.67 -28.23
C PHE A 284 1.39 -1.60 -29.02
N LYS A 285 2.28 -2.05 -29.91
CA LYS A 285 3.01 -1.19 -30.83
C LYS A 285 2.72 -1.67 -32.25
N ASP A 286 1.91 -0.90 -32.98
CA ASP A 286 1.50 -1.26 -34.34
C ASP A 286 0.80 -2.61 -34.36
N GLY A 287 -0.13 -2.79 -33.41
CA GLY A 287 -0.89 -4.02 -33.31
C GLY A 287 -0.15 -5.20 -32.72
N LYS A 288 1.14 -5.05 -32.43
CA LYS A 288 1.95 -6.13 -31.86
C LYS A 288 2.21 -5.86 -30.39
N ILE A 289 2.24 -6.92 -29.60
CA ILE A 289 2.45 -6.77 -28.16
C ILE A 289 3.84 -6.23 -27.90
N ASN A 290 3.94 -5.31 -26.93
CA ASN A 290 5.22 -4.73 -26.55
C ASN A 290 5.99 -5.75 -25.71
N SER A 291 7.17 -6.15 -26.20
CA SER A 291 7.94 -7.19 -25.52
C SER A 291 8.53 -6.72 -24.20
N LYS A 292 8.56 -5.40 -23.95
CA LYS A 292 9.12 -4.89 -22.71
C LYS A 292 8.19 -5.05 -21.52
N ILE A 293 6.91 -5.38 -21.74
CA ILE A 293 5.95 -5.54 -20.66
C ILE A 293 5.42 -6.96 -20.56
N ILE A 294 6.02 -7.90 -21.30
CA ILE A 294 5.57 -9.30 -21.26
C ILE A 294 6.06 -9.94 -19.98
N GLY A 295 5.12 -10.47 -19.19
CA GLY A 295 5.48 -11.10 -17.94
C GLY A 295 5.93 -10.16 -16.86
N LYS A 296 5.58 -8.88 -16.96
CA LYS A 296 5.97 -7.88 -15.98
C LYS A 296 4.84 -7.58 -15.01
N SER A 297 5.19 -6.95 -13.90
CA SER A 297 4.23 -6.67 -12.85
C SER A 297 3.28 -5.55 -13.26
N VAL A 298 2.27 -5.33 -12.41
CA VAL A 298 1.30 -4.27 -12.67
C VAL A 298 1.95 -2.91 -12.56
N GLN A 299 2.81 -2.71 -11.56
CA GLN A 299 3.43 -1.40 -11.37
C GLN A 299 4.41 -1.08 -12.48
N ILE A 300 5.06 -2.08 -13.07
CA ILE A 300 5.93 -1.84 -14.21
C ILE A 300 5.12 -1.30 -15.39
N ILE A 301 3.99 -1.94 -15.68
CA ILE A 301 3.13 -1.47 -16.77
C ILE A 301 2.54 -0.11 -16.44
N ALA A 302 2.19 0.11 -15.18
CA ALA A 302 1.58 1.39 -14.79
C ALA A 302 2.59 2.53 -14.91
N ASP A 303 3.86 2.27 -14.58
CA ASP A 303 4.86 3.32 -14.67
C ASP A 303 5.16 3.68 -16.12
N LEU A 304 5.26 2.67 -16.99
CA LEU A 304 5.52 2.93 -18.40
C LEU A 304 4.34 3.63 -19.08
N ALA A 305 3.13 3.39 -18.59
CA ALA A 305 1.96 4.06 -19.14
C ALA A 305 1.77 5.47 -18.57
N GLY A 306 2.42 5.77 -17.45
CA GLY A 306 2.25 7.08 -16.83
C GLY A 306 0.93 7.25 -16.10
N VAL A 307 0.35 6.16 -15.61
CA VAL A 307 -0.93 6.16 -14.92
C VAL A 307 -0.72 5.68 -13.50
N LYS A 308 -1.27 6.42 -12.53
CA LYS A 308 -1.15 6.05 -11.13
C LYS A 308 -2.07 4.88 -10.83
N VAL A 309 -1.49 3.76 -10.40
CA VAL A 309 -2.23 2.56 -10.03
C VAL A 309 -1.91 2.27 -8.57
N PRO A 310 -2.92 2.10 -7.71
CA PRO A 310 -2.64 1.92 -6.28
C PRO A 310 -1.83 0.64 -6.01
N GLU A 311 -1.07 0.68 -4.93
CA GLU A 311 -0.29 -0.48 -4.53
C GLU A 311 -1.22 -1.62 -4.11
N GLY A 312 -0.74 -2.84 -4.29
CA GLY A 312 -1.54 -4.01 -4.01
C GLY A 312 -2.48 -4.42 -5.13
N THR A 313 -2.51 -3.69 -6.24
CA THR A 313 -3.36 -4.05 -7.35
C THR A 313 -2.88 -5.34 -8.00
N LYS A 314 -3.81 -6.25 -8.26
CA LYS A 314 -3.47 -7.54 -8.83
C LYS A 314 -3.51 -7.53 -10.36
N VAL A 315 -4.57 -6.98 -10.95
CA VAL A 315 -4.74 -6.93 -12.40
C VAL A 315 -5.28 -5.57 -12.79
N ILE A 316 -5.18 -5.27 -14.09
CA ILE A 316 -5.71 -4.04 -14.67
C ILE A 316 -6.85 -4.41 -15.60
N VAL A 317 -8.02 -3.84 -15.36
CA VAL A 317 -9.20 -4.05 -16.21
C VAL A 317 -9.41 -2.79 -17.01
N LEU A 318 -9.43 -2.93 -18.34
CA LEU A 318 -9.56 -1.80 -19.25
C LEU A 318 -10.87 -1.93 -20.03
N LYS A 319 -11.65 -0.86 -20.04
CA LYS A 319 -12.87 -0.83 -20.85
C LYS A 319 -12.50 -0.78 -22.33
N GLY A 320 -12.95 -1.76 -23.10
CA GLY A 320 -12.64 -1.83 -24.50
C GLY A 320 -13.61 -1.03 -25.37
N LYS A 321 -13.11 -0.55 -26.50
CA LYS A 321 -13.93 0.22 -27.42
C LYS A 321 -14.93 -0.65 -28.18
N GLY A 322 -14.74 -1.97 -28.17
CA GLY A 322 -15.64 -2.86 -28.88
C GLY A 322 -15.03 -4.23 -29.00
N ALA A 323 -15.83 -5.14 -29.52
CA ALA A 323 -15.41 -6.52 -29.70
C ALA A 323 -14.60 -6.68 -30.99
N GLY A 324 -13.82 -7.75 -31.05
CA GLY A 324 -13.08 -8.05 -32.25
C GLY A 324 -12.01 -7.01 -32.53
N GLU A 325 -11.88 -6.66 -33.81
CA GLU A 325 -10.86 -5.72 -34.25
C GLU A 325 -11.20 -4.27 -33.97
N LYS A 326 -12.28 -4.00 -33.24
CA LYS A 326 -12.58 -2.64 -32.80
C LYS A 326 -11.59 -2.14 -31.74
N ASP A 327 -10.77 -3.03 -31.19
CA ASP A 327 -9.81 -2.64 -30.16
C ASP A 327 -8.68 -3.66 -30.16
N VAL A 328 -7.44 -3.17 -30.26
CA VAL A 328 -6.29 -4.06 -30.22
C VAL A 328 -6.14 -4.71 -28.85
N LEU A 329 -6.81 -4.17 -27.83
CA LEU A 329 -6.78 -4.78 -26.50
C LEU A 329 -7.49 -6.13 -26.47
N CYS A 330 -8.30 -6.45 -27.47
CA CYS A 330 -8.96 -7.74 -27.54
C CYS A 330 -8.04 -8.85 -28.03
N LYS A 331 -6.78 -8.53 -28.34
CA LYS A 331 -5.80 -9.54 -28.70
C LYS A 331 -5.22 -10.17 -27.44
N GLU A 332 -4.32 -11.13 -27.63
CA GLU A 332 -3.68 -11.78 -26.49
C GLU A 332 -2.76 -10.81 -25.77
N LYS A 333 -2.96 -10.66 -24.46
CA LYS A 333 -2.17 -9.76 -23.62
C LYS A 333 -1.39 -10.63 -22.64
N MET A 334 -0.10 -10.81 -22.92
CA MET A 334 0.77 -11.62 -22.07
C MET A 334 1.27 -10.79 -20.88
N CYS A 335 0.32 -10.31 -20.09
CA CYS A 335 0.58 -9.46 -18.94
C CYS A 335 -0.72 -9.31 -18.15
N PRO A 336 -0.64 -9.02 -16.84
CA PRO A 336 -1.86 -8.98 -16.02
C PRO A 336 -2.80 -7.84 -16.37
N VAL A 337 -3.36 -7.87 -17.58
CA VAL A 337 -4.30 -6.85 -18.05
C VAL A 337 -5.49 -7.55 -18.69
N LEU A 338 -6.69 -7.14 -18.30
CA LEU A 338 -7.93 -7.66 -18.86
C LEU A 338 -8.66 -6.55 -19.59
N VAL A 339 -9.32 -6.92 -20.70
CA VAL A 339 -10.21 -6.00 -21.40
C VAL A 339 -11.64 -6.33 -21.02
N ALA A 340 -12.43 -5.31 -20.76
CA ALA A 340 -13.80 -5.46 -20.28
C ALA A 340 -14.77 -5.11 -21.40
N LEU A 341 -15.68 -6.05 -21.69
CA LEU A 341 -16.68 -5.88 -22.73
C LEU A 341 -18.04 -6.23 -22.17
N LYS A 342 -19.03 -5.36 -22.40
CA LYS A 342 -20.39 -5.62 -21.96
C LYS A 342 -21.19 -6.25 -23.09
N TYR A 343 -22.10 -7.16 -22.72
CA TYR A 343 -22.96 -7.81 -23.68
C TYR A 343 -24.40 -7.63 -23.28
N ASP A 344 -25.29 -7.78 -24.27
CA ASP A 344 -26.72 -7.64 -24.02
C ASP A 344 -27.33 -8.93 -23.48
N THR A 345 -27.24 -10.01 -24.25
CA THR A 345 -27.76 -11.30 -23.83
C THR A 345 -26.75 -12.38 -24.25
N PHE A 346 -27.07 -13.63 -23.90
CA PHE A 346 -26.05 -14.67 -23.90
C PHE A 346 -25.55 -15.02 -25.30
N GLU A 347 -26.45 -15.12 -26.27
CA GLU A 347 -26.02 -15.43 -27.64
C GLU A 347 -25.06 -14.38 -28.16
N GLU A 348 -25.29 -13.11 -27.82
CA GLU A 348 -24.36 -12.06 -28.20
C GLU A 348 -23.05 -12.17 -27.43
N ALA A 349 -23.10 -12.60 -26.17
CA ALA A 349 -21.88 -12.84 -25.41
C ALA A 349 -21.03 -13.91 -26.09
N VAL A 350 -21.67 -14.94 -26.62
CA VAL A 350 -20.94 -15.95 -27.40
C VAL A 350 -20.40 -15.33 -28.69
N GLU A 351 -21.16 -14.40 -29.28
CA GLU A 351 -20.70 -13.74 -30.50
C GLU A 351 -19.52 -12.82 -30.21
N ILE A 352 -19.53 -12.14 -29.06
CA ILE A 352 -18.43 -11.26 -28.72
C ILE A 352 -17.14 -12.04 -28.53
N ALA A 353 -17.22 -13.17 -27.82
CA ALA A 353 -16.05 -14.05 -27.71
C ALA A 353 -15.67 -14.64 -29.05
N MET A 354 -16.65 -14.91 -29.91
CA MET A 354 -16.37 -15.46 -31.23
C MET A 354 -15.51 -14.51 -32.06
N ALA A 355 -15.82 -13.21 -32.00
CA ALA A 355 -15.07 -12.23 -32.79
C ALA A 355 -13.64 -12.08 -32.28
N ASN A 356 -13.42 -12.23 -30.97
CA ASN A 356 -12.07 -12.12 -30.45
C ASN A 356 -11.23 -13.34 -30.84
N TYR A 357 -11.85 -14.52 -30.92
CA TYR A 357 -11.11 -15.69 -31.39
C TYR A 357 -10.78 -15.60 -32.87
N MET A 358 -11.66 -14.98 -33.66
CA MET A 358 -11.32 -14.70 -35.05
C MET A 358 -10.19 -13.68 -35.15
N TYR A 359 -10.10 -12.77 -34.17
CA TYR A 359 -8.99 -11.82 -34.14
C TYR A 359 -7.69 -12.51 -33.78
N GLU A 360 -7.70 -13.31 -32.71
CA GLU A 360 -6.52 -14.05 -32.28
C GLU A 360 -6.95 -15.11 -31.27
N GLY A 361 -6.30 -16.27 -31.32
CA GLY A 361 -6.47 -17.29 -30.30
C GLY A 361 -7.50 -18.36 -30.58
N ALA A 362 -7.95 -18.50 -31.82
CA ALA A 362 -8.98 -19.50 -32.12
C ALA A 362 -8.44 -20.91 -31.90
N GLY A 363 -9.21 -21.74 -31.21
CA GLY A 363 -8.87 -23.12 -31.00
C GLY A 363 -8.27 -23.45 -29.64
N HIS A 364 -8.07 -22.45 -28.78
CA HIS A 364 -7.39 -22.70 -27.51
C HIS A 364 -8.38 -22.92 -26.38
N THR A 365 -8.52 -21.94 -25.50
CA THR A 365 -9.27 -22.11 -24.26
C THR A 365 -10.26 -20.97 -24.08
N ALA A 366 -11.40 -21.30 -23.45
CA ALA A 366 -12.36 -20.31 -23.01
C ALA A 366 -12.74 -20.59 -21.56
N GLY A 367 -13.25 -19.57 -20.90
CA GLY A 367 -13.73 -19.71 -19.54
C GLY A 367 -15.14 -19.18 -19.41
N ILE A 368 -15.91 -19.85 -18.55
CA ILE A 368 -17.29 -19.45 -18.30
C ILE A 368 -17.58 -19.63 -16.83
N HIS A 369 -18.40 -18.73 -16.28
CA HIS A 369 -18.82 -18.77 -14.88
C HIS A 369 -20.33 -18.65 -14.87
N SER A 370 -21.01 -19.78 -14.69
CA SER A 370 -22.46 -19.82 -14.82
C SER A 370 -23.00 -21.03 -14.06
N ASP A 371 -24.24 -20.88 -13.56
CA ASP A 371 -25.00 -21.98 -13.01
C ASP A 371 -26.02 -22.53 -14.00
N ASN A 372 -26.09 -21.94 -15.20
CA ASN A 372 -27.04 -22.36 -16.23
C ASN A 372 -26.30 -23.31 -17.17
N ASP A 373 -26.56 -24.61 -17.03
CA ASP A 373 -25.88 -25.60 -17.85
C ASP A 373 -26.34 -25.57 -19.30
N GLU A 374 -27.56 -25.09 -19.57
CA GLU A 374 -27.98 -24.90 -20.95
C GLU A 374 -27.14 -23.82 -21.63
N ASN A 375 -26.72 -22.80 -20.88
CA ASN A 375 -25.86 -21.77 -21.43
C ASN A 375 -24.43 -22.28 -21.58
N ILE A 376 -23.95 -23.06 -20.62
CA ILE A 376 -22.60 -23.61 -20.69
C ILE A 376 -22.45 -24.51 -21.90
N ARG A 377 -23.46 -25.36 -22.15
CA ARG A 377 -23.38 -26.27 -23.29
C ARG A 377 -23.54 -25.54 -24.61
N TYR A 378 -24.34 -24.46 -24.65
CA TYR A 378 -24.45 -23.68 -25.87
C TYR A 378 -23.13 -22.97 -26.19
N ALA A 379 -22.43 -22.47 -25.16
CA ALA A 379 -21.15 -21.85 -25.38
C ALA A 379 -20.11 -22.86 -25.85
N GLY A 380 -20.12 -24.05 -25.26
CA GLY A 380 -19.17 -25.09 -25.66
C GLY A 380 -19.42 -25.64 -27.04
N THR A 381 -20.64 -25.51 -27.56
CA THR A 381 -20.96 -26.05 -28.87
C THR A 381 -20.55 -25.10 -30.00
N VAL A 382 -20.64 -23.80 -29.77
CA VAL A 382 -20.47 -22.81 -30.83
C VAL A 382 -19.05 -22.27 -30.89
N LEU A 383 -18.43 -22.03 -29.74
CA LEU A 383 -17.14 -21.35 -29.72
C LEU A 383 -16.05 -22.23 -30.33
N PRO A 384 -15.17 -21.66 -31.16
CA PRO A 384 -14.05 -22.43 -31.75
C PRO A 384 -12.90 -22.61 -30.77
N ILE A 385 -13.08 -23.55 -29.86
CA ILE A 385 -12.14 -23.79 -28.76
C ILE A 385 -11.95 -25.28 -28.57
N SER A 386 -10.81 -25.63 -27.98
CA SER A 386 -10.54 -27.01 -27.61
C SER A 386 -10.88 -27.30 -26.17
N ARG A 387 -10.97 -26.27 -25.32
CA ARG A 387 -11.22 -26.45 -23.90
C ARG A 387 -12.11 -25.33 -23.38
N LEU A 388 -13.19 -25.70 -22.71
CA LEU A 388 -14.03 -24.77 -21.98
C LEU A 388 -13.87 -25.06 -20.49
N VAL A 389 -13.63 -24.01 -19.71
CA VAL A 389 -13.34 -24.14 -18.28
C VAL A 389 -14.49 -23.46 -17.52
N VAL A 390 -15.12 -24.21 -16.63
CA VAL A 390 -16.38 -23.81 -16.00
C VAL A 390 -16.15 -23.56 -14.52
N ASN A 391 -16.42 -22.32 -14.08
CA ASN A 391 -16.46 -21.96 -12.67
C ASN A 391 -15.13 -22.23 -11.97
N GLN A 392 -14.04 -21.86 -12.63
CA GLN A 392 -12.69 -22.01 -12.10
C GLN A 392 -11.74 -21.22 -12.99
N PRO A 393 -10.55 -20.90 -12.50
CA PRO A 393 -9.58 -20.16 -13.34
C PRO A 393 -9.27 -20.92 -14.61
N ALA A 394 -9.21 -20.18 -15.72
CA ALA A 394 -8.92 -20.79 -17.02
C ALA A 394 -7.51 -21.36 -17.10
N THR A 395 -6.60 -20.92 -16.22
CA THR A 395 -5.25 -21.46 -16.19
C THR A 395 -5.20 -22.92 -15.76
N THR A 396 -6.32 -23.45 -15.25
CA THR A 396 -6.39 -24.87 -14.91
C THR A 396 -6.66 -25.75 -16.11
N ALA A 397 -6.73 -25.17 -17.32
CA ALA A 397 -7.00 -25.95 -18.52
C ALA A 397 -5.90 -26.95 -18.82
N GLY A 398 -4.71 -26.76 -18.27
CA GLY A 398 -3.59 -27.67 -18.45
C GLY A 398 -3.56 -28.81 -17.46
N GLY A 399 -4.64 -29.05 -16.71
CA GLY A 399 -4.67 -30.13 -15.76
C GLY A 399 -4.73 -29.67 -14.32
N SER A 400 -5.72 -30.16 -13.58
CA SER A 400 -5.87 -29.84 -12.17
C SER A 400 -6.40 -31.05 -11.44
N PHE A 401 -6.17 -31.08 -10.12
CA PHE A 401 -6.73 -32.14 -9.29
C PHE A 401 -8.23 -32.00 -9.10
N ASN A 402 -8.85 -30.95 -9.63
CA ASN A 402 -10.28 -30.71 -9.47
C ASN A 402 -11.02 -30.63 -10.80
N ASN A 403 -10.36 -30.95 -11.92
CA ASN A 403 -11.02 -31.02 -13.22
C ASN A 403 -10.49 -32.23 -13.98
N GLY A 404 -11.16 -32.53 -15.09
CA GLY A 404 -10.87 -33.70 -15.88
C GLY A 404 -9.93 -33.48 -17.05
N PHE A 405 -9.35 -32.31 -17.20
CA PHE A 405 -8.41 -32.07 -18.28
C PHE A 405 -7.11 -32.83 -18.03
N ASN A 406 -6.57 -33.43 -19.08
CA ASN A 406 -5.35 -34.23 -18.95
C ASN A 406 -4.17 -33.32 -18.63
N PRO A 407 -3.43 -33.59 -17.56
CA PRO A 407 -2.30 -32.72 -17.20
C PRO A 407 -1.24 -32.70 -18.30
N THR A 408 -0.75 -31.49 -18.58
CA THR A 408 0.23 -31.30 -19.66
C THR A 408 0.81 -29.89 -19.54
N THR A 409 1.85 -29.66 -20.35
CA THR A 409 2.34 -28.32 -20.62
C THR A 409 2.17 -27.93 -22.08
N THR A 410 1.67 -28.84 -22.91
CA THR A 410 1.48 -28.62 -24.35
C THR A 410 0.00 -28.73 -24.66
N LEU A 411 -0.65 -27.59 -24.82
CA LEU A 411 -2.09 -27.53 -25.08
C LEU A 411 -2.32 -27.35 -26.58
N GLY A 412 -2.81 -28.41 -27.23
CA GLY A 412 -3.07 -28.34 -28.65
C GLY A 412 -4.31 -27.53 -28.97
N CYS A 413 -4.26 -26.81 -30.09
CA CYS A 413 -5.33 -25.92 -30.51
C CYS A 413 -6.10 -26.44 -31.71
N GLY A 414 -5.86 -27.68 -32.13
CA GLY A 414 -6.62 -28.25 -33.23
C GLY A 414 -6.32 -27.57 -34.56
N SER A 415 -7.28 -27.71 -35.47
CA SER A 415 -7.12 -27.14 -36.82
C SER A 415 -7.20 -25.62 -36.81
N TRP A 416 -7.84 -25.02 -35.80
CA TRP A 416 -7.90 -23.57 -35.73
C TRP A 416 -6.51 -22.97 -35.53
N GLY A 417 -5.75 -23.50 -34.58
CA GLY A 417 -4.39 -23.09 -34.34
C GLY A 417 -3.36 -23.78 -35.19
N ARG A 418 -3.78 -24.49 -36.24
CA ARG A 418 -2.89 -25.23 -37.13
C ARG A 418 -2.10 -26.29 -36.35
N ASN A 419 -2.81 -27.06 -35.54
CA ASN A 419 -2.23 -28.18 -34.80
C ASN A 419 -2.93 -29.47 -35.20
N SER A 420 -2.29 -30.59 -34.85
CA SER A 420 -2.82 -31.90 -35.22
C SER A 420 -3.90 -32.37 -34.25
N ILE A 421 -3.80 -32.01 -32.97
CA ILE A 421 -4.76 -32.43 -31.97
C ILE A 421 -5.41 -31.21 -31.33
N SER A 422 -6.69 -31.35 -30.99
CA SER A 422 -7.44 -30.31 -30.30
C SER A 422 -7.61 -30.65 -28.83
N GLU A 423 -6.52 -31.07 -28.19
CA GLU A 423 -6.57 -31.55 -26.82
C GLU A 423 -5.19 -31.37 -26.20
N ASN A 424 -5.08 -31.72 -24.92
CA ASN A 424 -3.83 -31.66 -24.21
C ASN A 424 -2.91 -32.81 -24.63
N LEU A 425 -1.63 -32.51 -24.74
CA LEU A 425 -0.65 -33.52 -25.18
C LEU A 425 -0.29 -34.43 -24.03
N THR A 426 -0.45 -35.73 -24.23
CA THR A 426 -0.09 -36.70 -23.20
C THR A 426 0.79 -37.82 -23.78
N TYR A 427 1.01 -38.85 -22.97
CA TYR A 427 1.75 -40.03 -23.43
C TYR A 427 1.07 -40.67 -24.64
N GLU A 428 -0.25 -40.51 -24.77
CA GLU A 428 -0.98 -41.18 -25.85
C GLU A 428 -0.49 -40.76 -27.22
N HIS A 429 -0.15 -39.48 -27.39
CA HIS A 429 0.24 -38.98 -28.69
C HIS A 429 1.68 -39.33 -29.06
N LEU A 430 2.45 -39.89 -28.13
CA LEU A 430 3.85 -40.22 -28.37
C LEU A 430 4.08 -41.73 -28.49
N ILE A 431 3.02 -42.50 -28.78
CA ILE A 431 3.13 -43.93 -29.02
C ILE A 431 2.30 -44.29 -30.24
N ASN A 432 2.78 -45.30 -30.97
CA ASN A 432 2.01 -45.91 -32.06
C ASN A 432 1.17 -47.04 -31.50
N VAL A 433 -0.14 -46.98 -31.75
CA VAL A 433 -1.06 -48.02 -31.31
C VAL A 433 -1.42 -48.87 -32.53
N SER A 434 -1.07 -50.15 -32.48
CA SER A 434 -1.32 -51.09 -33.57
C SER A 434 -2.44 -52.04 -33.19
N ARG A 435 -2.84 -52.86 -34.16
CA ARG A 435 -3.96 -53.78 -33.98
C ARG A 435 -3.61 -55.14 -34.58
N ILE A 436 -4.03 -56.20 -33.89
CA ILE A 436 -3.72 -57.56 -34.32
C ILE A 436 -4.88 -58.21 -35.08
N GLY A 437 -6.10 -57.69 -34.95
CA GLY A 437 -7.23 -58.03 -35.79
C GLY A 437 -7.37 -59.46 -36.26
N TYR A 438 -8.11 -60.28 -35.49
CA TYR A 438 -8.29 -61.68 -35.85
C TYR A 438 -9.42 -61.83 -36.86
N PHE A 439 -9.62 -63.07 -37.31
CA PHE A 439 -10.64 -63.40 -38.29
C PHE A 439 -11.93 -63.75 -37.54
N ASN A 440 -12.91 -62.85 -37.58
CA ASN A 440 -14.17 -63.06 -36.89
C ASN A 440 -15.08 -63.89 -37.78
N LYS A 441 -15.36 -65.13 -37.36
CA LYS A 441 -16.17 -66.04 -38.14
C LYS A 441 -17.65 -65.98 -37.79
N GLU A 442 -17.98 -65.64 -36.56
CA GLU A 442 -19.38 -65.57 -36.15
C GLU A 442 -20.12 -64.40 -36.79
N ALA A 443 -19.40 -63.40 -37.29
CA ALA A 443 -20.04 -62.25 -37.89
C ALA A 443 -20.69 -62.63 -39.22
N LYS A 444 -21.88 -62.09 -39.47
CA LYS A 444 -22.62 -62.36 -40.69
C LYS A 444 -22.48 -61.18 -41.65
N VAL A 445 -22.24 -61.50 -42.92
CA VAL A 445 -22.05 -60.47 -43.94
C VAL A 445 -23.40 -59.84 -44.27
N PRO A 446 -23.56 -58.53 -44.08
CA PRO A 446 -24.83 -57.89 -44.42
C PRO A 446 -25.10 -57.91 -45.91
N SER A 447 -26.38 -58.02 -46.26
CA SER A 447 -26.80 -58.01 -47.65
C SER A 447 -27.13 -56.59 -48.10
N TYR A 448 -27.61 -56.45 -49.33
CA TYR A 448 -27.88 -55.13 -49.88
C TYR A 448 -28.89 -54.37 -49.02
N GLU A 449 -30.00 -55.02 -48.68
CA GLU A 449 -30.98 -54.38 -47.80
C GLU A 449 -30.41 -54.16 -46.41
N GLU A 450 -29.53 -55.06 -45.95
CA GLU A 450 -28.94 -54.91 -44.62
C GLU A 450 -27.89 -53.80 -44.59
N ILE A 451 -27.36 -53.40 -45.74
CA ILE A 451 -26.37 -52.33 -45.80
C ILE A 451 -27.03 -50.97 -46.02
N TRP A 452 -27.88 -50.87 -47.03
CA TRP A 452 -28.47 -49.59 -47.44
C TRP A 452 -29.95 -49.49 -47.08
N GLY A 453 -30.41 -50.28 -46.10
CA GLY A 453 -31.83 -50.35 -45.79
C GLY A 453 -32.55 -49.03 -45.55
N VAL B 5 27.15 9.59 -43.09
CA VAL B 5 27.92 10.77 -42.76
C VAL B 5 29.18 10.37 -42.00
N SER B 6 30.33 10.88 -42.45
CA SER B 6 31.60 10.57 -41.83
C SER B 6 31.98 11.63 -40.81
N ILE B 7 32.78 11.22 -39.83
CA ILE B 7 33.24 12.15 -38.80
C ILE B 7 34.04 13.28 -39.42
N LYS B 8 34.79 13.00 -40.49
CA LYS B 8 35.54 14.05 -41.17
C LYS B 8 34.61 15.11 -41.73
N GLU B 9 33.47 14.70 -42.28
CA GLU B 9 32.50 15.67 -42.80
C GLU B 9 31.87 16.48 -41.66
N LEU B 10 31.56 15.83 -40.54
CA LEU B 10 31.01 16.54 -39.40
C LEU B 10 32.00 17.57 -38.86
N ILE B 11 33.28 17.20 -38.79
CA ILE B 11 34.31 18.14 -38.33
C ILE B 11 34.39 19.34 -39.26
N GLU B 12 34.37 19.10 -40.57
CA GLU B 12 34.45 20.20 -41.53
C GLU B 12 33.22 21.11 -41.44
N LYS B 13 32.04 20.52 -41.28
CA LYS B 13 30.82 21.32 -41.13
C LYS B 13 30.88 22.15 -39.85
N ALA B 14 31.44 21.58 -38.78
CA ALA B 14 31.50 22.31 -37.51
C ALA B 14 32.45 23.49 -37.60
N LYS B 15 33.61 23.31 -38.23
CA LYS B 15 34.56 24.41 -38.39
C LYS B 15 33.97 25.53 -39.24
N VAL B 16 33.19 25.17 -40.27
CA VAL B 16 32.51 26.17 -41.09
C VAL B 16 31.53 26.97 -40.24
N ALA B 17 30.78 26.29 -39.37
CA ALA B 17 29.81 26.98 -38.53
C ALA B 17 30.49 27.82 -37.46
N GLN B 18 31.59 27.31 -36.89
CA GLN B 18 32.27 28.04 -35.81
C GLN B 18 32.87 29.35 -36.33
N LYS B 19 33.37 29.35 -37.57
CA LYS B 19 33.88 30.59 -38.15
C LYS B 19 32.78 31.63 -38.28
N LYS B 20 31.55 31.19 -38.56
CA LYS B 20 30.43 32.12 -38.63
C LYS B 20 29.96 32.55 -37.25
N LEU B 21 30.01 31.64 -36.27
CA LEU B 21 29.55 31.97 -34.92
C LEU B 21 30.53 32.86 -34.17
N GLU B 22 31.82 32.78 -34.51
CA GLU B 22 32.81 33.62 -33.83
C GLU B 22 32.60 35.10 -34.14
N ALA B 23 31.91 35.42 -35.23
CA ALA B 23 31.57 36.81 -35.58
C ALA B 23 30.39 37.36 -34.79
N TYR B 24 29.88 36.60 -33.82
CA TYR B 24 28.74 37.03 -33.04
C TYR B 24 29.17 37.93 -31.89
N SER B 25 28.23 38.77 -31.43
CA SER B 25 28.45 39.60 -30.27
C SER B 25 27.99 38.85 -29.02
N GLN B 26 28.22 39.47 -27.85
CA GLN B 26 27.80 38.86 -26.60
C GLN B 26 26.28 38.70 -26.55
N GLU B 27 25.55 39.72 -27.02
CA GLU B 27 24.10 39.67 -27.01
C GLU B 27 23.52 38.77 -28.09
N GLN B 28 24.29 38.45 -29.12
CA GLN B 28 23.81 37.57 -30.18
C GLN B 28 23.89 36.11 -29.77
N VAL B 29 24.92 35.73 -29.02
CA VAL B 29 24.99 34.37 -28.52
C VAL B 29 24.06 34.18 -27.32
N ASP B 30 23.83 35.24 -26.54
CA ASP B 30 22.95 35.13 -25.38
C ASP B 30 21.51 34.84 -25.79
N VAL B 31 21.12 35.24 -27.01
CA VAL B 31 19.78 34.91 -27.48
C VAL B 31 19.70 33.42 -27.82
N LEU B 32 20.74 32.87 -28.44
CA LEU B 32 20.73 31.47 -28.82
C LEU B 32 20.74 30.57 -27.59
N VAL B 33 21.60 30.88 -26.61
CA VAL B 33 21.74 30.02 -25.44
C VAL B 33 20.45 29.97 -24.64
N LYS B 34 19.77 31.11 -24.50
CA LYS B 34 18.54 31.14 -23.73
C LYS B 34 17.46 30.27 -24.38
N ALA B 35 17.42 30.24 -25.71
CA ALA B 35 16.41 29.43 -26.39
C ALA B 35 16.74 27.95 -26.32
N LEU B 36 18.02 27.61 -26.17
CA LEU B 36 18.41 26.20 -26.07
C LEU B 36 17.92 25.57 -24.77
N GLY B 37 17.99 26.31 -23.68
CA GLY B 37 17.49 25.81 -22.41
C GLY B 37 15.98 25.84 -22.33
N LYS B 38 15.38 26.89 -22.92
CA LYS B 38 13.94 27.04 -22.83
C LYS B 38 13.20 25.97 -23.62
N VAL B 39 13.79 25.48 -24.71
CA VAL B 39 13.12 24.43 -25.48
C VAL B 39 13.16 23.11 -24.73
N VAL B 40 14.15 22.91 -23.86
CA VAL B 40 14.16 21.73 -23.01
C VAL B 40 13.24 21.92 -21.81
N TYR B 41 13.15 23.15 -21.29
CA TYR B 41 12.21 23.43 -20.21
C TYR B 41 10.76 23.28 -20.70
N ASP B 42 10.46 23.76 -21.90
CA ASP B 42 9.09 23.75 -22.40
C ASP B 42 8.65 22.37 -22.90
N ASN B 43 9.59 21.51 -23.29
CA ASN B 43 9.28 20.16 -23.74
C ASN B 43 9.74 19.11 -22.72
N ALA B 44 9.77 19.49 -21.44
CA ALA B 44 10.31 18.60 -20.42
C ALA B 44 9.49 17.32 -20.29
N GLU B 45 8.16 17.45 -20.32
CA GLU B 45 7.31 16.28 -20.13
C GLU B 45 7.48 15.27 -21.26
N MET B 46 7.68 15.75 -22.49
CA MET B 46 7.87 14.85 -23.61
C MET B 46 9.24 14.18 -23.57
N PHE B 47 10.29 14.96 -23.26
CA PHE B 47 11.64 14.41 -23.21
C PHE B 47 11.77 13.35 -22.12
N ALA B 48 11.15 13.59 -20.97
CA ALA B 48 11.25 12.65 -19.86
C ALA B 48 10.55 11.33 -20.20
N LYS B 49 9.42 11.40 -20.89
CA LYS B 49 8.70 10.19 -21.25
C LYS B 49 9.49 9.34 -22.24
N GLU B 50 10.14 9.99 -23.21
CA GLU B 50 10.90 9.25 -24.21
C GLU B 50 12.20 8.70 -23.63
N ALA B 51 12.83 9.46 -22.72
CA ALA B 51 14.07 9.00 -22.11
C ALA B 51 13.83 7.77 -21.23
N VAL B 52 12.79 7.82 -20.40
CA VAL B 52 12.48 6.68 -19.54
C VAL B 52 12.19 5.44 -20.38
N GLU B 53 11.50 5.62 -21.51
CA GLU B 53 11.14 4.47 -22.33
C GLU B 53 12.36 3.87 -23.02
N GLU B 54 13.17 4.70 -23.68
CA GLU B 54 14.28 4.17 -24.46
C GLU B 54 15.40 3.65 -23.56
N THR B 55 15.78 4.43 -22.55
CA THR B 55 16.86 4.01 -21.66
C THR B 55 16.43 2.91 -20.70
N GLU B 56 15.12 2.70 -20.52
CA GLU B 56 14.60 1.68 -19.61
C GLU B 56 15.12 1.87 -18.19
N MET B 57 15.18 3.13 -17.75
CA MET B 57 15.65 3.46 -16.42
C MET B 57 15.14 4.85 -16.06
N GLY B 58 15.13 5.13 -14.76
CA GLY B 58 14.75 6.44 -14.28
C GLY B 58 13.29 6.54 -13.91
N VAL B 59 12.92 7.75 -13.49
CA VAL B 59 11.56 8.07 -13.08
C VAL B 59 11.07 9.26 -13.90
N TYR B 60 9.89 9.13 -14.49
CA TYR B 60 9.37 10.19 -15.36
C TYR B 60 9.24 11.50 -14.62
N GLU B 61 8.65 11.48 -13.42
CA GLU B 61 8.44 12.72 -12.68
C GLU B 61 9.75 13.39 -12.31
N ASP B 62 10.81 12.60 -12.07
CA ASP B 62 12.09 13.19 -11.70
C ASP B 62 12.80 13.79 -12.91
N LYS B 63 12.68 13.16 -14.08
CA LYS B 63 13.31 13.70 -15.27
C LYS B 63 12.61 14.97 -15.75
N VAL B 64 11.32 15.11 -15.48
CA VAL B 64 10.63 16.36 -15.76
C VAL B 64 11.21 17.48 -14.90
N ALA B 65 11.40 17.21 -13.61
CA ALA B 65 12.02 18.18 -12.73
C ALA B 65 13.49 18.39 -13.09
N LYS B 66 14.15 17.36 -13.62
CA LYS B 66 15.54 17.50 -14.04
C LYS B 66 15.67 18.49 -15.18
N CYS B 67 14.81 18.35 -16.20
CA CYS B 67 14.85 19.28 -17.33
C CYS B 67 14.44 20.69 -16.92
N HIS B 68 13.58 20.80 -15.90
CA HIS B 68 13.20 22.13 -15.40
C HIS B 68 14.35 22.77 -14.63
N LEU B 69 14.99 22.00 -13.75
CA LEU B 69 16.05 22.56 -12.92
C LEU B 69 17.27 22.93 -13.74
N LYS B 70 17.80 21.97 -14.53
CA LYS B 70 19.04 22.21 -15.25
C LYS B 70 18.91 23.37 -16.23
N SER B 71 17.88 23.34 -17.07
CA SER B 71 17.72 24.38 -18.08
C SER B 71 17.54 25.75 -17.43
N GLY B 72 16.69 25.85 -16.41
CA GLY B 72 16.43 27.13 -15.80
C GLY B 72 17.60 27.65 -14.99
N ALA B 73 18.25 26.78 -14.22
CA ALA B 73 19.36 27.20 -13.37
C ALA B 73 20.62 27.50 -14.18
N ILE B 74 20.86 26.77 -15.27
CA ILE B 74 22.04 27.05 -16.09
C ILE B 74 21.89 28.39 -16.78
N TRP B 75 20.70 28.69 -17.29
CA TRP B 75 20.49 29.99 -17.94
C TRP B 75 20.56 31.13 -16.92
N ASN B 76 19.93 30.96 -15.76
CA ASN B 76 19.95 32.02 -14.76
C ASN B 76 21.36 32.31 -14.28
N HIS B 77 22.27 31.35 -14.39
CA HIS B 77 23.64 31.55 -13.94
C HIS B 77 24.49 32.24 -15.01
N ILE B 78 24.33 31.85 -16.27
CA ILE B 78 25.20 32.32 -17.34
C ILE B 78 24.58 33.47 -18.13
N LYS B 79 23.42 33.97 -17.70
CA LYS B 79 22.74 35.00 -18.48
C LYS B 79 23.52 36.30 -18.51
N ASP B 80 24.20 36.64 -17.42
CA ASP B 80 24.90 37.92 -17.29
C ASP B 80 26.40 37.70 -17.14
N LYS B 81 26.96 36.79 -17.92
CA LYS B 81 28.38 36.49 -17.89
C LYS B 81 29.01 36.90 -19.21
N LYS B 82 30.14 37.60 -19.14
CA LYS B 82 30.82 38.12 -20.33
C LYS B 82 31.76 37.06 -20.88
N THR B 83 31.52 36.64 -22.12
CA THR B 83 32.29 35.55 -22.73
C THR B 83 32.77 35.87 -24.14
N VAL B 84 32.60 37.10 -24.62
CA VAL B 84 32.94 37.47 -25.98
C VAL B 84 33.81 38.72 -25.95
N GLY B 85 35.03 38.61 -26.47
CA GLY B 85 35.93 39.74 -26.55
C GLY B 85 36.57 40.11 -25.24
N ILE B 86 36.79 41.41 -25.02
CA ILE B 86 37.37 41.88 -23.77
C ILE B 86 36.33 41.78 -22.66
N ILE B 87 36.66 41.06 -21.60
CA ILE B 87 35.70 40.74 -20.55
C ILE B 87 36.06 41.34 -19.20
N LYS B 88 37.31 41.71 -18.96
CA LYS B 88 37.73 42.14 -17.63
C LYS B 88 38.86 43.14 -17.74
N GLU B 89 38.88 44.08 -16.79
CA GLU B 89 39.94 45.09 -16.69
C GLU B 89 40.61 44.94 -15.34
N GLU B 90 41.90 44.64 -15.34
CA GLU B 90 42.69 44.51 -14.10
C GLU B 90 43.80 45.54 -14.15
N PRO B 91 43.50 46.81 -13.88
CA PRO B 91 44.55 47.84 -13.95
C PRO B 91 45.59 47.73 -12.85
N GLU B 92 45.29 47.08 -11.72
CA GLU B 92 46.30 46.90 -10.69
C GLU B 92 47.42 45.99 -11.16
N ARG B 93 47.12 45.07 -12.08
CA ARG B 93 48.14 44.26 -12.73
C ARG B 93 48.41 44.69 -14.17
N ALA B 94 47.81 45.79 -14.61
CA ALA B 94 47.99 46.30 -15.97
C ALA B 94 47.67 45.22 -17.00
N LEU B 95 46.59 44.49 -16.77
CA LEU B 95 46.16 43.40 -17.62
C LEU B 95 44.80 43.71 -18.25
N VAL B 96 44.54 43.09 -19.39
CA VAL B 96 43.25 43.15 -20.06
C VAL B 96 42.91 41.75 -20.54
N TYR B 97 41.84 41.17 -19.99
CA TYR B 97 41.47 39.79 -20.30
C TYR B 97 40.55 39.74 -21.51
N VAL B 98 40.79 38.77 -22.39
CA VAL B 98 40.02 38.59 -23.61
C VAL B 98 39.54 37.15 -23.67
N ALA B 99 38.28 36.98 -24.09
CA ALA B 99 37.65 35.67 -24.20
C ALA B 99 37.55 35.27 -25.66
N LYS B 100 38.06 34.08 -25.97
CA LYS B 100 38.07 33.55 -27.32
C LYS B 100 37.55 32.11 -27.32
N PRO B 101 36.85 31.70 -28.36
CA PRO B 101 36.37 30.31 -28.42
C PRO B 101 37.52 29.33 -28.55
N LYS B 102 37.29 28.11 -28.07
CA LYS B 102 38.26 27.04 -28.25
C LYS B 102 38.12 26.34 -29.60
N GLY B 103 36.97 26.49 -30.26
CA GLY B 103 36.78 25.89 -31.56
C GLY B 103 35.61 24.93 -31.62
N VAL B 104 35.87 23.69 -32.01
CA VAL B 104 34.85 22.65 -32.14
C VAL B 104 34.94 21.73 -30.93
N VAL B 105 33.80 21.50 -30.27
CA VAL B 105 33.73 20.69 -29.07
C VAL B 105 33.13 19.34 -29.43
N ALA B 106 33.83 18.27 -29.08
CA ALA B 106 33.30 16.91 -29.18
C ALA B 106 32.78 16.50 -27.81
N ALA B 107 31.50 16.14 -27.75
CA ALA B 107 30.85 15.83 -26.48
C ALA B 107 30.18 14.47 -26.58
N THR B 108 30.58 13.56 -25.69
CA THR B 108 29.90 12.28 -25.52
C THR B 108 28.94 12.40 -24.34
N THR B 109 27.71 11.96 -24.52
CA THR B 109 26.66 12.14 -23.54
C THR B 109 26.20 10.80 -22.98
N PRO B 110 25.75 10.76 -21.73
CA PRO B 110 25.46 9.49 -21.07
C PRO B 110 24.04 9.00 -21.30
N ILE B 111 23.79 7.78 -20.84
CA ILE B 111 22.45 7.22 -20.89
C ILE B 111 21.60 7.73 -19.73
N THR B 112 22.24 8.13 -18.63
CA THR B 112 21.51 8.56 -17.44
C THR B 112 20.90 9.95 -17.62
N ASN B 113 21.60 10.84 -18.32
CA ASN B 113 21.10 12.19 -18.60
C ASN B 113 21.15 12.46 -20.10
N PRO B 114 20.38 11.73 -20.90
CA PRO B 114 20.50 11.84 -22.34
C PRO B 114 19.84 13.08 -22.94
N VAL B 115 19.18 13.90 -22.13
CA VAL B 115 18.48 15.08 -22.60
C VAL B 115 19.15 16.35 -22.09
N VAL B 116 19.39 16.43 -20.78
CA VAL B 116 19.93 17.66 -20.21
C VAL B 116 21.41 17.81 -20.50
N THR B 117 22.14 16.71 -20.68
CA THR B 117 23.58 16.82 -20.96
C THR B 117 23.85 17.39 -22.34
N PRO B 118 23.21 16.93 -23.44
CA PRO B 118 23.39 17.64 -24.71
C PRO B 118 22.97 19.09 -24.66
N MET B 119 21.91 19.40 -23.89
CA MET B 119 21.50 20.79 -23.72
C MET B 119 22.55 21.59 -22.96
N CYS B 120 23.03 21.04 -21.84
CA CYS B 120 24.02 21.74 -21.04
C CYS B 120 25.31 21.97 -21.82
N ASN B 121 25.79 20.94 -22.52
CA ASN B 121 27.02 21.07 -23.29
C ASN B 121 26.86 22.08 -24.43
N ALA B 122 25.68 22.12 -25.06
CA ALA B 122 25.46 23.02 -26.18
C ALA B 122 25.31 24.47 -25.71
N MET B 123 24.67 24.68 -24.56
CA MET B 123 24.51 26.04 -24.06
C MET B 123 25.86 26.64 -23.67
N ALA B 124 26.72 25.85 -23.03
CA ALA B 124 28.02 26.37 -22.59
C ALA B 124 28.95 26.58 -23.78
N ALA B 125 28.88 25.71 -24.78
CA ALA B 125 29.76 25.83 -25.94
C ALA B 125 29.39 27.05 -26.78
N ILE B 126 28.12 27.19 -27.12
CA ILE B 126 27.68 28.33 -27.94
C ILE B 126 27.82 29.64 -27.17
N LYS B 127 27.78 29.57 -25.83
CA LYS B 127 27.98 30.77 -25.02
C LYS B 127 29.32 31.44 -25.31
N GLY B 128 30.35 30.64 -25.59
CA GLY B 128 31.66 31.19 -25.91
C GLY B 128 31.99 31.14 -27.38
N ARG B 129 30.95 31.08 -28.23
CA ARG B 129 31.08 31.08 -29.68
C ARG B 129 31.77 29.83 -30.22
N ASN B 130 31.57 28.69 -29.56
CA ASN B 130 32.04 27.41 -30.04
C ASN B 130 30.91 26.65 -30.74
N THR B 131 31.29 25.66 -31.52
CA THR B 131 30.36 24.67 -32.05
C THR B 131 30.61 23.33 -31.38
N ILE B 132 29.63 22.43 -31.50
CA ILE B 132 29.66 21.19 -30.74
C ILE B 132 29.11 20.05 -31.61
N ILE B 133 29.70 18.87 -31.44
CA ILE B 133 29.25 17.65 -32.10
C ILE B 133 28.98 16.63 -31.02
N VAL B 134 27.73 16.20 -30.90
CA VAL B 134 27.30 15.31 -29.83
C VAL B 134 27.35 13.87 -30.31
N ALA B 135 27.88 12.99 -29.45
CA ALA B 135 27.87 11.55 -29.69
C ALA B 135 27.15 10.88 -28.53
N PRO B 136 25.91 10.45 -28.71
CA PRO B 136 25.12 9.96 -27.58
C PRO B 136 25.41 8.50 -27.28
N HIS B 137 24.95 8.08 -26.11
CA HIS B 137 25.00 6.66 -25.75
C HIS B 137 24.11 5.87 -26.72
N PRO B 138 24.57 4.71 -27.19
CA PRO B 138 23.75 3.95 -28.16
C PRO B 138 22.39 3.56 -27.62
N LYS B 139 22.29 3.24 -26.33
CA LYS B 139 21.00 2.93 -25.72
C LYS B 139 20.16 4.16 -25.43
N ALA B 140 20.64 5.36 -25.81
CA ALA B 140 19.87 6.58 -25.62
C ALA B 140 20.00 7.54 -26.80
N LYS B 141 20.26 7.02 -28.00
CA LYS B 141 20.55 7.90 -29.13
C LYS B 141 19.31 8.61 -29.64
N LYS B 142 18.13 7.98 -29.53
CA LYS B 142 16.93 8.56 -30.12
C LYS B 142 16.49 9.81 -29.37
N VAL B 143 16.45 9.76 -28.05
CA VAL B 143 15.98 10.92 -27.29
C VAL B 143 17.04 12.01 -27.28
N SER B 144 18.32 11.65 -27.34
CA SER B 144 19.36 12.67 -27.46
C SER B 144 19.30 13.35 -28.82
N ALA B 145 19.16 12.57 -29.89
CA ALA B 145 19.02 13.16 -31.22
C ALA B 145 17.74 13.99 -31.32
N HIS B 146 16.69 13.58 -30.62
CA HIS B 146 15.46 14.38 -30.64
C HIS B 146 15.66 15.69 -29.90
N THR B 147 16.44 15.68 -28.81
CA THR B 147 16.77 16.92 -28.13
C THR B 147 17.57 17.84 -29.04
N VAL B 148 18.58 17.30 -29.72
CA VAL B 148 19.37 18.09 -30.66
C VAL B 148 18.50 18.56 -31.81
N GLU B 149 17.59 17.72 -32.28
CA GLU B 149 16.71 18.09 -33.38
C GLU B 149 15.87 19.31 -33.04
N LEU B 150 15.24 19.30 -31.86
CA LEU B 150 14.39 20.42 -31.47
C LEU B 150 15.20 21.67 -31.15
N MET B 151 16.45 21.50 -30.72
CA MET B 151 17.29 22.67 -30.46
C MET B 151 17.65 23.37 -31.76
N ASN B 152 18.02 22.61 -32.79
CA ASN B 152 18.35 23.21 -34.08
C ASN B 152 17.14 23.88 -34.73
N ALA B 153 15.93 23.42 -34.39
CA ALA B 153 14.73 24.08 -34.91
C ALA B 153 14.52 25.44 -34.28
N GLU B 154 14.95 25.62 -33.02
CA GLU B 154 14.84 26.93 -32.39
C GLU B 154 15.96 27.86 -32.84
N LEU B 155 17.15 27.32 -33.07
CA LEU B 155 18.25 28.13 -33.57
C LEU B 155 17.99 28.63 -34.99
N LYS B 156 17.30 27.82 -35.80
CA LYS B 156 16.98 28.24 -37.16
C LYS B 156 15.98 29.40 -37.17
N LYS B 157 15.06 29.43 -36.20
CA LYS B 157 14.12 30.53 -36.09
C LYS B 157 14.79 31.85 -35.73
N LEU B 158 15.98 31.79 -35.13
CA LEU B 158 16.71 32.98 -34.73
C LEU B 158 17.80 33.39 -35.71
N GLY B 159 17.99 32.63 -36.78
CA GLY B 159 18.98 33.00 -37.77
C GLY B 159 20.38 32.54 -37.46
N ALA B 160 20.52 31.48 -36.66
CA ALA B 160 21.82 30.95 -36.32
C ALA B 160 22.42 30.21 -37.52
N PRO B 161 23.75 30.12 -37.59
CA PRO B 161 24.36 29.35 -38.67
C PRO B 161 24.00 27.87 -38.57
N GLU B 162 23.98 27.21 -39.72
CA GLU B 162 23.68 25.79 -39.76
C GLU B 162 24.85 24.98 -39.19
N ASN B 163 24.50 23.90 -38.48
CA ASN B 163 25.47 22.91 -38.00
C ASN B 163 26.34 23.42 -36.87
N ILE B 164 25.84 24.35 -36.06
CA ILE B 164 26.56 24.68 -34.82
C ILE B 164 26.30 23.65 -33.74
N ILE B 165 25.27 22.81 -33.92
CA ILE B 165 25.03 21.63 -33.09
C ILE B 165 24.80 20.46 -34.02
N GLN B 166 25.59 19.40 -33.86
CA GLN B 166 25.48 18.21 -34.68
C GLN B 166 25.48 16.98 -33.80
N ILE B 167 24.98 15.87 -34.34
CA ILE B 167 24.74 14.65 -33.58
C ILE B 167 25.34 13.47 -34.34
N VAL B 168 25.93 12.52 -33.61
CA VAL B 168 26.44 11.29 -34.19
C VAL B 168 25.63 10.12 -33.65
N GLU B 169 24.42 9.94 -34.17
CA GLU B 169 23.55 8.88 -33.69
C GLU B 169 24.18 7.51 -33.93
N ALA B 170 24.11 6.65 -32.91
CA ALA B 170 24.71 5.32 -32.91
C ALA B 170 26.19 5.41 -33.25
N PRO B 171 27.02 5.87 -32.31
CA PRO B 171 28.45 6.01 -32.60
C PRO B 171 29.24 4.76 -32.26
N SER B 172 29.90 4.17 -33.24
CA SER B 172 30.78 3.04 -32.98
C SER B 172 31.99 3.49 -32.16
N ARG B 173 32.67 2.51 -31.56
CA ARG B 173 33.86 2.83 -30.76
C ARG B 173 34.95 3.46 -31.63
N GLU B 174 35.06 3.03 -32.89
CA GLU B 174 36.04 3.63 -33.78
C GLU B 174 35.61 5.01 -34.24
N ALA B 175 34.30 5.27 -34.30
CA ALA B 175 33.82 6.59 -34.71
C ALA B 175 34.03 7.62 -33.59
N ALA B 176 33.74 7.23 -32.35
CA ALA B 176 33.94 8.15 -31.23
C ALA B 176 35.42 8.46 -31.02
N LYS B 177 36.30 7.50 -31.34
CA LYS B 177 37.73 7.74 -31.18
C LYS B 177 38.23 8.80 -32.15
N GLU B 178 37.80 8.74 -33.41
CA GLU B 178 38.24 9.72 -34.39
C GLU B 178 37.63 11.09 -34.13
N LEU B 179 36.41 11.14 -33.59
CA LEU B 179 35.78 12.42 -33.29
C LEU B 179 36.53 13.18 -32.21
N MET B 180 37.00 12.47 -31.18
CA MET B 180 37.71 13.12 -30.10
C MET B 180 39.11 13.56 -30.52
N GLU B 181 39.76 12.77 -31.36
CA GLU B 181 41.11 13.13 -31.80
C GLU B 181 41.09 14.28 -32.78
N SER B 182 39.99 14.48 -33.49
CA SER B 182 39.90 15.49 -34.54
C SER B 182 39.27 16.79 -34.06
N ALA B 183 38.85 16.87 -32.81
CA ALA B 183 38.22 18.07 -32.28
C ALA B 183 39.24 18.93 -31.53
N ASP B 184 38.81 20.14 -31.20
CA ASP B 184 39.65 21.08 -30.47
C ASP B 184 39.62 20.86 -28.97
N VAL B 185 38.51 20.37 -28.43
CA VAL B 185 38.38 20.08 -27.00
C VAL B 185 37.26 19.07 -26.84
N VAL B 186 37.40 18.18 -25.86
CA VAL B 186 36.52 17.04 -25.69
C VAL B 186 35.80 17.15 -24.35
N ILE B 187 34.52 16.78 -24.35
CA ILE B 187 33.74 16.62 -23.11
C ILE B 187 33.26 15.18 -23.06
N ALA B 188 33.56 14.50 -21.96
CA ALA B 188 33.22 13.09 -21.79
C ALA B 188 32.42 12.92 -20.50
N THR B 189 31.12 12.71 -20.62
CA THR B 189 30.24 12.41 -19.50
C THR B 189 29.69 11.01 -19.73
N GLY B 190 30.24 10.03 -19.03
CA GLY B 190 29.81 8.65 -19.18
C GLY B 190 30.61 7.68 -18.36
N GLY B 191 30.76 6.46 -18.85
CA GLY B 191 31.48 5.43 -18.12
C GLY B 191 32.97 5.72 -18.03
N ALA B 192 33.65 4.87 -17.25
CA ALA B 192 35.09 5.03 -17.06
C ALA B 192 35.85 4.82 -18.36
N GLY B 193 35.37 3.90 -19.21
CA GLY B 193 36.00 3.70 -20.50
C GLY B 193 35.86 4.90 -21.42
N ARG B 194 34.74 5.61 -21.33
CA ARG B 194 34.56 6.80 -22.15
C ARG B 194 35.53 7.90 -21.73
N VAL B 195 35.72 8.10 -20.42
CA VAL B 195 36.62 9.13 -19.95
C VAL B 195 38.07 8.74 -20.19
N LYS B 196 38.38 7.45 -20.05
CA LYS B 196 39.74 6.97 -20.33
C LYS B 196 40.12 7.18 -21.78
N ALA B 197 39.14 7.14 -22.68
CA ALA B 197 39.42 7.36 -24.10
C ALA B 197 39.58 8.83 -24.44
N ALA B 198 38.83 9.71 -23.76
CA ALA B 198 38.92 11.14 -24.07
C ALA B 198 40.26 11.72 -23.65
N TYR B 199 40.81 11.25 -22.53
CA TYR B 199 42.12 11.70 -22.08
C TYR B 199 43.26 10.96 -22.76
N SER B 200 42.96 10.07 -23.72
CA SER B 200 43.96 9.39 -24.51
C SER B 200 43.89 9.79 -25.99
N SER B 201 43.33 10.96 -26.28
CA SER B 201 43.05 11.37 -27.65
C SER B 201 44.09 12.32 -28.23
N GLY B 202 44.94 12.93 -27.40
CA GLY B 202 45.86 13.94 -27.87
C GLY B 202 45.30 15.34 -27.89
N ARG B 203 44.14 15.56 -27.28
CA ARG B 203 43.49 16.86 -27.18
C ARG B 203 43.09 17.12 -25.74
N PRO B 204 43.02 18.38 -25.33
CA PRO B 204 42.55 18.69 -23.97
C PRO B 204 41.11 18.26 -23.78
N ALA B 205 40.81 17.69 -22.61
CA ALA B 205 39.51 17.09 -22.37
C ALA B 205 39.01 17.44 -20.97
N TYR B 206 37.69 17.37 -20.83
CA TYR B 206 37.02 17.45 -19.53
C TYR B 206 36.17 16.21 -19.36
N GLY B 207 36.36 15.51 -18.24
CA GLY B 207 35.68 14.25 -18.00
C GLY B 207 34.99 14.24 -16.64
N VAL B 208 34.39 13.10 -16.34
CA VAL B 208 33.77 12.84 -15.05
C VAL B 208 34.37 11.58 -14.47
N GLY B 209 34.36 11.48 -13.15
CA GLY B 209 34.79 10.28 -12.48
C GLY B 209 33.58 9.52 -11.97
N PRO B 210 33.80 8.29 -11.51
CA PRO B 210 32.71 7.54 -10.88
C PRO B 210 32.24 8.23 -9.62
N GLY B 211 30.94 8.14 -9.37
CA GLY B 211 30.38 8.71 -8.16
C GLY B 211 30.26 7.70 -7.04
N ASN B 212 30.25 8.21 -5.81
CA ASN B 212 30.05 7.37 -4.63
C ASN B 212 29.84 8.26 -3.42
N SER B 213 28.75 9.04 -3.43
CA SER B 213 28.51 10.05 -2.42
C SER B 213 28.38 9.44 -1.02
N GLN B 214 29.43 9.54 -0.22
CA GLN B 214 29.36 9.16 1.18
C GLN B 214 28.68 10.25 1.97
N VAL B 215 27.80 9.86 2.88
CA VAL B 215 27.03 10.80 3.69
C VAL B 215 27.28 10.50 5.16
N ILE B 216 27.65 11.53 5.91
CA ILE B 216 27.88 11.44 7.35
C ILE B 216 26.78 12.21 8.06
N VAL B 217 26.15 11.57 9.04
CA VAL B 217 25.15 12.21 9.89
C VAL B 217 25.80 12.45 11.25
N ASP B 218 25.91 13.71 11.65
CA ASP B 218 26.58 14.05 12.89
C ASP B 218 25.63 13.90 14.07
N LYS B 219 26.22 13.63 15.24
CA LYS B 219 25.43 13.43 16.45
C LYS B 219 24.69 14.71 16.83
N GLY B 220 23.40 14.57 17.15
CA GLY B 220 22.61 15.69 17.60
C GLY B 220 21.90 16.47 16.51
N TYR B 221 22.09 16.10 15.24
CA TYR B 221 21.40 16.78 14.15
C TYR B 221 19.95 16.30 14.06
N ASP B 222 19.12 17.10 13.41
CA ASP B 222 17.74 16.71 13.16
C ASP B 222 17.73 15.49 12.24
N TYR B 223 17.68 14.29 12.82
CA TYR B 223 17.75 13.07 12.03
C TYR B 223 16.54 12.92 11.11
N ASN B 224 15.41 13.51 11.48
CA ASN B 224 14.26 13.49 10.60
C ASN B 224 14.51 14.32 9.34
N LYS B 225 15.13 15.48 9.50
CA LYS B 225 15.47 16.30 8.34
C LYS B 225 16.58 15.65 7.52
N ALA B 226 17.56 15.05 8.19
CA ALA B 226 18.65 14.38 7.48
C ALA B 226 18.13 13.19 6.68
N ALA B 227 17.29 12.36 7.29
CA ALA B 227 16.74 11.20 6.60
C ALA B 227 15.91 11.63 5.39
N GLN B 228 15.15 12.72 5.54
CA GLN B 228 14.33 13.20 4.42
C GLN B 228 15.20 13.61 3.24
N ASP B 229 16.31 14.31 3.50
CA ASP B 229 17.17 14.75 2.41
C ASP B 229 17.91 13.59 1.75
N ILE B 230 18.39 12.64 2.55
CA ILE B 230 19.13 11.52 2.00
C ILE B 230 18.23 10.61 1.17
N ILE B 231 16.98 10.43 1.61
CA ILE B 231 16.04 9.60 0.84
C ILE B 231 15.62 10.30 -0.44
N THR B 232 15.43 11.62 -0.38
CA THR B 232 15.09 12.38 -1.59
C THR B 232 16.18 12.24 -2.65
N GLY B 233 17.45 12.33 -2.24
CA GLY B 233 18.53 12.23 -3.20
C GLY B 233 18.79 10.81 -3.68
N ARG B 234 18.58 9.82 -2.81
CA ARG B 234 18.86 8.44 -3.19
C ARG B 234 17.83 7.93 -4.20
N LYS B 235 16.54 8.17 -3.95
CA LYS B 235 15.50 7.68 -4.84
C LYS B 235 15.36 8.49 -6.11
N TYR B 236 16.07 9.63 -6.21
CA TYR B 236 15.91 10.53 -7.34
C TYR B 236 16.28 9.84 -8.65
N ASP B 237 15.31 9.77 -9.57
CA ASP B 237 15.50 9.12 -10.88
C ASP B 237 15.94 7.67 -10.72
N ASN B 238 15.42 7.01 -9.68
CA ASN B 238 15.78 5.63 -9.34
C ASN B 238 17.28 5.48 -9.08
N GLY B 239 17.92 6.54 -8.61
CA GLY B 239 19.28 6.45 -8.10
C GLY B 239 20.38 6.41 -9.13
N ILE B 240 20.13 6.89 -10.35
CA ILE B 240 21.17 6.85 -11.39
C ILE B 240 22.07 8.07 -11.40
N ILE B 241 21.72 9.13 -10.67
CA ILE B 241 22.52 10.34 -10.63
C ILE B 241 23.86 10.07 -9.95
N CYS B 242 24.93 10.60 -10.56
CA CYS B 242 26.29 10.34 -10.10
C CYS B 242 26.56 10.90 -8.70
N SER B 243 25.76 11.88 -8.29
CA SER B 243 25.96 12.53 -6.99
C SER B 243 24.99 12.01 -5.94
N SER B 244 24.23 10.97 -6.31
CA SER B 244 23.22 10.43 -5.41
C SER B 244 23.87 9.81 -4.18
N GLU B 245 23.18 9.94 -3.04
CA GLU B 245 23.67 9.38 -1.79
C GLU B 245 23.85 7.87 -1.90
N GLN B 246 25.00 7.38 -1.43
CA GLN B 246 25.30 5.96 -1.50
C GLN B 246 25.36 5.28 -0.15
N SER B 247 25.76 5.99 0.90
CA SER B 247 25.90 5.41 2.22
C SER B 247 25.26 6.31 3.26
N VAL B 248 24.97 5.73 4.42
CA VAL B 248 24.52 6.45 5.59
C VAL B 248 25.48 6.10 6.71
N ILE B 249 26.33 7.04 7.09
CA ILE B 249 27.30 6.86 8.16
C ILE B 249 26.74 7.57 9.39
N ALA B 250 26.23 6.78 10.34
CA ALA B 250 25.55 7.30 11.52
C ALA B 250 26.31 6.94 12.79
N PRO B 251 26.21 7.75 13.84
CA PRO B 251 26.92 7.44 15.08
C PRO B 251 26.32 6.22 15.76
N ALA B 252 27.20 5.45 16.42
CA ALA B 252 26.76 4.21 17.05
C ALA B 252 25.82 4.47 18.22
N GLU B 253 25.98 5.60 18.92
CA GLU B 253 25.17 5.87 20.10
C GLU B 253 23.75 6.29 19.76
N ASP B 254 23.52 6.80 18.55
CA ASP B 254 22.18 7.20 18.11
C ASP B 254 21.78 6.45 16.83
N TYR B 255 22.32 5.26 16.63
CA TYR B 255 22.10 4.54 15.38
C TYR B 255 20.63 4.19 15.19
N ASP B 256 19.97 3.70 16.23
CA ASP B 256 18.56 3.32 16.11
C ASP B 256 17.68 4.53 15.84
N LYS B 257 18.01 5.68 16.43
CA LYS B 257 17.22 6.89 16.17
C LYS B 257 17.33 7.33 14.72
N VAL B 258 18.53 7.24 14.15
CA VAL B 258 18.72 7.61 12.75
C VAL B 258 17.96 6.64 11.84
N ILE B 259 18.10 5.34 12.09
CA ILE B 259 17.39 4.34 11.30
C ILE B 259 15.89 4.51 11.47
N ALA B 260 15.45 4.86 12.67
CA ALA B 260 14.03 5.12 12.90
C ALA B 260 13.56 6.32 12.09
N ALA B 261 14.40 7.35 11.98
CA ALA B 261 14.06 8.50 11.15
C ALA B 261 13.99 8.15 9.68
N PHE B 262 14.83 7.21 9.23
CA PHE B 262 14.74 6.74 7.85
C PHE B 262 13.45 5.97 7.62
N VAL B 263 13.12 5.04 8.53
CA VAL B 263 11.90 4.26 8.41
C VAL B 263 10.68 5.15 8.47
N GLU B 264 10.71 6.17 9.33
CA GLU B 264 9.61 7.12 9.44
C GLU B 264 9.36 7.85 8.12
N ASN B 265 10.34 7.92 7.24
CA ASN B 265 10.22 8.66 5.98
C ASN B 265 10.25 7.75 4.76
N GLY B 266 9.95 6.46 4.92
CA GLY B 266 9.76 5.57 3.80
C GLY B 266 10.88 4.59 3.50
N ALA B 267 11.89 4.48 4.36
CA ALA B 267 12.98 3.55 4.13
C ALA B 267 12.65 2.17 4.70
N PHE B 268 13.13 1.15 4.02
CA PHE B 268 13.01 -0.24 4.48
C PHE B 268 14.39 -0.70 4.90
N TYR B 269 14.63 -0.73 6.21
CA TYR B 269 15.93 -1.09 6.76
C TYR B 269 16.03 -2.60 6.96
N VAL B 270 17.15 -3.18 6.54
CA VAL B 270 17.37 -4.61 6.65
C VAL B 270 18.57 -4.83 7.57
N GLU B 271 18.32 -5.46 8.72
CA GLU B 271 19.37 -5.78 9.68
C GLU B 271 19.89 -7.20 9.51
N ASP B 272 19.02 -8.13 9.11
CA ASP B 272 19.39 -9.54 9.05
C ASP B 272 20.50 -9.79 8.05
N GLU B 273 21.52 -10.53 8.47
CA GLU B 273 22.67 -10.80 7.62
C GLU B 273 22.28 -11.60 6.38
N GLU B 274 21.43 -12.63 6.56
CA GLU B 274 21.02 -13.44 5.42
C GLU B 274 20.21 -12.63 4.43
N THR B 275 19.31 -11.76 4.93
CA THR B 275 18.47 -10.97 4.04
C THR B 275 19.28 -9.94 3.28
N VAL B 276 20.28 -9.33 3.93
CA VAL B 276 21.19 -8.43 3.23
C VAL B 276 21.90 -9.17 2.11
N GLU B 277 22.30 -10.42 2.35
CA GLU B 277 22.98 -11.21 1.33
C GLU B 277 22.08 -11.46 0.13
N LYS B 278 20.77 -11.62 0.36
CA LYS B 278 19.85 -11.78 -0.76
C LYS B 278 19.89 -10.57 -1.68
N PHE B 279 19.97 -9.36 -1.10
CA PHE B 279 20.09 -8.16 -1.93
C PHE B 279 21.49 -8.06 -2.53
N ARG B 280 22.52 -8.35 -1.74
CA ARG B 280 23.90 -8.19 -2.23
C ARG B 280 24.16 -9.12 -3.42
N SER B 281 23.69 -10.36 -3.35
CA SER B 281 23.88 -11.29 -4.45
C SER B 281 23.13 -10.86 -5.70
N THR B 282 22.13 -9.99 -5.58
CA THR B 282 21.37 -9.51 -6.72
C THR B 282 21.94 -8.20 -7.27
N LEU B 283 22.42 -7.31 -6.38
CA LEU B 283 22.94 -6.02 -6.84
C LEU B 283 24.28 -6.17 -7.55
N PHE B 284 25.13 -7.09 -7.07
CA PHE B 284 26.47 -7.24 -7.61
C PHE B 284 26.71 -8.70 -7.99
N LYS B 285 27.19 -8.91 -9.21
CA LYS B 285 27.55 -10.23 -9.72
C LYS B 285 29.08 -10.28 -9.78
N ASP B 286 29.68 -10.75 -8.69
CA ASP B 286 31.13 -10.90 -8.58
C ASP B 286 31.84 -9.55 -8.75
N GLY B 287 31.43 -8.60 -7.92
CA GLY B 287 32.09 -7.31 -7.83
C GLY B 287 31.49 -6.22 -8.69
N LYS B 288 30.85 -6.57 -9.81
CA LYS B 288 30.31 -5.59 -10.73
C LYS B 288 28.81 -5.47 -10.56
N ILE B 289 28.30 -4.24 -10.70
CA ILE B 289 26.88 -3.97 -10.52
C ILE B 289 26.08 -4.75 -11.57
N ASN B 290 24.87 -5.16 -11.17
CA ASN B 290 23.96 -5.87 -12.07
C ASN B 290 23.23 -4.84 -12.94
N SER B 291 23.41 -4.93 -14.25
CA SER B 291 22.82 -3.96 -15.16
C SER B 291 21.30 -4.04 -15.19
N LYS B 292 20.72 -5.19 -14.84
CA LYS B 292 19.29 -5.36 -14.90
C LYS B 292 18.54 -4.62 -13.80
N ILE B 293 19.24 -4.11 -12.79
CA ILE B 293 18.62 -3.36 -11.71
C ILE B 293 19.03 -1.89 -11.71
N ILE B 294 19.86 -1.47 -12.66
CA ILE B 294 20.28 -0.08 -12.73
C ILE B 294 19.08 0.79 -13.08
N GLY B 295 18.78 1.76 -12.22
CA GLY B 295 17.67 2.66 -12.48
C GLY B 295 16.30 2.03 -12.40
N LYS B 296 16.16 0.94 -11.66
CA LYS B 296 14.88 0.27 -11.49
C LYS B 296 14.26 0.64 -10.15
N SER B 297 13.02 0.20 -9.96
CA SER B 297 12.26 0.57 -8.77
C SER B 297 12.64 -0.33 -7.58
N VAL B 298 12.19 0.08 -6.40
CA VAL B 298 12.41 -0.71 -5.19
C VAL B 298 11.74 -2.08 -5.34
N GLN B 299 10.55 -2.12 -5.95
CA GLN B 299 9.83 -3.38 -6.08
C GLN B 299 10.50 -4.32 -7.07
N ILE B 300 11.11 -3.78 -8.13
CA ILE B 300 11.84 -4.63 -9.06
C ILE B 300 13.07 -5.25 -8.38
N ILE B 301 13.77 -4.44 -7.58
CA ILE B 301 14.92 -4.96 -6.84
C ILE B 301 14.48 -6.02 -5.85
N ALA B 302 13.35 -5.79 -5.17
CA ALA B 302 12.89 -6.71 -4.14
C ALA B 302 12.45 -8.04 -4.74
N ASP B 303 11.67 -8.00 -5.83
CA ASP B 303 11.19 -9.23 -6.44
C ASP B 303 12.34 -10.07 -6.99
N LEU B 304 13.41 -9.43 -7.44
CA LEU B 304 14.56 -10.18 -7.93
C LEU B 304 15.40 -10.75 -6.79
N ALA B 305 15.41 -10.09 -5.64
CA ALA B 305 16.15 -10.58 -4.48
C ALA B 305 15.37 -11.60 -3.67
N GLY B 306 14.06 -11.75 -3.92
CA GLY B 306 13.25 -12.66 -3.14
C GLY B 306 12.89 -12.17 -1.77
N VAL B 307 12.88 -10.86 -1.54
CA VAL B 307 12.59 -10.27 -0.25
C VAL B 307 11.34 -9.41 -0.39
N LYS B 308 10.35 -9.66 0.47
CA LYS B 308 9.11 -8.88 0.45
C LYS B 308 9.37 -7.52 1.10
N VAL B 309 9.20 -6.46 0.32
CA VAL B 309 9.39 -5.09 0.78
C VAL B 309 8.03 -4.40 0.75
N PRO B 310 7.62 -3.72 1.82
CA PRO B 310 6.29 -3.09 1.84
C PRO B 310 6.13 -2.10 0.69
N GLU B 311 4.99 -2.21 0.00
CA GLU B 311 4.70 -1.29 -1.08
C GLU B 311 4.51 0.12 -0.53
N GLY B 312 5.09 1.09 -1.22
CA GLY B 312 5.22 2.44 -0.71
C GLY B 312 6.61 2.77 -0.20
N THR B 313 7.52 1.81 -0.20
CA THR B 313 8.89 2.06 0.23
C THR B 313 9.63 2.88 -0.81
N LYS B 314 10.38 3.88 -0.32
CA LYS B 314 11.12 4.77 -1.21
C LYS B 314 12.56 4.31 -1.45
N VAL B 315 13.26 3.86 -0.40
CA VAL B 315 14.65 3.43 -0.52
C VAL B 315 14.87 2.19 0.34
N ILE B 316 15.90 1.43 0.00
CA ILE B 316 16.33 0.26 0.75
C ILE B 316 17.64 0.60 1.43
N VAL B 317 17.67 0.46 2.76
CA VAL B 317 18.88 0.69 3.55
C VAL B 317 19.35 -0.65 4.08
N LEU B 318 20.55 -1.06 3.68
CA LEU B 318 21.12 -2.35 4.06
C LEU B 318 22.27 -2.13 5.04
N LYS B 319 22.27 -2.91 6.11
CA LYS B 319 23.39 -2.90 7.03
C LYS B 319 24.61 -3.54 6.36
N GLY B 320 25.72 -2.80 6.34
CA GLY B 320 26.92 -3.30 5.71
C GLY B 320 27.78 -4.13 6.65
N LYS B 321 28.56 -5.05 6.05
CA LYS B 321 29.50 -5.86 6.80
C LYS B 321 30.73 -5.09 7.27
N GLY B 322 30.97 -3.91 6.71
CA GLY B 322 32.11 -3.11 7.08
C GLY B 322 32.46 -2.11 5.99
N ALA B 323 33.26 -1.12 6.37
CA ALA B 323 33.61 -0.06 5.44
C ALA B 323 34.65 -0.54 4.43
N GLY B 324 34.61 0.05 3.23
CA GLY B 324 35.53 -0.28 2.16
C GLY B 324 35.40 -1.68 1.58
N GLU B 325 36.53 -2.38 1.45
CA GLU B 325 36.52 -3.70 0.84
C GLU B 325 35.79 -4.75 1.66
N LYS B 326 35.43 -4.44 2.92
CA LYS B 326 34.71 -5.41 3.73
C LYS B 326 33.31 -5.71 3.19
N ASP B 327 32.78 -4.85 2.31
CA ASP B 327 31.45 -5.07 1.76
C ASP B 327 31.40 -4.47 0.35
N VAL B 328 30.94 -5.26 -0.61
CA VAL B 328 30.79 -4.76 -1.97
C VAL B 328 29.67 -3.74 -2.06
N LEU B 329 28.77 -3.70 -1.07
CA LEU B 329 27.72 -2.69 -1.03
C LEU B 329 28.26 -1.28 -0.80
N CYS B 330 29.54 -1.15 -0.46
CA CYS B 330 30.14 0.17 -0.29
C CYS B 330 30.56 0.79 -1.62
N LYS B 331 30.50 0.05 -2.72
CA LYS B 331 30.76 0.60 -4.03
C LYS B 331 29.56 1.42 -4.51
N GLU B 332 29.68 1.98 -5.70
CA GLU B 332 28.60 2.77 -6.26
C GLU B 332 27.39 1.88 -6.58
N LYS B 333 26.21 2.34 -6.19
CA LYS B 333 24.97 1.61 -6.41
C LYS B 333 24.02 2.52 -7.20
N MET B 334 23.82 2.21 -8.47
CA MET B 334 22.97 3.02 -9.35
C MET B 334 21.51 2.57 -9.25
N CYS B 335 21.00 2.62 -8.03
CA CYS B 335 19.64 2.21 -7.69
C CYS B 335 19.35 2.67 -6.27
N PRO B 336 18.09 2.89 -5.93
CA PRO B 336 17.76 3.45 -4.60
C PRO B 336 18.08 2.51 -3.45
N VAL B 337 19.36 2.16 -3.29
CA VAL B 337 19.82 1.29 -2.22
C VAL B 337 20.95 1.99 -1.49
N LEU B 338 20.82 2.14 -0.18
CA LEU B 338 21.84 2.72 0.68
C LEU B 338 22.49 1.63 1.51
N VAL B 339 23.71 1.92 1.98
CA VAL B 339 24.40 1.08 2.94
C VAL B 339 24.59 1.88 4.22
N ALA B 340 24.31 1.26 5.36
CA ALA B 340 24.40 1.92 6.65
C ALA B 340 25.64 1.44 7.40
N LEU B 341 26.35 2.37 8.03
CA LEU B 341 27.57 2.08 8.75
C LEU B 341 27.63 2.92 10.02
N LYS B 342 28.26 2.36 11.06
CA LYS B 342 28.35 2.98 12.36
C LYS B 342 29.73 3.60 12.58
N TYR B 343 29.78 4.64 13.40
CA TYR B 343 31.04 5.24 13.83
C TYR B 343 30.93 5.68 15.26
N ASP B 344 32.03 5.56 16.00
CA ASP B 344 32.07 5.98 17.40
C ASP B 344 32.50 7.44 17.54
N THR B 345 33.47 7.87 16.75
CA THR B 345 33.92 9.26 16.72
C THR B 345 33.80 9.80 15.30
N PHE B 346 33.59 11.13 15.21
CA PHE B 346 33.44 11.74 13.89
C PHE B 346 34.69 11.57 13.05
N GLU B 347 35.86 11.46 13.69
CA GLU B 347 37.08 11.13 12.97
C GLU B 347 36.95 9.79 12.26
N GLU B 348 36.37 8.80 12.95
CA GLU B 348 36.15 7.49 12.33
C GLU B 348 35.15 7.57 11.20
N ALA B 349 34.15 8.45 11.31
CA ALA B 349 33.19 8.63 10.22
C ALA B 349 33.89 9.11 8.95
N VAL B 350 34.84 10.04 9.08
CA VAL B 350 35.59 10.51 7.93
C VAL B 350 36.47 9.39 7.38
N GLU B 351 37.06 8.59 8.27
CA GLU B 351 37.86 7.45 7.82
C GLU B 351 37.02 6.43 7.07
N ILE B 352 35.78 6.22 7.52
CA ILE B 352 34.88 5.31 6.82
C ILE B 352 34.59 5.82 5.42
N ALA B 353 34.23 7.11 5.31
CA ALA B 353 34.01 7.70 4.01
C ALA B 353 35.28 7.64 3.16
N MET B 354 36.44 7.89 3.78
CA MET B 354 37.70 7.81 3.06
C MET B 354 37.94 6.41 2.51
N ALA B 355 37.65 5.38 3.31
CA ALA B 355 37.86 4.01 2.86
C ALA B 355 36.95 3.67 1.69
N ASN B 356 35.72 4.19 1.70
CA ASN B 356 34.80 3.90 0.60
C ASN B 356 35.19 4.66 -0.66
N TYR B 357 35.78 5.85 -0.52
CA TYR B 357 36.24 6.58 -1.71
C TYR B 357 37.46 5.91 -2.32
N MET B 358 38.36 5.38 -1.48
CA MET B 358 39.47 4.59 -2.00
C MET B 358 38.96 3.33 -2.69
N TYR B 359 37.79 2.83 -2.28
CA TYR B 359 37.18 1.69 -2.96
C TYR B 359 36.65 2.09 -4.33
N GLU B 360 35.86 3.16 -4.39
CA GLU B 360 35.33 3.66 -5.65
C GLU B 360 34.78 5.06 -5.45
N GLY B 361 34.95 5.91 -6.45
CA GLY B 361 34.29 7.21 -6.47
C GLY B 361 35.09 8.37 -5.92
N ALA B 362 36.40 8.22 -5.76
CA ALA B 362 37.20 9.30 -5.19
C ALA B 362 37.22 10.52 -6.11
N GLY B 363 37.05 11.69 -5.51
CA GLY B 363 37.09 12.94 -6.24
C GLY B 363 35.73 13.53 -6.56
N HIS B 364 34.64 12.81 -6.33
CA HIS B 364 33.32 13.28 -6.72
C HIS B 364 32.67 14.12 -5.63
N THR B 365 31.61 13.59 -5.03
CA THR B 365 30.75 14.34 -4.13
C THR B 365 30.60 13.60 -2.80
N ALA B 366 30.46 14.38 -1.73
CA ALA B 366 30.10 13.86 -0.43
C ALA B 366 28.99 14.71 0.17
N GLY B 367 28.23 14.12 1.08
CA GLY B 367 27.20 14.83 1.80
C GLY B 367 27.44 14.77 3.29
N ILE B 368 26.92 15.76 4.00
CA ILE B 368 27.01 15.79 5.45
C ILE B 368 25.81 16.56 5.99
N HIS B 369 25.32 16.13 7.15
CA HIS B 369 24.19 16.78 7.81
C HIS B 369 24.60 17.05 9.26
N SER B 370 24.87 18.31 9.56
CA SER B 370 25.48 18.65 10.84
C SER B 370 25.21 20.12 11.15
N ASP B 371 25.10 20.41 12.45
CA ASP B 371 25.08 21.77 12.95
C ASP B 371 26.42 22.18 13.53
N ASN B 372 27.40 21.27 13.55
CA ASN B 372 28.74 21.56 14.05
C ASN B 372 29.59 21.99 12.86
N ASP B 373 29.77 23.30 12.70
CA ASP B 373 30.55 23.81 11.58
C ASP B 373 32.01 23.37 11.67
N GLU B 374 32.48 23.08 12.88
CA GLU B 374 33.85 22.58 13.05
C GLU B 374 34.04 21.23 12.38
N ASN B 375 33.08 20.32 12.54
CA ASN B 375 33.17 19.03 11.89
C ASN B 375 32.97 19.14 10.39
N ILE B 376 32.16 20.11 9.94
CA ILE B 376 31.91 20.27 8.51
C ILE B 376 33.18 20.67 7.78
N ARG B 377 33.95 21.60 8.36
CA ARG B 377 35.16 22.07 7.71
C ARG B 377 36.26 21.01 7.71
N TYR B 378 36.27 20.13 8.72
CA TYR B 378 37.26 19.06 8.73
C TYR B 378 36.98 18.03 7.65
N ALA B 379 35.70 17.71 7.43
CA ALA B 379 35.35 16.76 6.38
C ALA B 379 35.76 17.28 5.00
N GLY B 380 35.50 18.57 4.75
CA GLY B 380 35.88 19.15 3.47
C GLY B 380 37.37 19.34 3.30
N THR B 381 38.12 19.40 4.40
CA THR B 381 39.56 19.62 4.33
C THR B 381 40.31 18.36 3.91
N VAL B 382 39.92 17.20 4.45
CA VAL B 382 40.70 15.99 4.31
C VAL B 382 40.11 14.98 3.33
N LEU B 383 38.82 15.07 3.02
CA LEU B 383 38.21 14.04 2.18
C LEU B 383 38.58 14.26 0.71
N PRO B 384 38.82 13.18 -0.04
CA PRO B 384 39.15 13.29 -1.48
C PRO B 384 37.91 13.50 -2.34
N ILE B 385 37.36 14.72 -2.27
CA ILE B 385 36.12 15.07 -2.96
C ILE B 385 36.27 16.46 -3.57
N SER B 386 35.52 16.69 -4.63
CA SER B 386 35.44 18.02 -5.22
C SER B 386 34.28 18.84 -4.66
N ARG B 387 33.27 18.19 -4.11
CA ARG B 387 32.08 18.86 -3.61
C ARG B 387 31.64 18.22 -2.30
N LEU B 388 31.21 19.05 -1.36
CA LEU B 388 30.70 18.59 -0.07
C LEU B 388 29.39 19.32 0.21
N VAL B 389 28.28 18.63 0.01
CA VAL B 389 26.95 19.22 0.15
C VAL B 389 26.54 19.15 1.62
N VAL B 390 26.02 20.26 2.15
CA VAL B 390 25.76 20.41 3.57
C VAL B 390 24.27 20.66 3.79
N ASN B 391 23.63 19.77 4.55
CA ASN B 391 22.25 19.93 5.01
C ASN B 391 21.26 20.07 3.85
N GLN B 392 21.47 19.27 2.81
CA GLN B 392 20.60 19.24 1.64
C GLN B 392 20.88 17.98 0.87
N PRO B 393 19.98 17.56 -0.03
CA PRO B 393 20.24 16.36 -0.82
C PRO B 393 21.53 16.49 -1.62
N ALA B 394 22.34 15.42 -1.60
CA ALA B 394 23.60 15.43 -2.33
C ALA B 394 23.40 15.58 -3.82
N THR B 395 22.22 15.27 -4.33
CA THR B 395 21.92 15.46 -5.75
C THR B 395 21.84 16.93 -6.14
N THR B 396 21.90 17.85 -5.17
CA THR B 396 21.96 19.27 -5.45
C THR B 396 23.39 19.76 -5.69
N ALA B 397 24.36 18.83 -5.74
CA ALA B 397 25.74 19.23 -6.02
C ALA B 397 25.89 19.76 -7.44
N GLY B 398 25.05 19.31 -8.36
CA GLY B 398 25.03 19.77 -9.73
C GLY B 398 24.33 21.09 -9.93
N GLY B 399 23.87 21.75 -8.87
CA GLY B 399 23.25 23.05 -8.99
C GLY B 399 21.82 23.11 -8.50
N SER B 400 21.50 24.17 -7.75
CA SER B 400 20.14 24.40 -7.29
C SER B 400 20.00 25.89 -6.97
N PHE B 401 18.76 26.34 -6.90
CA PHE B 401 18.53 27.74 -6.56
C PHE B 401 18.75 28.04 -5.08
N ASN B 402 19.24 27.09 -4.29
CA ASN B 402 19.45 27.28 -2.87
C ASN B 402 20.88 27.01 -2.42
N ASN B 403 21.78 26.63 -3.33
CA ASN B 403 23.19 26.53 -2.98
C ASN B 403 24.05 27.33 -3.96
N GLY B 404 25.36 27.25 -3.81
CA GLY B 404 26.29 28.00 -4.65
C GLY B 404 27.04 27.22 -5.70
N PHE B 405 26.78 25.92 -5.86
CA PHE B 405 27.45 25.16 -6.91
C PHE B 405 27.03 25.64 -8.28
N ASN B 406 27.98 25.66 -9.21
CA ASN B 406 27.67 26.09 -10.57
C ASN B 406 26.83 25.02 -11.28
N PRO B 407 25.67 25.39 -11.83
CA PRO B 407 24.80 24.37 -12.45
C PRO B 407 25.43 23.78 -13.69
N THR B 408 25.26 22.47 -13.85
CA THR B 408 25.85 21.73 -14.96
C THR B 408 25.23 20.34 -15.00
N THR B 409 25.63 19.57 -16.02
CA THR B 409 25.38 18.14 -16.07
C THR B 409 26.68 17.35 -16.14
N THR B 410 27.83 18.03 -16.09
CA THR B 410 29.14 17.40 -16.18
C THR B 410 29.93 17.80 -14.93
N LEU B 411 30.07 16.86 -13.99
CA LEU B 411 30.75 17.12 -12.71
C LEU B 411 32.14 16.51 -12.77
N GLY B 412 33.15 17.38 -12.82
CA GLY B 412 34.52 16.90 -12.80
C GLY B 412 34.92 16.40 -11.43
N CYS B 413 35.80 15.40 -11.42
CA CYS B 413 36.21 14.75 -10.20
C CYS B 413 37.71 14.90 -9.95
N GLY B 414 38.32 15.93 -10.51
CA GLY B 414 39.70 16.29 -10.26
C GLY B 414 40.67 15.19 -10.64
N SER B 415 41.84 15.24 -9.99
CA SER B 415 42.89 14.28 -10.28
C SER B 415 42.53 12.88 -9.77
N TRP B 416 41.71 12.79 -8.72
CA TRP B 416 41.28 11.49 -8.21
C TRP B 416 40.51 10.72 -9.27
N GLY B 417 39.52 11.35 -9.89
CA GLY B 417 38.75 10.76 -10.96
C GLY B 417 39.40 10.81 -12.31
N ARG B 418 40.70 11.12 -12.37
CA ARG B 418 41.44 11.23 -13.63
C ARG B 418 40.81 12.28 -14.55
N ASN B 419 40.46 13.43 -13.99
CA ASN B 419 39.85 14.51 -14.73
C ASN B 419 40.70 15.77 -14.61
N SER B 420 40.50 16.71 -15.54
CA SER B 420 41.31 17.91 -15.59
C SER B 420 40.83 19.00 -14.65
N ILE B 421 39.57 18.95 -14.20
CA ILE B 421 39.04 19.93 -13.27
C ILE B 421 38.37 19.23 -12.11
N SER B 422 38.44 19.86 -10.94
CA SER B 422 37.77 19.36 -9.74
C SER B 422 36.56 20.22 -9.41
N GLU B 423 35.72 20.49 -10.41
CA GLU B 423 34.58 21.38 -10.22
C GLU B 423 33.56 21.10 -11.31
N ASN B 424 32.43 21.80 -11.23
CA ASN B 424 31.37 21.66 -12.20
C ASN B 424 31.76 22.35 -13.51
N LEU B 425 31.52 21.67 -14.63
CA LEU B 425 31.89 22.20 -15.93
C LEU B 425 30.91 23.29 -16.37
N THR B 426 31.44 24.48 -16.69
CA THR B 426 30.61 25.57 -17.15
C THR B 426 31.11 26.17 -18.45
N TYR B 427 30.53 27.30 -18.84
CA TYR B 427 31.01 28.07 -20.00
C TYR B 427 32.48 28.45 -19.85
N GLU B 428 32.94 28.62 -18.61
CA GLU B 428 34.30 29.10 -18.36
C GLU B 428 35.35 28.17 -18.96
N HIS B 429 35.08 26.87 -18.97
CA HIS B 429 36.07 25.89 -19.39
C HIS B 429 36.07 25.64 -20.89
N LEU B 430 35.23 26.34 -21.65
CA LEU B 430 35.15 26.15 -23.10
C LEU B 430 35.60 27.39 -23.87
N ILE B 431 36.34 28.30 -23.23
CA ILE B 431 36.91 29.46 -23.88
C ILE B 431 38.37 29.58 -23.49
N ASN B 432 39.16 30.15 -24.39
CA ASN B 432 40.55 30.48 -24.13
C ASN B 432 40.62 31.90 -23.58
N VAL B 433 40.94 32.05 -22.30
CA VAL B 433 41.09 33.36 -21.70
C VAL B 433 42.49 33.88 -22.00
N SER B 434 42.58 34.97 -22.73
CA SER B 434 43.86 35.56 -23.13
C SER B 434 44.06 36.90 -22.43
N ARG B 435 45.33 37.26 -22.23
CA ARG B 435 45.70 38.46 -21.52
C ARG B 435 46.54 39.37 -22.40
N ILE B 436 46.26 40.67 -22.35
CA ILE B 436 47.08 41.65 -23.04
C ILE B 436 48.29 41.95 -22.16
N GLY B 437 48.09 42.75 -21.11
CA GLY B 437 49.20 43.05 -20.23
C GLY B 437 50.13 44.12 -20.75
N TYR B 438 50.08 45.29 -20.14
CA TYR B 438 50.89 46.42 -20.58
C TYR B 438 52.17 46.48 -19.77
N PHE B 439 52.96 47.53 -19.97
CA PHE B 439 54.23 47.71 -19.28
C PHE B 439 54.00 48.59 -18.06
N ASN B 440 54.00 47.98 -16.87
CA ASN B 440 53.81 48.72 -15.63
C ASN B 440 55.15 49.34 -15.23
N LYS B 441 55.25 50.67 -15.33
CA LYS B 441 56.49 51.37 -15.04
C LYS B 441 56.65 51.75 -13.58
N GLU B 442 55.53 51.94 -12.86
CA GLU B 442 55.61 52.34 -11.47
C GLU B 442 56.14 51.24 -10.56
N ALA B 443 56.09 49.98 -11.02
CA ALA B 443 56.59 48.88 -10.20
C ALA B 443 58.10 48.91 -10.09
N LYS B 444 58.62 48.56 -8.93
CA LYS B 444 60.05 48.54 -8.66
C LYS B 444 60.56 47.09 -8.70
N VAL B 445 61.81 46.95 -9.14
CA VAL B 445 62.45 45.64 -9.19
C VAL B 445 63.03 45.33 -7.81
N PRO B 446 62.54 44.28 -7.13
CA PRO B 446 63.06 43.97 -5.80
C PRO B 446 64.51 43.55 -5.85
N SER B 447 65.27 43.95 -4.82
CA SER B 447 66.67 43.58 -4.70
C SER B 447 66.78 42.16 -4.14
N TYR B 448 68.02 41.72 -3.93
CA TYR B 448 68.24 40.40 -3.34
C TYR B 448 67.59 40.29 -1.97
N GLU B 449 67.63 41.36 -1.19
CA GLU B 449 67.05 41.32 0.15
C GLU B 449 65.53 41.40 0.09
N GLU B 450 64.98 42.11 -0.89
CA GLU B 450 63.53 42.19 -1.02
C GLU B 450 62.94 40.90 -1.57
N ILE B 451 63.75 40.04 -2.18
CA ILE B 451 63.25 38.82 -2.79
C ILE B 451 63.39 37.65 -1.81
N TRP B 452 64.60 37.43 -1.31
CA TRP B 452 64.89 36.27 -0.47
C TRP B 452 65.06 36.63 1.00
N GLY B 453 64.86 37.88 1.39
CA GLY B 453 65.03 38.26 2.78
C GLY B 453 63.73 38.62 3.48
N VAL C 5 -39.21 -7.29 33.36
CA VAL C 5 -39.08 -8.65 33.89
C VAL C 5 -37.87 -8.71 34.84
N SER C 6 -38.13 -9.11 36.08
CA SER C 6 -37.07 -9.18 37.08
C SER C 6 -36.38 -10.54 37.02
N ILE C 7 -35.35 -10.70 37.85
CA ILE C 7 -34.57 -11.94 37.85
C ILE C 7 -35.40 -13.10 38.37
N LYS C 8 -36.18 -12.86 39.43
CA LYS C 8 -36.99 -13.93 40.02
C LYS C 8 -37.95 -14.53 39.00
N GLU C 9 -38.56 -13.69 38.17
CA GLU C 9 -39.46 -14.21 37.15
C GLU C 9 -38.71 -15.04 36.11
N LEU C 10 -37.52 -14.58 35.69
CA LEU C 10 -36.73 -15.34 34.74
C LEU C 10 -36.27 -16.66 35.34
N ILE C 11 -35.93 -16.66 36.63
CA ILE C 11 -35.48 -17.90 37.27
C ILE C 11 -36.62 -18.92 37.31
N GLU C 12 -37.82 -18.48 37.69
CA GLU C 12 -38.94 -19.40 37.78
C GLU C 12 -39.35 -19.91 36.40
N LYS C 13 -39.28 -19.06 35.38
CA LYS C 13 -39.54 -19.50 34.02
C LYS C 13 -38.53 -20.55 33.58
N ALA C 14 -37.28 -20.43 34.03
CA ALA C 14 -36.25 -21.38 33.61
C ALA C 14 -36.44 -22.74 34.28
N LYS C 15 -36.89 -22.74 35.54
CA LYS C 15 -37.14 -24.00 36.22
C LYS C 15 -38.32 -24.75 35.59
N VAL C 16 -39.37 -24.03 35.21
CA VAL C 16 -40.49 -24.65 34.52
C VAL C 16 -40.05 -25.28 33.22
N ALA C 17 -39.19 -24.57 32.47
CA ALA C 17 -38.70 -25.11 31.20
C ALA C 17 -37.71 -26.25 31.43
N GLN C 18 -36.89 -26.14 32.48
CA GLN C 18 -35.90 -27.19 32.75
C GLN C 18 -36.59 -28.48 33.18
N LYS C 19 -37.68 -28.38 33.93
CA LYS C 19 -38.40 -29.57 34.35
C LYS C 19 -39.00 -30.29 33.15
N LYS C 20 -39.45 -29.54 32.14
CA LYS C 20 -39.96 -30.16 30.93
C LYS C 20 -38.83 -30.76 30.10
N LEU C 21 -37.75 -30.00 29.91
CA LEU C 21 -36.62 -30.47 29.13
C LEU C 21 -35.96 -31.70 29.76
N GLU C 22 -36.10 -31.90 31.06
CA GLU C 22 -35.51 -33.07 31.69
C GLU C 22 -36.16 -34.36 31.23
N ALA C 23 -37.39 -34.29 30.71
CA ALA C 23 -38.06 -35.46 30.17
C ALA C 23 -37.57 -35.83 28.77
N TYR C 24 -36.67 -35.03 28.19
CA TYR C 24 -36.17 -35.32 26.84
C TYR C 24 -35.20 -36.49 26.86
N SER C 25 -35.16 -37.20 25.74
CA SER C 25 -34.20 -38.28 25.56
C SER C 25 -32.89 -37.73 25.02
N GLN C 26 -31.94 -38.63 24.76
CA GLN C 26 -30.67 -38.20 24.20
C GLN C 26 -30.83 -37.68 22.78
N GLU C 27 -31.54 -38.44 21.94
CA GLU C 27 -31.74 -38.05 20.55
C GLU C 27 -32.60 -36.80 20.42
N GLN C 28 -33.38 -36.45 21.45
CA GLN C 28 -34.24 -35.29 21.37
C GLN C 28 -33.50 -34.00 21.71
N VAL C 29 -32.53 -34.05 22.61
CA VAL C 29 -31.72 -32.86 22.87
C VAL C 29 -30.64 -32.68 21.81
N ASP C 30 -30.23 -33.77 21.14
CA ASP C 30 -29.26 -33.65 20.05
C ASP C 30 -29.83 -32.82 18.90
N VAL C 31 -31.12 -32.99 18.62
CA VAL C 31 -31.76 -32.21 17.56
C VAL C 31 -31.74 -30.73 17.90
N LEU C 32 -32.04 -30.39 19.14
CA LEU C 32 -32.06 -28.99 19.55
C LEU C 32 -30.65 -28.39 19.54
N VAL C 33 -29.67 -29.13 20.04
CA VAL C 33 -28.30 -28.62 20.10
C VAL C 33 -27.75 -28.39 18.70
N LYS C 34 -28.02 -29.31 17.78
CA LYS C 34 -27.53 -29.16 16.41
C LYS C 34 -28.10 -27.91 15.75
N ALA C 35 -29.40 -27.65 15.95
CA ALA C 35 -30.02 -26.48 15.34
C ALA C 35 -29.53 -25.17 15.96
N LEU C 36 -29.02 -25.20 17.19
CA LEU C 36 -28.51 -23.99 17.80
C LEU C 36 -27.19 -23.56 17.15
N GLY C 37 -26.29 -24.51 16.91
CA GLY C 37 -25.06 -24.17 16.23
C GLY C 37 -25.27 -23.85 14.75
N LYS C 38 -26.17 -24.59 14.11
CA LYS C 38 -26.37 -24.40 12.67
C LYS C 38 -26.93 -23.02 12.35
N VAL C 39 -27.73 -22.44 13.24
CA VAL C 39 -28.32 -21.13 12.96
C VAL C 39 -27.28 -20.03 13.09
N VAL C 40 -26.29 -20.21 13.98
CA VAL C 40 -25.18 -19.26 14.03
C VAL C 40 -24.28 -19.43 12.82
N TYR C 41 -24.13 -20.66 12.34
CA TYR C 41 -23.34 -20.89 11.14
C TYR C 41 -24.00 -20.26 9.92
N ASP C 42 -25.31 -20.45 9.77
CA ASP C 42 -26.01 -19.94 8.59
C ASP C 42 -26.07 -18.43 8.56
N ASN C 43 -26.14 -17.78 9.72
CA ASN C 43 -26.21 -16.33 9.82
C ASN C 43 -24.91 -15.71 10.33
N ALA C 44 -23.78 -16.33 9.98
CA ALA C 44 -22.49 -15.86 10.49
C ALA C 44 -22.18 -14.46 9.97
N GLU C 45 -22.53 -14.18 8.72
CA GLU C 45 -22.23 -12.87 8.14
C GLU C 45 -23.00 -11.76 8.84
N MET C 46 -24.30 -11.97 9.06
CA MET C 46 -25.11 -10.95 9.72
C MET C 46 -24.66 -10.73 11.17
N PHE C 47 -24.34 -11.82 11.88
CA PHE C 47 -23.87 -11.68 13.26
C PHE C 47 -22.52 -10.97 13.30
N ALA C 48 -21.63 -11.28 12.36
CA ALA C 48 -20.30 -10.68 12.37
C ALA C 48 -20.36 -9.18 12.12
N LYS C 49 -21.25 -8.75 11.22
CA LYS C 49 -21.37 -7.31 10.93
C LYS C 49 -21.92 -6.56 12.13
N GLU C 50 -22.98 -7.09 12.75
CA GLU C 50 -23.57 -6.44 13.91
C GLU C 50 -22.59 -6.41 15.08
N ALA C 51 -21.85 -7.50 15.29
CA ALA C 51 -20.89 -7.55 16.38
C ALA C 51 -19.77 -6.53 16.21
N VAL C 52 -19.38 -6.25 14.97
CA VAL C 52 -18.30 -5.30 14.73
C VAL C 52 -18.80 -3.86 14.92
N GLU C 53 -20.00 -3.55 14.42
CA GLU C 53 -20.49 -2.18 14.50
C GLU C 53 -20.97 -1.82 15.91
N GLU C 54 -21.49 -2.80 16.66
CA GLU C 54 -22.00 -2.49 18.00
C GLU C 54 -20.86 -2.45 19.02
N THR C 55 -20.02 -3.47 19.05
CA THR C 55 -18.91 -3.48 20.00
C THR C 55 -17.79 -2.54 19.59
N GLU C 56 -17.78 -2.09 18.33
CA GLU C 56 -16.78 -1.15 17.82
C GLU C 56 -15.37 -1.72 17.95
N MET C 57 -15.24 -3.02 17.75
CA MET C 57 -13.94 -3.68 17.81
C MET C 57 -14.04 -5.00 17.05
N GLY C 58 -12.89 -5.46 16.56
CA GLY C 58 -12.79 -6.72 15.87
C GLY C 58 -12.73 -6.57 14.36
N VAL C 59 -12.67 -7.71 13.70
CA VAL C 59 -12.58 -7.79 12.24
C VAL C 59 -13.74 -8.64 11.74
N TYR C 60 -14.46 -8.12 10.74
CA TYR C 60 -15.63 -8.82 10.22
C TYR C 60 -15.27 -10.18 9.65
N GLU C 61 -14.22 -10.23 8.82
CA GLU C 61 -13.82 -11.49 8.20
C GLU C 61 -13.43 -12.53 9.25
N ASP C 62 -12.86 -12.09 10.37
CA ASP C 62 -12.47 -13.01 11.42
C ASP C 62 -13.65 -13.47 12.26
N LYS C 63 -14.65 -12.60 12.45
CA LYS C 63 -15.85 -13.01 13.17
C LYS C 63 -16.74 -13.93 12.34
N VAL C 64 -16.65 -13.88 11.02
CA VAL C 64 -17.31 -14.88 10.19
C VAL C 64 -16.63 -16.23 10.35
N ALA C 65 -15.29 -16.25 10.32
CA ALA C 65 -14.56 -17.49 10.54
C ALA C 65 -14.75 -18.00 11.96
N LYS C 66 -15.00 -17.10 12.92
CA LYS C 66 -15.26 -17.52 14.28
C LYS C 66 -16.58 -18.27 14.38
N CYS C 67 -17.65 -17.69 13.84
CA CYS C 67 -18.96 -18.35 13.90
C CYS C 67 -18.97 -19.66 13.13
N HIS C 68 -18.31 -19.68 11.96
CA HIS C 68 -18.24 -20.92 11.18
C HIS C 68 -17.49 -22.00 11.93
N LEU C 69 -16.41 -21.64 12.62
CA LEU C 69 -15.59 -22.64 13.30
C LEU C 69 -16.24 -23.10 14.60
N LYS C 70 -16.66 -22.17 15.45
CA LYS C 70 -17.18 -22.53 16.76
C LYS C 70 -18.43 -23.38 16.65
N SER C 71 -19.37 -22.96 15.80
CA SER C 71 -20.64 -23.69 15.70
C SER C 71 -20.43 -25.09 15.16
N GLY C 72 -19.59 -25.25 14.13
CA GLY C 72 -19.34 -26.54 13.52
C GLY C 72 -18.48 -27.46 14.35
N ALA C 73 -17.42 -26.91 14.96
CA ALA C 73 -16.51 -27.76 15.74
C ALA C 73 -17.15 -28.25 17.03
N ILE C 74 -18.00 -27.44 17.66
CA ILE C 74 -18.63 -27.87 18.90
C ILE C 74 -19.68 -28.94 18.62
N TRP C 75 -20.49 -28.75 17.57
CA TRP C 75 -21.48 -29.78 17.23
C TRP C 75 -20.80 -31.07 16.81
N ASN C 76 -19.75 -30.98 15.99
CA ASN C 76 -19.03 -32.18 15.60
C ASN C 76 -18.35 -32.87 16.77
N HIS C 77 -18.15 -32.16 17.88
CA HIS C 77 -17.53 -32.73 19.06
C HIS C 77 -18.54 -33.36 20.01
N ILE C 78 -19.74 -32.81 20.11
CA ILE C 78 -20.74 -33.28 21.06
C ILE C 78 -21.89 -34.00 20.37
N LYS C 79 -21.75 -34.33 19.08
CA LYS C 79 -22.87 -34.94 18.36
C LYS C 79 -23.15 -36.35 18.85
N ASP C 80 -22.10 -37.09 19.23
CA ASP C 80 -22.24 -38.49 19.63
C ASP C 80 -21.90 -38.72 21.09
N LYS C 81 -21.89 -37.67 21.90
CA LYS C 81 -21.63 -37.80 23.33
C LYS C 81 -22.94 -38.06 24.07
N LYS C 82 -22.90 -38.98 25.03
CA LYS C 82 -24.08 -39.41 25.76
C LYS C 82 -24.18 -38.67 27.08
N THR C 83 -25.25 -37.88 27.24
CA THR C 83 -25.41 -36.99 28.38
C THR C 83 -26.77 -37.13 29.06
N VAL C 84 -27.53 -38.19 28.76
CA VAL C 84 -28.88 -38.36 29.30
C VAL C 84 -28.99 -39.77 29.87
N GLY C 85 -29.34 -39.87 31.15
CA GLY C 85 -29.57 -41.17 31.75
C GLY C 85 -28.29 -41.93 32.01
N ILE C 86 -28.37 -43.25 31.89
CA ILE C 86 -27.22 -44.12 32.09
C ILE C 86 -26.29 -44.00 30.89
N ILE C 87 -25.05 -43.62 31.15
CA ILE C 87 -24.09 -43.30 30.08
C ILE C 87 -22.87 -44.20 30.08
N LYS C 88 -22.65 -44.99 31.13
CA LYS C 88 -21.43 -45.78 31.20
C LYS C 88 -21.64 -46.99 32.10
N GLU C 89 -21.11 -48.13 31.67
CA GLU C 89 -21.15 -49.38 32.44
C GLU C 89 -19.70 -49.78 32.72
N GLU C 90 -19.32 -49.77 33.99
CA GLU C 90 -17.96 -50.11 34.41
C GLU C 90 -18.02 -51.33 35.32
N PRO C 91 -18.17 -52.53 34.76
CA PRO C 91 -18.27 -53.73 35.61
C PRO C 91 -16.98 -54.07 36.33
N GLU C 92 -15.83 -53.55 35.86
CA GLU C 92 -14.58 -53.83 36.55
C GLU C 92 -14.57 -53.25 37.96
N ARG C 93 -15.26 -52.11 38.15
CA ARG C 93 -15.41 -51.53 39.47
C ARG C 93 -16.82 -51.69 40.03
N ALA C 94 -17.68 -52.44 39.32
CA ALA C 94 -19.07 -52.62 39.70
C ALA C 94 -19.76 -51.27 39.86
N LEU C 95 -19.63 -50.43 38.84
CA LEU C 95 -20.17 -49.08 38.84
C LEU C 95 -21.03 -48.85 37.61
N VAL C 96 -22.00 -47.95 37.75
CA VAL C 96 -22.83 -47.50 36.64
C VAL C 96 -22.96 -45.98 36.74
N TYR C 97 -22.66 -45.28 35.65
CA TYR C 97 -22.64 -43.82 35.63
C TYR C 97 -23.92 -43.29 35.01
N VAL C 98 -24.53 -42.30 35.65
CA VAL C 98 -25.79 -41.71 35.21
C VAL C 98 -25.59 -40.21 35.07
N ALA C 99 -26.03 -39.65 33.95
CA ALA C 99 -25.91 -38.22 33.67
C ALA C 99 -27.20 -37.52 34.07
N LYS C 100 -27.08 -36.50 34.92
CA LYS C 100 -28.22 -35.74 35.41
C LYS C 100 -28.00 -34.26 35.17
N PRO C 101 -29.05 -33.53 34.83
CA PRO C 101 -28.91 -32.08 34.63
C PRO C 101 -28.50 -31.39 35.94
N LYS C 102 -27.90 -30.20 35.78
CA LYS C 102 -27.55 -29.38 36.92
C LYS C 102 -28.60 -28.31 37.22
N GLY C 103 -29.55 -28.09 36.33
CA GLY C 103 -30.61 -27.12 36.56
C GLY C 103 -30.50 -25.89 35.69
N VAL C 104 -30.73 -24.73 36.28
CA VAL C 104 -30.70 -23.45 35.57
C VAL C 104 -29.26 -22.95 35.53
N VAL C 105 -28.82 -22.52 34.34
CA VAL C 105 -27.47 -22.02 34.12
C VAL C 105 -27.54 -20.51 33.96
N ALA C 106 -26.71 -19.79 34.70
CA ALA C 106 -26.55 -18.35 34.53
C ALA C 106 -25.25 -18.10 33.77
N ALA C 107 -25.38 -17.49 32.60
CA ALA C 107 -24.25 -17.26 31.70
C ALA C 107 -24.08 -15.78 31.45
N THR C 108 -22.93 -15.23 31.86
CA THR C 108 -22.54 -13.86 31.55
C THR C 108 -21.53 -13.90 30.40
N THR C 109 -21.85 -13.23 29.31
CA THR C 109 -21.11 -13.33 28.06
C THR C 109 -20.26 -12.08 27.82
N PRO C 110 -19.19 -12.18 27.04
CA PRO C 110 -18.26 -11.07 26.89
C PRO C 110 -18.57 -10.17 25.69
N ILE C 111 -17.80 -9.09 25.58
CA ILE C 111 -17.92 -8.16 24.46
C ILE C 111 -17.07 -8.60 23.27
N THR C 112 -16.07 -9.46 23.48
CA THR C 112 -15.20 -9.88 22.39
C THR C 112 -15.80 -11.04 21.60
N ASN C 113 -16.64 -11.86 22.24
CA ASN C 113 -17.34 -12.96 21.58
C ASN C 113 -18.82 -12.92 21.92
N PRO C 114 -19.53 -11.86 21.53
CA PRO C 114 -20.92 -11.72 21.96
C PRO C 114 -21.89 -12.65 21.26
N VAL C 115 -21.45 -13.36 20.21
CA VAL C 115 -22.33 -14.23 19.45
C VAL C 115 -22.06 -15.69 19.80
N VAL C 116 -20.80 -16.11 19.66
CA VAL C 116 -20.47 -17.51 19.83
C VAL C 116 -20.52 -17.96 21.29
N THR C 117 -20.37 -17.03 22.24
CA THR C 117 -20.42 -17.43 23.64
C THR C 117 -21.84 -17.77 24.09
N PRO C 118 -22.87 -16.96 23.79
CA PRO C 118 -24.24 -17.44 24.08
C PRO C 118 -24.57 -18.73 23.36
N MET C 119 -24.06 -18.91 22.14
CA MET C 119 -24.30 -20.15 21.41
C MET C 119 -23.63 -21.33 22.10
N CYS C 120 -22.33 -21.21 22.39
CA CYS C 120 -21.60 -22.32 22.97
C CYS C 120 -22.13 -22.67 24.36
N ASN C 121 -22.40 -21.67 25.19
CA ASN C 121 -22.92 -21.93 26.53
C ASN C 121 -24.29 -22.59 26.47
N ALA C 122 -25.16 -22.11 25.56
CA ALA C 122 -26.49 -22.71 25.45
C ALA C 122 -26.41 -24.11 24.85
N MET C 123 -25.47 -24.36 23.93
CA MET C 123 -25.30 -25.69 23.38
C MET C 123 -24.89 -26.68 24.47
N ALA C 124 -23.93 -26.30 25.30
CA ALA C 124 -23.45 -27.19 26.35
C ALA C 124 -24.49 -27.41 27.43
N ALA C 125 -25.36 -26.42 27.67
CA ALA C 125 -26.38 -26.55 28.70
C ALA C 125 -27.53 -27.44 28.24
N ILE C 126 -28.11 -27.13 27.08
CA ILE C 126 -29.24 -27.90 26.58
C ILE C 126 -28.84 -29.33 26.29
N LYS C 127 -27.57 -29.57 25.96
CA LYS C 127 -27.09 -30.93 25.72
C LYS C 127 -27.34 -31.82 26.94
N GLY C 128 -27.22 -31.27 28.14
CA GLY C 128 -27.45 -32.05 29.35
C GLY C 128 -28.78 -31.72 30.03
N ARG C 129 -29.78 -31.35 29.24
CA ARG C 129 -31.13 -31.09 29.73
C ARG C 129 -31.15 -29.97 30.77
N ASN C 130 -30.34 -28.95 30.55
CA ASN C 130 -30.34 -27.76 31.38
C ASN C 130 -30.97 -26.60 30.62
N THR C 131 -31.43 -25.61 31.38
CA THR C 131 -31.81 -24.31 30.83
C THR C 131 -30.72 -23.30 31.13
N ILE C 132 -30.80 -22.14 30.47
CA ILE C 132 -29.74 -21.15 30.56
C ILE C 132 -30.37 -19.76 30.50
N ILE C 133 -29.84 -18.86 31.32
CA ILE C 133 -30.21 -17.45 31.31
C ILE C 133 -28.95 -16.64 30.98
N VAL C 134 -29.01 -15.89 29.89
CA VAL C 134 -27.85 -15.16 29.37
C VAL C 134 -27.89 -13.73 29.87
N ALA C 135 -26.76 -13.24 30.37
CA ALA C 135 -26.60 -11.85 30.76
C ALA C 135 -25.48 -11.24 29.93
N PRO C 136 -25.79 -10.53 28.85
CA PRO C 136 -24.75 -10.07 27.93
C PRO C 136 -24.01 -8.85 28.45
N HIS C 137 -22.93 -8.52 27.76
CA HIS C 137 -22.22 -7.29 28.06
C HIS C 137 -23.03 -6.10 27.58
N PRO C 138 -23.07 -5.00 28.35
CA PRO C 138 -23.90 -3.86 27.95
C PRO C 138 -23.57 -3.31 26.57
N LYS C 139 -22.30 -3.23 26.22
CA LYS C 139 -21.91 -2.75 24.89
C LYS C 139 -22.01 -3.83 23.82
N ALA C 140 -22.67 -4.95 24.12
CA ALA C 140 -22.90 -5.98 23.10
C ALA C 140 -24.24 -6.68 23.29
N LYS C 141 -25.19 -6.05 23.99
CA LYS C 141 -26.42 -6.74 24.35
C LYS C 141 -27.34 -6.93 23.14
N LYS C 142 -27.27 -6.06 22.15
CA LYS C 142 -28.18 -6.16 21.01
C LYS C 142 -27.84 -7.36 20.13
N VAL C 143 -26.55 -7.60 19.89
CA VAL C 143 -26.17 -8.72 19.04
C VAL C 143 -26.25 -10.04 19.79
N SER C 144 -26.03 -10.02 21.11
CA SER C 144 -26.22 -11.24 21.88
C SER C 144 -27.70 -11.60 22.00
N ALA C 145 -28.56 -10.59 22.13
CA ALA C 145 -30.00 -10.85 22.13
C ALA C 145 -30.48 -11.30 20.77
N HIS C 146 -29.90 -10.75 19.69
CA HIS C 146 -30.24 -11.21 18.36
C HIS C 146 -29.79 -12.66 18.15
N THR C 147 -28.67 -13.05 18.76
CA THR C 147 -28.25 -14.44 18.71
C THR C 147 -29.24 -15.33 19.48
N VAL C 148 -29.71 -14.87 20.63
CA VAL C 148 -30.68 -15.64 21.40
C VAL C 148 -32.02 -15.68 20.67
N GLU C 149 -32.41 -14.57 20.04
CA GLU C 149 -33.68 -14.54 19.30
C GLU C 149 -33.71 -15.62 18.23
N LEU C 150 -32.70 -15.64 17.35
CA LEU C 150 -32.67 -16.63 16.28
C LEU C 150 -32.47 -18.04 16.81
N MET C 151 -31.90 -18.20 18.01
CA MET C 151 -31.81 -19.53 18.60
C MET C 151 -33.16 -20.01 19.11
N ASN C 152 -33.92 -19.10 19.74
CA ASN C 152 -35.25 -19.47 20.24
C ASN C 152 -36.22 -19.72 19.10
N ALA C 153 -36.07 -19.00 17.98
CA ALA C 153 -36.95 -19.22 16.84
C ALA C 153 -36.73 -20.61 16.23
N GLU C 154 -35.50 -21.14 16.31
CA GLU C 154 -35.24 -22.49 15.84
C GLU C 154 -35.78 -23.53 16.82
N LEU C 155 -35.68 -23.25 18.11
CA LEU C 155 -36.19 -24.19 19.11
C LEU C 155 -37.71 -24.28 19.04
N LYS C 156 -38.38 -23.14 18.97
CA LYS C 156 -39.84 -23.14 18.88
C LYS C 156 -40.32 -23.84 17.62
N LYS C 157 -39.52 -23.79 16.55
CA LYS C 157 -39.85 -24.54 15.34
C LYS C 157 -39.78 -26.05 15.59
N LEU C 158 -38.85 -26.49 16.43
CA LEU C 158 -38.66 -27.89 16.73
C LEU C 158 -39.54 -28.39 17.87
N GLY C 159 -40.45 -27.55 18.36
CA GLY C 159 -41.32 -27.96 19.44
C GLY C 159 -40.67 -28.02 20.81
N ALA C 160 -39.59 -27.29 21.01
CA ALA C 160 -38.93 -27.28 22.31
C ALA C 160 -39.77 -26.51 23.32
N PRO C 161 -39.63 -26.81 24.61
CA PRO C 161 -40.36 -26.05 25.63
C PRO C 161 -39.92 -24.59 25.63
N GLU C 162 -40.87 -23.70 25.89
CA GLU C 162 -40.58 -22.28 25.86
C GLU C 162 -39.66 -21.90 27.02
N ASN C 163 -38.82 -20.90 26.77
CA ASN C 163 -37.95 -20.28 27.78
C ASN C 163 -36.84 -21.21 28.26
N ILE C 164 -36.39 -22.14 27.41
CA ILE C 164 -35.20 -22.90 27.77
C ILE C 164 -33.93 -22.09 27.51
N ILE C 165 -34.02 -21.03 26.72
CA ILE C 165 -32.95 -20.04 26.57
C ILE C 165 -33.57 -18.67 26.81
N GLN C 166 -33.04 -17.93 27.78
CA GLN C 166 -33.51 -16.59 28.09
C GLN C 166 -32.32 -15.64 28.19
N ILE C 167 -32.61 -14.35 28.12
CA ILE C 167 -31.59 -13.32 28.18
C ILE C 167 -32.08 -12.19 29.07
N VAL C 168 -31.15 -11.59 29.81
CA VAL C 168 -31.45 -10.47 30.70
C VAL C 168 -31.34 -9.18 29.90
N GLU C 169 -32.44 -8.44 29.82
CA GLU C 169 -32.42 -7.13 29.20
C GLU C 169 -31.97 -6.08 30.20
N ALA C 170 -31.15 -5.13 29.73
CA ALA C 170 -30.50 -4.13 30.57
C ALA C 170 -29.73 -4.82 31.68
N PRO C 171 -28.56 -5.41 31.38
CA PRO C 171 -27.83 -6.17 32.40
C PRO C 171 -27.34 -5.30 33.55
N SER C 172 -28.23 -5.06 34.52
CA SER C 172 -27.84 -4.29 35.70
C SER C 172 -26.91 -5.10 36.58
N ARG C 173 -25.95 -4.42 37.21
CA ARG C 173 -25.01 -5.10 38.09
C ARG C 173 -25.73 -5.69 39.30
N GLU C 174 -26.71 -4.97 39.84
CA GLU C 174 -27.53 -5.53 40.91
C GLU C 174 -28.36 -6.71 40.43
N ALA C 175 -28.83 -6.66 39.17
CA ALA C 175 -29.60 -7.77 38.63
C ALA C 175 -28.71 -8.95 38.31
N ALA C 176 -27.49 -8.70 37.82
CA ALA C 176 -26.56 -9.78 37.53
C ALA C 176 -26.12 -10.49 38.80
N LYS C 177 -26.03 -9.76 39.91
CA LYS C 177 -25.69 -10.40 41.18
C LYS C 177 -26.81 -11.33 41.64
N GLU C 178 -28.06 -10.90 41.50
CA GLU C 178 -29.19 -11.75 41.88
C GLU C 178 -29.30 -12.97 40.98
N LEU C 179 -28.94 -12.84 39.70
CA LEU C 179 -29.05 -13.96 38.78
C LEU C 179 -28.06 -15.07 39.14
N MET C 180 -26.81 -14.69 39.42
CA MET C 180 -25.80 -15.70 39.75
C MET C 180 -26.10 -16.39 41.07
N GLU C 181 -26.67 -15.67 42.03
CA GLU C 181 -27.00 -16.29 43.31
C GLU C 181 -28.24 -17.18 43.20
N SER C 182 -29.18 -16.83 42.31
CA SER C 182 -30.42 -17.58 42.20
C SER C 182 -30.30 -18.81 41.31
N ALA C 183 -29.34 -18.82 40.39
CA ALA C 183 -29.21 -19.95 39.48
C ALA C 183 -28.58 -21.16 40.20
N ASP C 184 -28.54 -22.28 39.50
CA ASP C 184 -27.98 -23.51 40.05
C ASP C 184 -26.48 -23.64 39.75
N VAL C 185 -26.06 -23.21 38.56
CA VAL C 185 -24.65 -23.21 38.18
C VAL C 185 -24.40 -21.97 37.32
N VAL C 186 -23.22 -21.37 37.49
CA VAL C 186 -22.89 -20.09 36.87
C VAL C 186 -21.74 -20.27 35.89
N ILE C 187 -21.86 -19.64 34.73
CA ILE C 187 -20.79 -19.54 33.75
C ILE C 187 -20.46 -18.06 33.57
N ALA C 188 -19.19 -17.71 33.68
CA ALA C 188 -18.75 -16.33 33.60
C ALA C 188 -17.60 -16.22 32.60
N THR C 189 -17.89 -15.64 31.44
CA THR C 189 -16.88 -15.37 30.41
C THR C 189 -16.81 -13.85 30.23
N GLY C 190 -15.85 -13.22 30.87
CA GLY C 190 -15.71 -11.78 30.80
C GLY C 190 -14.54 -11.24 31.60
N GLY C 191 -14.70 -10.05 32.16
CA GLY C 191 -13.62 -9.42 32.89
C GLY C 191 -13.39 -10.06 34.25
N ALA C 192 -12.32 -9.60 34.91
CA ALA C 192 -11.97 -10.13 36.22
C ALA C 192 -13.05 -9.88 37.24
N GLY C 193 -13.79 -8.77 37.12
CA GLY C 193 -14.89 -8.52 38.02
C GLY C 193 -16.03 -9.48 37.82
N ARG C 194 -16.30 -9.85 36.57
CA ARG C 194 -17.37 -10.81 36.29
C ARG C 194 -17.01 -12.22 36.78
N VAL C 195 -15.72 -12.52 36.89
CA VAL C 195 -15.31 -13.83 37.38
C VAL C 195 -15.28 -13.85 38.90
N LYS C 196 -14.76 -12.79 39.52
CA LYS C 196 -14.75 -12.73 40.98
C LYS C 196 -16.16 -12.66 41.54
N ALA C 197 -17.07 -11.98 40.85
CA ALA C 197 -18.46 -11.95 41.29
C ALA C 197 -19.12 -13.31 41.12
N ALA C 198 -18.64 -14.13 40.19
CA ALA C 198 -19.20 -15.46 39.99
C ALA C 198 -18.78 -16.39 41.13
N TYR C 199 -17.49 -16.37 41.49
CA TYR C 199 -16.98 -17.21 42.56
C TYR C 199 -17.26 -16.64 43.94
N SER C 200 -18.05 -15.56 44.03
CA SER C 200 -18.51 -15.02 45.31
C SER C 200 -20.02 -15.12 45.45
N SER C 201 -20.68 -15.89 44.58
CA SER C 201 -22.13 -15.93 44.54
C SER C 201 -22.76 -16.99 45.43
N GLY C 202 -21.95 -17.86 46.03
CA GLY C 202 -22.49 -18.96 46.82
C GLY C 202 -22.94 -20.14 46.01
N ARG C 203 -22.63 -20.17 44.72
CA ARG C 203 -23.03 -21.23 43.81
C ARG C 203 -21.81 -21.75 43.06
N PRO C 204 -21.85 -23.01 42.61
CA PRO C 204 -20.75 -23.52 41.77
C PRO C 204 -20.62 -22.71 40.49
N ALA C 205 -19.40 -22.31 40.17
CA ALA C 205 -19.15 -21.40 39.07
C ALA C 205 -18.04 -21.92 38.17
N TYR C 206 -18.12 -21.55 36.89
CA TYR C 206 -17.07 -21.80 35.92
C TYR C 206 -16.69 -20.46 35.29
N GLY C 207 -15.42 -20.08 35.44
CA GLY C 207 -14.95 -18.80 34.96
C GLY C 207 -13.71 -18.95 34.08
N VAL C 208 -13.29 -17.82 33.53
CA VAL C 208 -12.08 -17.73 32.74
C VAL C 208 -11.12 -16.77 33.43
N GLY C 209 -9.83 -16.94 33.17
CA GLY C 209 -8.84 -16.02 33.65
C GLY C 209 -8.37 -15.12 32.54
N PRO C 210 -7.69 -14.03 32.88
CA PRO C 210 -7.09 -13.19 31.85
C PRO C 210 -6.02 -13.94 31.09
N GLY C 211 -5.92 -13.65 29.79
CA GLY C 211 -4.95 -14.29 28.94
C GLY C 211 -3.69 -13.46 28.79
N ASN C 212 -2.61 -14.15 28.36
CA ASN C 212 -1.35 -13.50 28.05
C ASN C 212 -0.42 -14.52 27.40
N SER C 213 -0.83 -15.05 26.24
CA SER C 213 -0.15 -16.16 25.60
C SER C 213 1.31 -15.84 25.28
N GLN C 214 2.22 -16.42 26.06
CA GLN C 214 3.65 -16.31 25.77
C GLN C 214 4.05 -17.35 24.74
N VAL C 215 4.83 -16.93 23.75
CA VAL C 215 5.20 -17.79 22.63
C VAL C 215 6.72 -17.86 22.57
N ILE C 216 7.25 -19.07 22.59
CA ILE C 216 8.68 -19.32 22.52
C ILE C 216 9.00 -19.92 21.16
N VAL C 217 9.95 -19.32 20.46
CA VAL C 217 10.45 -19.85 19.19
C VAL C 217 11.76 -20.58 19.49
N ASP C 218 11.81 -21.86 19.14
CA ASP C 218 12.97 -22.68 19.44
C ASP C 218 14.02 -22.56 18.34
N LYS C 219 15.27 -22.82 18.71
CA LYS C 219 16.37 -22.71 17.76
C LYS C 219 16.31 -23.83 16.73
N GLY C 220 16.45 -23.46 15.46
CA GLY C 220 16.44 -24.42 14.38
C GLY C 220 15.11 -24.67 13.74
N TYR C 221 14.03 -24.12 14.28
CA TYR C 221 12.70 -24.31 13.72
C TYR C 221 12.53 -23.45 12.47
N ASP C 222 11.57 -23.84 11.63
CA ASP C 222 11.22 -23.06 10.45
C ASP C 222 10.66 -21.70 10.87
N TYR C 223 11.52 -20.69 10.90
CA TYR C 223 11.11 -19.37 11.40
C TYR C 223 10.05 -18.74 10.50
N ASN C 224 10.04 -19.09 9.21
CA ASN C 224 9.01 -18.55 8.33
C ASN C 224 7.63 -19.09 8.70
N LYS C 225 7.54 -20.40 8.99
CA LYS C 225 6.27 -20.97 9.43
C LYS C 225 5.88 -20.45 10.80
N ALA C 226 6.84 -20.34 11.72
CA ALA C 226 6.54 -19.85 13.05
C ALA C 226 6.06 -18.41 13.03
N ALA C 227 6.65 -17.58 12.18
CA ALA C 227 6.22 -16.19 12.07
C ALA C 227 4.81 -16.09 11.50
N GLN C 228 4.49 -16.95 10.52
CA GLN C 228 3.13 -16.94 9.97
C GLN C 228 2.09 -17.35 11.00
N ASP C 229 2.41 -18.37 11.81
CA ASP C 229 1.47 -18.83 12.82
C ASP C 229 1.27 -17.79 13.91
N ILE C 230 2.36 -17.16 14.36
CA ILE C 230 2.25 -16.16 15.42
C ILE C 230 1.49 -14.93 14.93
N ILE C 231 1.75 -14.50 13.69
CA ILE C 231 1.03 -13.37 13.12
C ILE C 231 -0.45 -13.71 12.93
N THR C 232 -0.73 -14.94 12.50
CA THR C 232 -2.12 -15.36 12.34
C THR C 232 -2.89 -15.28 13.65
N GLY C 233 -2.27 -15.73 14.75
CA GLY C 233 -2.96 -15.70 16.02
C GLY C 233 -2.99 -14.32 16.68
N ARG C 234 -2.03 -13.45 16.34
CA ARG C 234 -2.00 -12.14 16.96
C ARG C 234 -2.98 -11.17 16.29
N LYS C 235 -3.14 -11.27 14.97
CA LYS C 235 -3.99 -10.35 14.24
C LYS C 235 -5.45 -10.79 14.17
N TYR C 236 -5.76 -11.99 14.66
CA TYR C 236 -7.12 -12.51 14.58
C TYR C 236 -8.07 -11.66 15.39
N ASP C 237 -9.08 -11.11 14.73
CA ASP C 237 -10.09 -10.25 15.36
C ASP C 237 -9.46 -9.04 16.03
N ASN C 238 -8.35 -8.55 15.47
CA ASN C 238 -7.58 -7.43 16.02
C ASN C 238 -7.05 -7.75 17.42
N GLY C 239 -6.83 -9.03 17.71
CA GLY C 239 -6.18 -9.45 18.93
C GLY C 239 -7.03 -9.44 20.18
N ILE C 240 -8.35 -9.55 20.06
CA ILE C 240 -9.21 -9.49 21.25
C ILE C 240 -9.50 -10.90 21.75
N ILE C 241 -8.72 -11.84 21.30
CA ILE C 241 -8.87 -13.24 21.68
C ILE C 241 -7.97 -13.51 22.87
N CYS C 242 -8.51 -14.21 23.87
CA CYS C 242 -7.79 -14.41 25.12
C CYS C 242 -6.58 -15.33 24.97
N SER C 243 -6.55 -16.17 23.94
CA SER C 243 -5.40 -17.03 23.67
C SER C 243 -4.47 -16.44 22.62
N SER C 244 -4.72 -15.21 22.18
CA SER C 244 -3.94 -14.60 21.12
C SER C 244 -2.49 -14.42 21.56
N GLU C 245 -1.58 -14.57 20.60
CA GLU C 245 -0.15 -14.39 20.85
C GLU C 245 0.12 -13.00 21.43
N GLN C 246 0.89 -12.96 22.52
CA GLN C 246 1.20 -11.71 23.18
C GLN C 246 2.67 -11.33 23.12
N SER C 247 3.56 -12.30 22.97
CA SER C 247 4.99 -12.04 22.96
C SER C 247 5.67 -12.97 21.96
N VAL C 248 6.90 -12.61 21.61
CA VAL C 248 7.76 -13.44 20.78
C VAL C 248 9.08 -13.58 21.53
N ILE C 249 9.30 -14.76 22.12
CA ILE C 249 10.52 -15.05 22.88
C ILE C 249 11.44 -15.81 21.94
N ALA C 250 12.38 -15.09 21.31
CA ALA C 250 13.22 -15.60 20.25
C ALA C 250 14.64 -15.85 20.73
N PRO C 251 15.37 -16.78 20.12
CA PRO C 251 16.76 -17.02 20.54
C PRO C 251 17.66 -15.84 20.17
N ALA C 252 18.60 -15.53 21.06
CA ALA C 252 19.51 -14.42 20.83
C ALA C 252 20.40 -14.66 19.62
N GLU C 253 20.81 -15.91 19.37
CA GLU C 253 21.73 -16.17 18.28
C GLU C 253 21.07 -16.10 16.91
N ASP C 254 19.75 -16.26 16.84
CA ASP C 254 19.01 -16.18 15.59
C ASP C 254 17.93 -15.10 15.63
N TYR C 255 18.17 -14.06 16.44
CA TYR C 255 17.14 -13.04 16.67
C TYR C 255 16.80 -12.29 15.39
N ASP C 256 17.82 -11.85 14.65
CA ASP C 256 17.58 -11.13 13.42
C ASP C 256 16.94 -12.01 12.36
N LYS C 257 17.26 -13.31 12.36
CA LYS C 257 16.61 -14.23 11.43
C LYS C 257 15.12 -14.37 11.75
N VAL C 258 14.77 -14.36 13.03
CA VAL C 258 13.37 -14.50 13.42
C VAL C 258 12.62 -13.20 13.13
N ILE C 259 13.23 -12.06 13.45
CA ILE C 259 12.58 -10.78 13.16
C ILE C 259 12.41 -10.61 11.65
N ALA C 260 13.41 -11.05 10.88
CA ALA C 260 13.29 -10.98 9.42
C ALA C 260 12.13 -11.83 8.93
N ALA C 261 11.89 -12.97 9.58
CA ALA C 261 10.76 -13.81 9.20
C ALA C 261 9.44 -13.12 9.49
N PHE C 262 9.36 -12.38 10.60
CA PHE C 262 8.14 -11.61 10.89
C PHE C 262 7.97 -10.48 9.89
N VAL C 263 9.04 -9.73 9.62
CA VAL C 263 8.97 -8.65 8.65
C VAL C 263 8.60 -9.19 7.27
N GLU C 264 9.16 -10.33 6.90
CA GLU C 264 8.83 -10.96 5.62
C GLU C 264 7.35 -11.29 5.53
N ASN C 265 6.70 -11.53 6.66
CA ASN C 265 5.30 -11.95 6.68
C ASN C 265 4.37 -10.85 7.19
N GLY C 266 4.71 -9.59 6.95
CA GLY C 266 3.80 -8.49 7.17
C GLY C 266 3.91 -7.75 8.48
N ALA C 267 4.94 -8.02 9.29
CA ALA C 267 5.11 -7.34 10.56
C ALA C 267 5.94 -6.08 10.39
N PHE C 268 5.70 -5.11 11.26
CA PHE C 268 6.48 -3.88 11.35
C PHE C 268 7.23 -3.91 12.68
N TYR C 269 8.53 -4.18 12.61
CA TYR C 269 9.34 -4.32 13.81
C TYR C 269 9.98 -2.99 14.20
N VAL C 270 9.93 -2.66 15.48
CA VAL C 270 10.46 -1.40 16.00
C VAL C 270 11.60 -1.73 16.94
N GLU C 271 12.80 -1.24 16.61
CA GLU C 271 13.98 -1.40 17.45
C GLU C 271 14.30 -0.16 18.28
N ASP C 272 14.01 1.02 17.74
CA ASP C 272 14.33 2.27 18.43
C ASP C 272 13.52 2.40 19.71
N GLU C 273 14.23 2.64 20.83
CA GLU C 273 13.56 2.69 22.13
C GLU C 273 12.63 3.89 22.25
N GLU C 274 13.01 5.03 21.67
CA GLU C 274 12.14 6.20 21.72
C GLU C 274 10.87 5.98 20.90
N THR C 275 10.96 5.23 19.81
CA THR C 275 9.77 4.93 19.02
C THR C 275 8.88 3.89 19.71
N VAL C 276 9.49 2.92 20.39
CA VAL C 276 8.71 1.98 21.19
C VAL C 276 7.96 2.70 22.28
N GLU C 277 8.57 3.73 22.88
CA GLU C 277 7.94 4.46 23.97
C GLU C 277 6.67 5.17 23.49
N LYS C 278 6.68 5.69 22.26
CA LYS C 278 5.48 6.32 21.73
C LYS C 278 4.34 5.33 21.58
N PHE C 279 4.65 4.09 21.24
CA PHE C 279 3.62 3.04 21.25
C PHE C 279 3.24 2.68 22.67
N ARG C 280 4.23 2.51 23.54
CA ARG C 280 3.96 2.12 24.94
C ARG C 280 3.13 3.18 25.65
N SER C 281 3.45 4.47 25.42
CA SER C 281 2.68 5.55 26.02
C SER C 281 1.26 5.63 25.46
N THR C 282 0.98 4.96 24.35
CA THR C 282 -0.35 4.91 23.76
C THR C 282 -1.12 3.67 24.17
N LEU C 283 -0.46 2.51 24.23
CA LEU C 283 -1.15 1.27 24.57
C LEU C 283 -1.54 1.21 26.04
N PHE C 284 -0.74 1.79 26.93
CA PHE C 284 -0.96 1.68 28.36
C PHE C 284 -0.94 3.06 29.00
N LYS C 285 -1.95 3.32 29.83
CA LYS C 285 -2.08 4.58 30.57
C LYS C 285 -2.00 4.25 32.06
N ASP C 286 -0.88 4.59 32.68
CA ASP C 286 -0.67 4.34 34.12
C ASP C 286 -0.74 2.84 34.43
N GLY C 287 -0.30 2.02 33.48
CA GLY C 287 -0.23 0.59 33.67
C GLY C 287 -1.43 -0.19 33.16
N LYS C 288 -2.51 0.49 32.78
CA LYS C 288 -3.71 -0.16 32.29
C LYS C 288 -3.84 0.03 30.79
N ILE C 289 -4.38 -0.99 30.12
CA ILE C 289 -4.53 -0.93 28.67
C ILE C 289 -5.47 0.21 28.28
N ASN C 290 -5.14 0.90 27.21
CA ASN C 290 -5.97 1.98 26.69
C ASN C 290 -7.18 1.39 25.98
N SER C 291 -8.37 1.67 26.48
CA SER C 291 -9.59 1.09 25.92
C SER C 291 -9.89 1.59 24.52
N LYS C 292 -9.32 2.73 24.11
CA LYS C 292 -9.61 3.29 22.81
C LYS C 292 -8.88 2.57 21.68
N ILE C 293 -7.94 1.68 21.99
CA ILE C 293 -7.23 0.91 20.98
C ILE C 293 -7.50 -0.59 21.10
N ILE C 294 -8.41 -0.99 21.98
CA ILE C 294 -8.76 -2.40 22.10
C ILE C 294 -9.55 -2.83 20.88
N GLY C 295 -9.03 -3.80 20.14
CA GLY C 295 -9.71 -4.29 18.96
C GLY C 295 -9.63 -3.40 17.75
N LYS C 296 -8.69 -2.47 17.73
CA LYS C 296 -8.54 -1.54 16.61
C LYS C 296 -7.45 -2.03 15.66
N SER C 297 -7.41 -1.40 14.48
CA SER C 297 -6.48 -1.80 13.44
C SER C 297 -5.06 -1.33 13.77
N VAL C 298 -4.10 -1.80 12.98
CA VAL C 298 -2.72 -1.37 13.12
C VAL C 298 -2.60 0.12 12.82
N GLN C 299 -3.34 0.61 11.83
CA GLN C 299 -3.23 2.02 11.45
C GLN C 299 -3.81 2.94 12.53
N ILE C 300 -4.90 2.52 13.18
CA ILE C 300 -5.47 3.34 14.25
C ILE C 300 -4.47 3.50 15.38
N ILE C 301 -3.79 2.42 15.76
CA ILE C 301 -2.78 2.50 16.80
C ILE C 301 -1.61 3.34 16.35
N ALA C 302 -1.19 3.18 15.08
CA ALA C 302 -0.06 3.94 14.57
C ALA C 302 -0.36 5.43 14.54
N ASP C 303 -1.54 5.81 14.01
CA ASP C 303 -1.90 7.22 13.96
C ASP C 303 -2.01 7.82 15.35
N LEU C 304 -2.50 7.05 16.31
CA LEU C 304 -2.62 7.55 17.67
C LEU C 304 -1.28 7.65 18.38
N ALA C 305 -0.31 6.81 18.00
CA ALA C 305 1.00 6.84 18.62
C ALA C 305 1.95 7.83 17.96
N GLY C 306 1.63 8.30 16.76
CA GLY C 306 2.52 9.21 16.05
C GLY C 306 3.67 8.54 15.34
N VAL C 307 3.49 7.29 14.90
CA VAL C 307 4.51 6.54 14.20
C VAL C 307 3.95 6.13 12.84
N LYS C 308 4.72 6.37 11.79
CA LYS C 308 4.30 5.99 10.44
C LYS C 308 4.55 4.50 10.23
N VAL C 309 3.48 3.77 9.91
CA VAL C 309 3.53 2.33 9.73
C VAL C 309 3.14 2.03 8.29
N PRO C 310 3.90 1.19 7.58
CA PRO C 310 3.61 0.95 6.16
C PRO C 310 2.22 0.38 5.95
N GLU C 311 1.60 0.77 4.85
CA GLU C 311 0.30 0.20 4.47
C GLU C 311 0.46 -1.28 4.15
N GLY C 312 -0.43 -2.09 4.69
CA GLY C 312 -0.36 -3.52 4.55
C GLY C 312 0.25 -4.25 5.73
N THR C 313 0.62 -3.53 6.78
CA THR C 313 1.20 -4.16 7.96
C THR C 313 0.12 -4.93 8.72
N LYS C 314 0.45 -6.16 9.13
CA LYS C 314 -0.50 -7.01 9.83
C LYS C 314 -0.38 -6.90 11.34
N VAL C 315 0.84 -6.92 11.88
CA VAL C 315 1.08 -6.80 13.30
C VAL C 315 2.26 -5.86 13.53
N ILE C 316 2.29 -5.29 14.74
CA ILE C 316 3.41 -4.47 15.19
C ILE C 316 4.20 -5.26 16.22
N VAL C 317 5.52 -5.31 16.08
CA VAL C 317 6.39 -6.00 17.00
C VAL C 317 7.32 -4.96 17.64
N LEU C 318 7.26 -4.87 18.96
CA LEU C 318 8.06 -3.90 19.72
C LEU C 318 9.08 -4.64 20.57
N LYS C 319 10.29 -4.09 20.62
CA LYS C 319 11.34 -4.66 21.46
C LYS C 319 11.19 -4.13 22.88
N GLY C 320 11.04 -5.03 23.85
CA GLY C 320 10.80 -4.63 25.22
C GLY C 320 12.09 -4.45 26.02
N LYS C 321 11.96 -3.71 27.13
CA LYS C 321 13.11 -3.51 28.02
C LYS C 321 13.59 -4.84 28.60
N GLY C 322 12.68 -5.59 29.20
CA GLY C 322 13.01 -6.89 29.76
C GLY C 322 11.74 -7.63 30.08
N ALA C 323 11.91 -8.84 30.60
CA ALA C 323 10.77 -9.67 30.96
C ALA C 323 10.13 -9.17 32.25
N GLY C 324 8.88 -9.59 32.48
CA GLY C 324 8.21 -9.26 33.72
C GLY C 324 7.86 -7.78 33.80
N GLU C 325 7.95 -7.24 35.01
CA GLU C 325 7.60 -5.85 35.26
C GLU C 325 8.61 -4.85 34.71
N LYS C 326 9.66 -5.31 34.03
CA LYS C 326 10.59 -4.40 33.38
C LYS C 326 9.95 -3.62 32.23
N ASP C 327 8.76 -4.02 31.78
CA ASP C 327 8.08 -3.33 30.71
C ASP C 327 6.61 -3.69 30.76
N VAL C 328 5.74 -2.67 30.71
CA VAL C 328 4.31 -2.91 30.72
C VAL C 328 3.84 -3.62 29.46
N LEU C 329 4.65 -3.59 28.39
CA LEU C 329 4.33 -4.32 27.16
C LEU C 329 4.31 -5.82 27.35
N CYS C 330 4.82 -6.32 28.47
CA CYS C 330 4.77 -7.76 28.75
C CYS C 330 3.40 -8.23 29.20
N LYS C 331 2.53 -7.32 29.61
CA LYS C 331 1.17 -7.68 30.00
C LYS C 331 0.33 -7.99 28.76
N GLU C 332 -0.93 -8.35 28.97
CA GLU C 332 -1.81 -8.65 27.86
C GLU C 332 -2.08 -7.40 27.04
N LYS C 333 -2.08 -7.56 25.72
CA LYS C 333 -2.39 -6.49 24.78
C LYS C 333 -3.50 -6.97 23.86
N MET C 334 -4.71 -6.41 24.03
CA MET C 334 -5.85 -6.78 23.20
C MET C 334 -5.84 -5.95 21.90
N CYS C 335 -4.75 -6.13 21.16
CA CYS C 335 -4.48 -5.38 19.94
C CYS C 335 -3.37 -6.09 19.18
N PRO C 336 -3.31 -5.93 17.86
CA PRO C 336 -2.30 -6.66 17.08
C PRO C 336 -0.88 -6.15 17.31
N VAL C 337 -0.43 -6.14 18.55
CA VAL C 337 0.90 -5.69 18.92
C VAL C 337 1.58 -6.80 19.72
N LEU C 338 2.80 -7.14 19.34
CA LEU C 338 3.61 -8.13 20.03
C LEU C 338 4.78 -7.44 20.72
N VAL C 339 5.28 -8.06 21.79
CA VAL C 339 6.51 -7.64 22.46
C VAL C 339 7.56 -8.70 22.20
N ALA C 340 8.76 -8.26 21.80
CA ALA C 340 9.84 -9.16 21.41
C ALA C 340 10.88 -9.21 22.50
N LEU C 341 11.30 -10.43 22.85
CA LEU C 341 12.32 -10.66 23.86
C LEU C 341 13.26 -11.75 23.37
N LYS C 342 14.48 -11.75 23.91
CA LYS C 342 15.51 -12.69 23.48
C LYS C 342 16.06 -13.48 24.67
N TYR C 343 16.54 -14.68 24.37
CA TYR C 343 17.07 -15.58 25.38
C TYR C 343 18.34 -16.23 24.88
N ASP C 344 19.14 -16.72 25.82
CA ASP C 344 20.37 -17.45 25.50
C ASP C 344 20.17 -18.96 25.54
N THR C 345 19.42 -19.48 26.49
CA THR C 345 19.14 -20.90 26.61
C THR C 345 17.63 -21.11 26.72
N PHE C 346 17.19 -22.31 26.33
CA PHE C 346 15.77 -22.62 26.38
C PHE C 346 15.22 -22.54 27.79
N GLU C 347 16.02 -22.91 28.79
CA GLU C 347 15.61 -22.74 30.18
C GLU C 347 15.34 -21.27 30.49
N GLU C 348 16.17 -20.37 29.95
CA GLU C 348 15.94 -18.95 30.14
C GLU C 348 14.71 -18.48 29.38
N ALA C 349 14.41 -19.09 28.23
CA ALA C 349 13.18 -18.77 27.51
C ALA C 349 11.96 -19.11 28.34
N VAL C 350 12.02 -20.21 29.11
CA VAL C 350 10.91 -20.57 29.98
C VAL C 350 10.82 -19.60 31.15
N GLU C 351 11.97 -19.22 31.72
CA GLU C 351 11.96 -18.25 32.81
C GLU C 351 11.42 -16.90 32.36
N ILE C 352 11.58 -16.55 31.08
CA ILE C 352 11.03 -15.31 30.56
C ILE C 352 9.51 -15.40 30.48
N ALA C 353 9.00 -16.52 29.94
CA ALA C 353 7.56 -16.71 29.85
C ALA C 353 6.93 -16.79 31.25
N MET C 354 7.58 -17.52 32.16
CA MET C 354 7.09 -17.61 33.54
C MET C 354 7.02 -16.22 34.18
N ALA C 355 8.07 -15.41 34.00
CA ALA C 355 8.06 -14.07 34.59
C ALA C 355 6.95 -13.20 34.02
N ASN C 356 6.55 -13.46 32.76
CA ASN C 356 5.45 -12.70 32.18
C ASN C 356 4.10 -13.21 32.68
N TYR C 357 3.97 -14.53 32.90
CA TYR C 357 2.73 -15.06 33.44
C TYR C 357 2.51 -14.64 34.89
N MET C 358 3.60 -14.40 35.63
CA MET C 358 3.46 -13.85 36.97
C MET C 358 3.08 -12.38 36.95
N TYR C 359 3.23 -11.71 35.81
CA TYR C 359 2.77 -10.33 35.65
C TYR C 359 1.27 -10.30 35.37
N GLU C 360 0.82 -11.08 34.39
CA GLU C 360 -0.60 -11.22 34.08
C GLU C 360 -0.78 -12.45 33.20
N GLY C 361 -1.93 -13.10 33.35
CA GLY C 361 -2.32 -14.17 32.45
C GLY C 361 -1.93 -15.57 32.86
N ALA C 362 -1.57 -15.79 34.13
CA ALA C 362 -1.16 -17.12 34.57
C ALA C 362 -2.33 -18.09 34.48
N GLY C 363 -2.05 -19.29 33.97
CA GLY C 363 -3.03 -20.34 33.91
C GLY C 363 -3.75 -20.49 32.58
N HIS C 364 -3.48 -19.62 31.61
CA HIS C 364 -4.23 -19.66 30.36
C HIS C 364 -3.51 -20.51 29.31
N THR C 365 -2.98 -19.85 28.28
CA THR C 365 -2.42 -20.54 27.12
C THR C 365 -1.00 -20.07 26.87
N ALA C 366 -0.17 -20.98 26.38
CA ALA C 366 1.16 -20.66 25.90
C ALA C 366 1.34 -21.26 24.51
N GLY C 367 2.19 -20.62 23.71
CA GLY C 367 2.54 -21.11 22.40
C GLY C 367 4.00 -21.50 22.35
N ILE C 368 4.33 -22.45 21.48
CA ILE C 368 5.71 -22.85 21.25
C ILE C 368 5.82 -23.39 19.83
N HIS C 369 6.94 -23.10 19.19
CA HIS C 369 7.22 -23.58 17.84
C HIS C 369 8.58 -24.26 17.87
N SER C 370 8.57 -25.59 17.75
CA SER C 370 9.77 -26.37 17.96
C SER C 370 9.61 -27.73 17.30
N ASP C 371 10.76 -28.31 16.96
CA ASP C 371 10.84 -29.70 16.53
C ASP C 371 11.48 -30.58 17.60
N ASN C 372 11.99 -29.99 18.68
CA ASN C 372 12.58 -30.72 19.80
C ASN C 372 11.46 -31.03 20.79
N ASP C 373 10.96 -32.27 20.72
CA ASP C 373 9.86 -32.67 21.59
C ASP C 373 10.27 -32.69 23.06
N GLU C 374 11.56 -32.87 23.33
CA GLU C 374 12.03 -32.84 24.72
C GLU C 374 11.90 -31.43 25.30
N ASN C 375 12.16 -30.41 24.49
CA ASN C 375 11.98 -29.04 24.95
C ASN C 375 10.51 -28.70 25.09
N ILE C 376 9.67 -29.23 24.20
CA ILE C 376 8.23 -28.99 24.30
C ILE C 376 7.68 -29.59 25.58
N ARG C 377 8.10 -30.82 25.90
CA ARG C 377 7.64 -31.48 27.12
C ARG C 377 8.13 -30.77 28.37
N TYR C 378 9.34 -30.20 28.33
CA TYR C 378 9.85 -29.46 29.48
C TYR C 378 9.08 -28.15 29.69
N ALA C 379 8.64 -27.51 28.62
CA ALA C 379 7.90 -26.26 28.76
C ALA C 379 6.54 -26.50 29.41
N GLY C 380 5.76 -27.43 28.86
CA GLY C 380 4.45 -27.71 29.41
C GLY C 380 4.48 -28.29 30.81
N THR C 381 5.61 -28.84 31.23
CA THR C 381 5.71 -29.41 32.57
C THR C 381 5.79 -28.33 33.63
N VAL C 382 6.58 -27.28 33.39
CA VAL C 382 6.89 -26.30 34.42
C VAL C 382 6.15 -24.97 34.23
N LEU C 383 5.51 -24.75 33.09
CA LEU C 383 4.83 -23.48 32.88
C LEU C 383 3.45 -23.49 33.54
N PRO C 384 3.05 -22.38 34.16
CA PRO C 384 1.71 -22.28 34.79
C PRO C 384 0.61 -21.95 33.78
N ILE C 385 0.22 -22.95 33.00
CA ILE C 385 -0.73 -22.78 31.92
C ILE C 385 -1.66 -23.98 31.85
N SER C 386 -2.81 -23.78 31.21
CA SER C 386 -3.75 -24.87 31.00
C SER C 386 -3.60 -25.52 29.63
N ARG C 387 -3.06 -24.77 28.65
CA ARG C 387 -2.91 -25.25 27.28
C ARG C 387 -1.58 -24.78 26.73
N LEU C 388 -0.94 -25.63 25.93
CA LEU C 388 0.34 -25.31 25.28
C LEU C 388 0.24 -25.71 23.82
N VAL C 389 -0.13 -24.75 22.96
CA VAL C 389 -0.29 -25.02 21.54
C VAL C 389 1.09 -25.21 20.91
N VAL C 390 1.23 -26.25 20.09
CA VAL C 390 2.52 -26.63 19.51
C VAL C 390 2.44 -26.48 18.00
N ASN C 391 3.30 -25.62 17.44
CA ASN C 391 3.45 -25.44 16.00
C ASN C 391 2.14 -25.01 15.32
N GLN C 392 1.32 -24.26 16.04
CA GLN C 392 0.06 -23.75 15.51
C GLN C 392 -0.15 -22.32 16.02
N PRO C 393 -1.08 -21.56 15.43
CA PRO C 393 -1.51 -20.32 16.08
C PRO C 393 -2.13 -20.61 17.43
N ALA C 394 -1.72 -19.84 18.44
CA ALA C 394 -2.21 -20.05 19.79
C ALA C 394 -3.71 -19.80 19.91
N THR C 395 -4.34 -19.16 18.93
CA THR C 395 -5.78 -18.99 18.93
C THR C 395 -6.54 -20.29 18.68
N THR C 396 -5.83 -21.36 18.34
CA THR C 396 -6.45 -22.68 18.18
C THR C 396 -6.60 -23.41 19.50
N ALA C 397 -6.26 -22.79 20.62
CA ALA C 397 -6.37 -23.44 21.92
C ALA C 397 -7.82 -23.69 22.31
N GLY C 398 -8.77 -22.96 21.73
CA GLY C 398 -10.17 -23.15 22.04
C GLY C 398 -10.84 -24.05 21.03
N GLY C 399 -10.04 -24.78 20.26
CA GLY C 399 -10.59 -25.78 19.35
C GLY C 399 -10.32 -25.48 17.89
N SER C 400 -9.97 -26.55 17.17
CA SER C 400 -9.79 -26.48 15.72
C SER C 400 -9.89 -27.90 15.18
N PHE C 401 -10.14 -28.00 13.88
CA PHE C 401 -10.33 -29.31 13.25
C PHE C 401 -8.98 -29.99 13.02
N ASN C 402 -7.93 -29.53 13.71
CA ASN C 402 -6.61 -30.08 13.51
C ASN C 402 -5.83 -30.33 14.80
N ASN C 403 -6.44 -30.13 15.97
CA ASN C 403 -5.80 -30.48 17.24
C ASN C 403 -6.83 -31.16 18.14
N GLY C 404 -6.39 -31.52 19.35
CA GLY C 404 -7.21 -32.26 20.28
C GLY C 404 -7.87 -31.46 21.38
N PHE C 405 -7.80 -30.13 21.34
CA PHE C 405 -8.48 -29.32 22.35
C PHE C 405 -9.98 -29.40 22.16
N ASN C 406 -10.71 -29.41 23.26
CA ASN C 406 -12.17 -29.45 23.19
C ASN C 406 -12.70 -28.08 22.78
N PRO C 407 -13.45 -27.98 21.69
CA PRO C 407 -13.90 -26.67 21.22
C PRO C 407 -14.83 -26.00 22.22
N THR C 408 -14.63 -24.70 22.41
CA THR C 408 -15.39 -23.94 23.38
C THR C 408 -15.21 -22.45 23.10
N THR C 409 -16.01 -21.65 23.80
CA THR C 409 -15.79 -20.20 23.88
C THR C 409 -15.51 -19.77 25.31
N THR C 410 -15.29 -20.72 26.22
CA THR C 410 -15.06 -20.44 27.63
C THR C 410 -13.88 -21.31 28.07
N LEU C 411 -12.70 -20.70 28.17
CA LEU C 411 -11.46 -21.41 28.47
C LEU C 411 -11.09 -21.18 29.93
N GLY C 412 -11.25 -22.22 30.74
CA GLY C 412 -10.86 -22.12 32.13
C GLY C 412 -9.36 -22.02 32.30
N CYS C 413 -8.93 -21.31 33.34
CA CYS C 413 -7.52 -21.05 33.60
C CYS C 413 -7.06 -21.62 34.93
N GLY C 414 -7.73 -22.67 35.40
CA GLY C 414 -7.33 -23.36 36.62
C GLY C 414 -7.29 -22.47 37.85
N SER C 415 -6.59 -22.98 38.87
CA SER C 415 -6.45 -22.24 40.12
C SER C 415 -5.67 -20.95 39.94
N TRP C 416 -4.85 -20.86 38.90
CA TRP C 416 -4.12 -19.62 38.63
C TRP C 416 -5.08 -18.48 38.31
N GLY C 417 -5.96 -18.68 37.35
CA GLY C 417 -6.91 -17.66 36.96
C GLY C 417 -8.16 -17.64 37.80
N ARG C 418 -8.05 -18.14 39.04
CA ARG C 418 -9.16 -18.18 39.99
C ARG C 418 -10.35 -18.96 39.47
N ASN C 419 -10.09 -19.99 38.67
CA ASN C 419 -11.15 -20.78 38.05
C ASN C 419 -11.21 -22.17 38.67
N SER C 420 -12.33 -22.84 38.43
CA SER C 420 -12.56 -24.19 38.95
C SER C 420 -12.06 -25.28 38.03
N ILE C 421 -11.68 -24.95 36.79
CA ILE C 421 -11.16 -25.94 35.85
C ILE C 421 -9.99 -25.33 35.09
N SER C 422 -8.98 -26.17 34.81
CA SER C 422 -7.85 -25.80 33.97
C SER C 422 -7.99 -26.34 32.56
N GLU C 423 -9.18 -26.23 31.98
CA GLU C 423 -9.44 -26.78 30.66
C GLU C 423 -10.54 -25.98 29.99
N ASN C 424 -10.87 -26.37 28.77
CA ASN C 424 -11.96 -25.76 28.02
C ASN C 424 -13.28 -26.26 28.56
N LEU C 425 -14.22 -25.33 28.80
CA LEU C 425 -15.54 -25.70 29.30
C LEU C 425 -16.32 -26.43 28.22
N THR C 426 -16.90 -27.57 28.58
CA THR C 426 -17.71 -28.35 27.66
C THR C 426 -19.03 -28.71 28.32
N TYR C 427 -19.84 -29.48 27.58
CA TYR C 427 -21.07 -30.04 28.13
C TYR C 427 -20.84 -30.81 29.41
N GLU C 428 -19.66 -31.45 29.53
CA GLU C 428 -19.40 -32.36 30.63
C GLU C 428 -19.29 -31.66 31.97
N HIS C 429 -19.13 -30.33 31.97
CA HIS C 429 -19.09 -29.57 33.21
C HIS C 429 -20.45 -29.02 33.61
N LEU C 430 -21.49 -29.32 32.85
CA LEU C 430 -22.84 -28.82 33.13
C LEU C 430 -23.82 -29.93 33.48
N ILE C 431 -23.34 -31.13 33.76
CA ILE C 431 -24.18 -32.24 34.19
C ILE C 431 -23.60 -32.85 35.45
N ASN C 432 -24.47 -33.27 36.36
CA ASN C 432 -24.06 -34.05 37.52
C ASN C 432 -23.97 -35.51 37.12
N VAL C 433 -22.77 -36.07 37.18
CA VAL C 433 -22.56 -37.49 36.88
C VAL C 433 -22.63 -38.26 38.19
N SER C 434 -23.66 -39.11 38.32
CA SER C 434 -23.86 -39.91 39.51
C SER C 434 -23.33 -41.33 39.28
N ARG C 435 -23.23 -42.08 40.38
CA ARG C 435 -22.71 -43.43 40.34
C ARG C 435 -23.63 -44.36 41.12
N ILE C 436 -24.09 -45.43 40.47
CA ILE C 436 -24.82 -46.47 41.16
C ILE C 436 -23.82 -47.22 42.05
N GLY C 437 -23.13 -48.18 41.49
CA GLY C 437 -22.14 -48.91 42.28
C GLY C 437 -22.75 -50.00 43.13
N TYR C 438 -22.45 -51.24 42.80
CA TYR C 438 -23.07 -52.40 43.40
C TYR C 438 -22.19 -53.00 44.48
N PHE C 439 -22.56 -54.18 44.95
CA PHE C 439 -21.82 -54.91 45.98
C PHE C 439 -20.90 -55.89 45.27
N ASN C 440 -19.61 -55.60 45.23
CA ASN C 440 -18.62 -56.44 44.59
C ASN C 440 -18.20 -57.52 45.59
N LYS C 441 -18.85 -58.69 45.50
CA LYS C 441 -18.58 -59.78 46.43
C LYS C 441 -17.24 -60.46 46.14
N GLU C 442 -16.77 -60.42 44.89
CA GLU C 442 -15.52 -61.08 44.56
C GLU C 442 -14.30 -60.33 45.09
N ALA C 443 -14.47 -59.07 45.50
CA ALA C 443 -13.35 -58.30 46.00
C ALA C 443 -12.96 -58.76 47.40
N LYS C 444 -11.65 -58.86 47.63
CA LYS C 444 -11.11 -59.28 48.91
C LYS C 444 -10.65 -58.06 49.70
N VAL C 445 -10.76 -58.17 51.03
CA VAL C 445 -10.35 -57.10 51.93
C VAL C 445 -8.86 -57.24 52.20
N PRO C 446 -8.03 -56.28 51.83
CA PRO C 446 -6.60 -56.40 52.09
C PRO C 446 -6.30 -56.38 53.59
N SER C 447 -5.19 -57.03 53.95
CA SER C 447 -4.77 -57.10 55.34
C SER C 447 -3.76 -56.00 55.64
N TYR C 448 -3.31 -55.95 56.90
CA TYR C 448 -2.38 -54.91 57.32
C TYR C 448 -1.10 -54.95 56.48
N GLU C 449 -0.51 -56.13 56.31
CA GLU C 449 0.66 -56.26 55.44
C GLU C 449 0.31 -55.98 53.99
N GLU C 450 -0.93 -56.28 53.59
CA GLU C 450 -1.34 -56.01 52.22
C GLU C 450 -1.68 -54.54 52.02
N ILE C 451 -2.05 -53.83 53.08
CA ILE C 451 -2.35 -52.41 52.97
C ILE C 451 -1.07 -51.58 53.09
N TRP C 452 -0.42 -51.66 54.24
CA TRP C 452 0.73 -50.81 54.54
C TRP C 452 2.06 -51.44 54.15
N GLY C 453 2.05 -52.62 53.53
CA GLY C 453 3.26 -53.23 53.04
C GLY C 453 3.58 -52.78 51.63
N VAL D 5 -16.70 27.82 40.54
CA VAL D 5 -16.97 29.22 40.22
C VAL D 5 -18.29 29.35 39.47
N SER D 6 -19.12 30.29 39.89
CA SER D 6 -20.40 30.50 39.24
C SER D 6 -20.25 31.38 38.01
N ILE D 7 -21.26 31.33 37.14
CA ILE D 7 -21.24 32.15 35.93
C ILE D 7 -21.33 33.63 36.29
N LYS D 8 -22.07 33.96 37.35
CA LYS D 8 -22.16 35.35 37.80
C LYS D 8 -20.81 35.88 38.26
N GLU D 9 -19.96 35.01 38.82
CA GLU D 9 -18.63 35.43 39.23
C GLU D 9 -17.68 35.51 38.05
N LEU D 10 -17.84 34.64 37.04
CA LEU D 10 -17.05 34.76 35.83
C LEU D 10 -17.36 36.06 35.10
N ILE D 11 -18.63 36.46 35.09
CA ILE D 11 -19.03 37.69 34.41
C ILE D 11 -18.46 38.90 35.14
N GLU D 12 -18.56 38.91 36.48
CA GLU D 12 -18.10 40.06 37.24
C GLU D 12 -16.58 40.23 37.11
N LYS D 13 -15.83 39.12 37.17
CA LYS D 13 -14.39 39.22 36.95
C LYS D 13 -14.07 39.64 35.51
N ALA D 14 -14.90 39.24 34.55
CA ALA D 14 -14.68 39.67 33.18
C ALA D 14 -14.96 41.15 32.99
N LYS D 15 -15.82 41.72 33.83
CA LYS D 15 -16.11 43.16 33.74
C LYS D 15 -15.04 44.00 34.41
N VAL D 16 -14.47 43.51 35.51
CA VAL D 16 -13.39 44.23 36.18
C VAL D 16 -12.15 44.27 35.29
N ALA D 17 -11.82 43.15 34.65
CA ALA D 17 -10.66 43.11 33.76
C ALA D 17 -10.91 43.92 32.50
N GLN D 18 -12.16 43.97 32.02
CA GLN D 18 -12.45 44.73 30.81
C GLN D 18 -12.25 46.22 31.04
N LYS D 19 -12.67 46.72 32.21
CA LYS D 19 -12.43 48.12 32.54
C LYS D 19 -10.94 48.41 32.68
N LYS D 20 -10.19 47.45 33.22
CA LYS D 20 -8.73 47.59 33.27
C LYS D 20 -8.13 47.55 31.87
N LEU D 21 -8.59 46.61 31.04
CA LEU D 21 -8.10 46.51 29.67
C LEU D 21 -8.51 47.70 28.81
N GLU D 22 -9.58 48.39 29.20
CA GLU D 22 -10.05 49.54 28.41
C GLU D 22 -9.02 50.66 28.38
N ALA D 23 -8.25 50.82 29.46
CA ALA D 23 -7.24 51.87 29.52
C ALA D 23 -6.02 51.58 28.65
N TYR D 24 -5.96 50.42 28.00
CA TYR D 24 -4.83 50.08 27.16
C TYR D 24 -4.87 50.84 25.84
N SER D 25 -3.67 51.17 25.33
CA SER D 25 -3.55 51.87 24.07
C SER D 25 -3.52 50.87 22.92
N GLN D 26 -3.42 51.40 21.69
CA GLN D 26 -3.40 50.53 20.52
C GLN D 26 -2.14 49.67 20.51
N GLU D 27 -1.00 50.24 20.88
CA GLU D 27 0.24 49.47 20.90
C GLU D 27 0.25 48.45 22.02
N GLN D 28 -0.44 48.72 23.12
CA GLN D 28 -0.39 47.82 24.27
C GLN D 28 -1.23 46.57 24.03
N VAL D 29 -2.39 46.71 23.37
CA VAL D 29 -3.20 45.53 23.09
C VAL D 29 -2.58 44.69 21.99
N ASP D 30 -1.92 45.32 21.01
CA ASP D 30 -1.30 44.56 19.93
C ASP D 30 -0.19 43.66 20.44
N VAL D 31 0.47 44.06 21.54
CA VAL D 31 1.47 43.20 22.15
C VAL D 31 0.83 41.93 22.68
N LEU D 32 -0.33 42.07 23.35
CA LEU D 32 -1.02 40.90 23.88
C LEU D 32 -1.55 40.02 22.77
N VAL D 33 -2.14 40.63 21.72
CA VAL D 33 -2.73 39.85 20.65
C VAL D 33 -1.67 39.05 19.90
N LYS D 34 -0.51 39.64 19.68
CA LYS D 34 0.57 38.95 18.98
C LYS D 34 1.03 37.73 19.78
N ALA D 35 1.17 37.88 21.10
CA ALA D 35 1.64 36.77 21.93
C ALA D 35 0.58 35.67 22.04
N LEU D 36 -0.70 36.01 21.87
CA LEU D 36 -1.74 35.00 21.94
C LEU D 36 -1.65 34.02 20.78
N GLY D 37 -1.33 34.52 19.59
CA GLY D 37 -1.19 33.66 18.44
C GLY D 37 0.14 32.94 18.42
N LYS D 38 1.21 33.61 18.87
CA LYS D 38 2.54 33.02 18.81
C LYS D 38 2.68 31.83 19.76
N VAL D 39 1.98 31.86 20.90
CA VAL D 39 2.07 30.72 21.81
C VAL D 39 1.35 29.51 21.23
N VAL D 40 0.32 29.72 20.42
CA VAL D 40 -0.32 28.61 19.72
C VAL D 40 0.57 28.11 18.60
N TYR D 41 1.28 29.02 17.92
CA TYR D 41 2.21 28.61 16.88
C TYR D 41 3.37 27.80 17.46
N ASP D 42 3.94 28.27 18.57
CA ASP D 42 5.10 27.61 19.15
C ASP D 42 4.77 26.25 19.76
N ASN D 43 3.51 26.02 20.16
CA ASN D 43 3.10 24.76 20.75
C ASN D 43 2.10 24.01 19.88
N ALA D 44 2.25 24.14 18.55
CA ALA D 44 1.30 23.52 17.64
C ALA D 44 1.39 21.99 17.69
N GLU D 45 2.61 21.46 17.86
CA GLU D 45 2.77 20.01 17.91
C GLU D 45 2.12 19.41 19.15
N MET D 46 2.23 20.09 20.29
CA MET D 46 1.63 19.59 21.52
C MET D 46 0.12 19.70 21.47
N PHE D 47 -0.41 20.84 21.01
CA PHE D 47 -1.85 21.04 20.98
C PHE D 47 -2.52 20.08 19.99
N ALA D 48 -1.90 19.88 18.82
CA ALA D 48 -2.51 19.04 17.80
C ALA D 48 -2.58 17.59 18.25
N LYS D 49 -1.54 17.11 18.95
CA LYS D 49 -1.55 15.73 19.42
C LYS D 49 -2.62 15.52 20.49
N GLU D 50 -2.76 16.49 21.41
CA GLU D 50 -3.76 16.37 22.45
C GLU D 50 -5.18 16.46 21.89
N ALA D 51 -5.38 17.33 20.90
CA ALA D 51 -6.72 17.49 20.32
C ALA D 51 -7.16 16.24 19.58
N VAL D 52 -6.24 15.53 18.94
CA VAL D 52 -6.61 14.32 18.21
C VAL D 52 -6.96 13.20 19.17
N GLU D 53 -6.23 13.08 20.28
CA GLU D 53 -6.52 12.02 21.23
C GLU D 53 -7.82 12.29 21.99
N GLU D 54 -8.04 13.54 22.41
CA GLU D 54 -9.21 13.85 23.22
C GLU D 54 -10.49 13.82 22.40
N THR D 55 -10.47 14.44 21.21
CA THR D 55 -11.67 14.50 20.38
C THR D 55 -11.88 13.23 19.55
N GLU D 56 -10.85 12.40 19.42
CA GLU D 56 -10.94 11.14 18.65
C GLU D 56 -11.36 11.41 17.21
N MET D 57 -10.84 12.49 16.62
CA MET D 57 -11.15 12.83 15.25
C MET D 57 -10.06 13.74 14.71
N GLY D 58 -9.89 13.71 13.39
CA GLY D 58 -8.95 14.59 12.71
C GLY D 58 -7.62 13.93 12.45
N VAL D 59 -6.71 14.73 11.89
CA VAL D 59 -5.36 14.30 11.56
C VAL D 59 -4.37 15.19 12.28
N TYR D 60 -3.32 14.58 12.82
CA TYR D 60 -2.34 15.33 13.62
C TYR D 60 -1.64 16.39 12.79
N GLU D 61 -1.06 16.00 11.65
CA GLU D 61 -0.31 16.95 10.84
C GLU D 61 -1.22 18.05 10.30
N ASP D 62 -2.47 17.73 9.98
CA ASP D 62 -3.40 18.75 9.50
C ASP D 62 -3.69 19.78 10.58
N LYS D 63 -3.82 19.34 11.83
CA LYS D 63 -4.04 20.28 12.92
C LYS D 63 -2.79 21.10 13.22
N VAL D 64 -1.60 20.51 13.01
CA VAL D 64 -0.37 21.28 13.16
C VAL D 64 -0.34 22.43 12.15
N ALA D 65 -0.62 22.11 10.88
CA ALA D 65 -0.68 23.16 9.87
C ALA D 65 -1.81 24.14 10.14
N LYS D 66 -2.92 23.66 10.71
CA LYS D 66 -4.02 24.56 11.06
C LYS D 66 -3.57 25.58 12.10
N CYS D 67 -2.84 25.13 13.12
CA CYS D 67 -2.36 26.06 14.15
C CYS D 67 -1.38 27.06 13.57
N HIS D 68 -0.46 26.60 12.72
CA HIS D 68 0.52 27.51 12.13
C HIS D 68 -0.14 28.52 11.21
N LEU D 69 -1.12 28.09 10.42
CA LEU D 69 -1.78 28.99 9.49
C LEU D 69 -2.66 30.00 10.22
N LYS D 70 -3.56 29.52 11.08
CA LYS D 70 -4.51 30.41 11.74
C LYS D 70 -3.80 31.44 12.61
N SER D 71 -2.82 31.01 13.39
CA SER D 71 -2.12 31.94 14.27
C SER D 71 -1.33 32.97 13.46
N GLY D 72 -0.66 32.53 12.40
CA GLY D 72 0.15 33.45 11.61
C GLY D 72 -0.67 34.37 10.74
N ALA D 73 -1.75 33.84 10.15
CA ALA D 73 -2.56 34.63 9.22
C ALA D 73 -3.40 35.66 9.95
N ILE D 74 -3.89 35.34 11.14
CA ILE D 74 -4.72 36.29 11.87
C ILE D 74 -3.88 37.48 12.34
N TRP D 75 -2.72 37.21 12.94
CA TRP D 75 -1.87 38.30 13.40
C TRP D 75 -1.33 39.12 12.22
N ASN D 76 -0.99 38.46 11.12
CA ASN D 76 -0.54 39.18 9.94
C ASN D 76 -1.61 40.11 9.38
N HIS D 77 -2.87 39.82 9.65
CA HIS D 77 -3.97 40.61 9.12
C HIS D 77 -4.38 41.76 10.04
N ILE D 78 -4.25 41.60 11.35
CA ILE D 78 -4.73 42.57 12.32
C ILE D 78 -3.61 43.35 12.98
N LYS D 79 -2.36 43.16 12.56
CA LYS D 79 -1.25 43.83 13.24
C LYS D 79 -1.31 45.33 13.05
N ASP D 80 -1.73 45.79 11.87
CA ASP D 80 -1.74 47.21 11.54
C ASP D 80 -3.12 47.85 11.67
N LYS D 81 -4.11 47.10 12.14
CA LYS D 81 -5.48 47.63 12.19
C LYS D 81 -5.66 48.49 13.44
N LYS D 82 -6.40 49.59 13.27
CA LYS D 82 -6.66 50.54 14.34
C LYS D 82 -7.98 50.18 15.02
N THR D 83 -7.92 49.84 16.31
CA THR D 83 -9.08 49.36 17.04
C THR D 83 -9.27 50.05 18.39
N VAL D 84 -8.51 51.11 18.68
CA VAL D 84 -8.56 51.80 19.96
C VAL D 84 -8.76 53.28 19.71
N GLY D 85 -9.80 53.86 20.31
CA GLY D 85 -10.05 55.29 20.20
C GLY D 85 -10.40 55.71 18.78
N ILE D 86 -9.93 56.91 18.43
CA ILE D 86 -10.18 57.46 17.10
C ILE D 86 -9.37 56.68 16.07
N ILE D 87 -10.04 56.19 15.03
CA ILE D 87 -9.41 55.29 14.07
C ILE D 87 -9.50 55.80 12.64
N LYS D 88 -10.44 56.68 12.31
CA LYS D 88 -10.62 57.10 10.92
C LYS D 88 -11.15 58.53 10.88
N GLU D 89 -10.74 59.25 9.84
CA GLU D 89 -11.21 60.61 9.57
C GLU D 89 -11.94 60.63 8.25
N GLU D 90 -13.04 61.37 8.19
CA GLU D 90 -13.83 61.52 6.97
C GLU D 90 -14.39 62.94 6.91
N PRO D 91 -13.56 63.90 6.51
CA PRO D 91 -14.06 65.29 6.39
C PRO D 91 -15.02 65.48 5.22
N GLU D 92 -15.04 64.56 4.25
CA GLU D 92 -16.02 64.65 3.18
C GLU D 92 -17.44 64.55 3.70
N ARG D 93 -17.63 63.82 4.80
CA ARG D 93 -18.93 63.76 5.48
C ARG D 93 -18.91 64.47 6.82
N ALA D 94 -17.79 65.10 7.19
CA ALA D 94 -17.63 65.75 8.50
C ALA D 94 -17.85 64.75 9.64
N LEU D 95 -17.28 63.57 9.50
CA LEU D 95 -17.40 62.50 10.48
C LEU D 95 -16.05 62.16 11.09
N VAL D 96 -16.08 61.71 12.34
CA VAL D 96 -14.90 61.17 13.02
C VAL D 96 -15.31 59.85 13.64
N TYR D 97 -14.59 58.79 13.31
CA TYR D 97 -14.92 57.44 13.76
C TYR D 97 -14.07 57.06 14.97
N VAL D 98 -14.72 56.44 15.96
CA VAL D 98 -14.07 56.02 17.18
C VAL D 98 -14.38 54.55 17.42
N ALA D 99 -13.36 53.79 17.83
CA ALA D 99 -13.50 52.37 18.12
C ALA D 99 -13.58 52.17 19.62
N LYS D 100 -14.67 51.55 20.08
CA LYS D 100 -14.90 51.31 21.49
C LYS D 100 -15.19 49.83 21.73
N PRO D 101 -14.78 49.31 22.88
CA PRO D 101 -15.01 47.89 23.16
C PRO D 101 -16.49 47.60 23.40
N LYS D 102 -16.90 46.39 23.02
CA LYS D 102 -18.27 45.96 23.29
C LYS D 102 -18.43 45.49 24.72
N GLY D 103 -17.38 44.95 25.33
CA GLY D 103 -17.43 44.54 26.72
C GLY D 103 -16.97 43.12 26.97
N VAL D 104 -17.85 42.30 27.55
CA VAL D 104 -17.55 40.91 27.85
C VAL D 104 -18.09 40.03 26.73
N VAL D 105 -17.24 39.15 26.21
CA VAL D 105 -17.57 38.28 25.10
C VAL D 105 -17.78 36.87 25.63
N ALA D 106 -18.85 36.21 25.20
CA ALA D 106 -19.11 34.81 25.49
C ALA D 106 -18.89 34.01 24.21
N ALA D 107 -17.94 33.09 24.24
CA ALA D 107 -17.56 32.32 23.08
C ALA D 107 -17.67 30.84 23.38
N THR D 108 -18.59 30.16 22.69
CA THR D 108 -18.68 28.71 22.74
C THR D 108 -17.88 28.13 21.58
N THR D 109 -16.92 27.27 21.90
CA THR D 109 -16.00 26.77 20.89
C THR D 109 -16.31 25.31 20.56
N PRO D 110 -16.01 24.87 19.32
CA PRO D 110 -16.44 23.52 18.90
C PRO D 110 -15.45 22.42 19.23
N ILE D 111 -15.80 21.19 18.83
CA ILE D 111 -14.93 20.05 19.01
C ILE D 111 -13.97 19.86 17.83
N THR D 112 -14.31 20.39 16.65
CA THR D 112 -13.51 20.16 15.47
C THR D 112 -12.31 21.09 15.39
N ASN D 113 -12.38 22.25 16.01
CA ASN D 113 -11.25 23.20 16.07
C ASN D 113 -11.10 23.71 17.51
N PRO D 114 -10.78 22.82 18.45
CA PRO D 114 -10.81 23.20 19.87
C PRO D 114 -9.66 24.10 20.29
N VAL D 115 -8.62 24.25 19.48
CA VAL D 115 -7.45 25.04 19.84
C VAL D 115 -7.46 26.40 19.17
N VAL D 116 -7.64 26.43 17.84
CA VAL D 116 -7.54 27.68 17.11
C VAL D 116 -8.77 28.57 17.28
N THR D 117 -9.92 27.99 17.65
CA THR D 117 -11.11 28.82 17.84
C THR D 117 -11.03 29.68 19.10
N PRO D 118 -10.65 29.13 20.27
CA PRO D 118 -10.44 30.03 21.43
C PRO D 118 -9.36 31.05 21.18
N MET D 119 -8.34 30.71 20.40
CA MET D 119 -7.28 31.67 20.08
C MET D 119 -7.79 32.77 19.16
N CYS D 120 -8.52 32.39 18.11
CA CYS D 120 -9.05 33.37 17.18
C CYS D 120 -10.01 34.35 17.87
N ASN D 121 -10.87 33.83 18.74
CA ASN D 121 -11.83 34.68 19.43
C ASN D 121 -11.14 35.57 20.46
N ALA D 122 -10.14 35.03 21.16
CA ALA D 122 -9.44 35.81 22.18
C ALA D 122 -8.63 36.94 21.54
N MET D 123 -7.96 36.67 20.42
CA MET D 123 -7.19 37.71 19.75
C MET D 123 -8.11 38.83 19.27
N ALA D 124 -9.21 38.46 18.61
CA ALA D 124 -10.12 39.48 18.09
C ALA D 124 -10.79 40.27 19.21
N ALA D 125 -11.06 39.63 20.35
CA ALA D 125 -11.68 40.33 21.47
C ALA D 125 -10.69 41.28 22.12
N ILE D 126 -9.48 40.78 22.45
CA ILE D 126 -8.50 41.60 23.13
C ILE D 126 -7.97 42.71 22.22
N LYS D 127 -7.97 42.48 20.91
CA LYS D 127 -7.56 43.54 19.97
C LYS D 127 -8.41 44.79 20.13
N GLY D 128 -9.70 44.63 20.44
CA GLY D 128 -10.57 45.77 20.64
C GLY D 128 -10.82 46.05 22.11
N ARG D 129 -9.92 45.60 22.97
CA ARG D 129 -9.96 45.84 24.42
C ARG D 129 -11.18 45.19 25.08
N ASN D 130 -11.60 44.04 24.59
CA ASN D 130 -12.68 43.28 25.19
C ASN D 130 -12.12 42.11 26.00
N THR D 131 -12.96 41.58 26.89
CA THR D 131 -12.68 40.35 27.61
C THR D 131 -13.58 39.25 27.09
N ILE D 132 -13.15 38.00 27.29
CA ILE D 132 -13.81 36.85 26.71
C ILE D 132 -13.89 35.72 27.73
N ILE D 133 -15.03 35.04 27.76
CA ILE D 133 -15.23 33.82 28.54
C ILE D 133 -15.51 32.69 27.57
N VAL D 134 -14.72 31.62 27.65
CA VAL D 134 -14.79 30.50 26.72
C VAL D 134 -15.64 29.39 27.32
N ALA D 135 -16.49 28.79 26.49
CA ALA D 135 -17.29 27.63 26.87
C ALA D 135 -17.01 26.53 25.86
N PRO D 136 -16.04 25.66 26.13
CA PRO D 136 -15.62 24.68 25.13
C PRO D 136 -16.60 23.51 25.03
N HIS D 137 -16.42 22.73 23.98
CA HIS D 137 -17.19 21.52 23.81
C HIS D 137 -16.79 20.50 24.87
N PRO D 138 -17.75 19.76 25.44
CA PRO D 138 -17.40 18.79 26.49
C PRO D 138 -16.38 17.76 26.06
N LYS D 139 -16.50 17.22 24.85
CA LYS D 139 -15.51 16.26 24.36
C LYS D 139 -14.18 16.90 23.99
N ALA D 140 -14.05 18.22 24.15
CA ALA D 140 -12.79 18.92 23.89
C ALA D 140 -12.45 19.88 25.02
N LYS D 141 -13.00 19.65 26.21
CA LYS D 141 -12.84 20.60 27.31
C LYS D 141 -11.41 20.68 27.80
N LYS D 142 -10.65 19.59 27.69
CA LYS D 142 -9.29 19.59 28.22
C LYS D 142 -8.33 20.37 27.34
N VAL D 143 -8.32 20.08 26.03
CA VAL D 143 -7.36 20.73 25.15
C VAL D 143 -7.71 22.20 24.96
N SER D 144 -8.99 22.56 24.99
CA SER D 144 -9.37 23.96 24.91
C SER D 144 -9.01 24.70 26.19
N ALA D 145 -9.07 24.02 27.34
CA ALA D 145 -8.63 24.63 28.59
C ALA D 145 -7.11 24.80 28.62
N HIS D 146 -6.38 23.84 28.03
CA HIS D 146 -4.93 23.98 27.96
C HIS D 146 -4.51 25.14 27.06
N THR D 147 -5.31 25.43 26.02
CA THR D 147 -5.02 26.58 25.19
C THR D 147 -5.20 27.88 25.95
N VAL D 148 -6.24 27.96 26.80
CA VAL D 148 -6.46 29.15 27.61
C VAL D 148 -5.38 29.27 28.68
N GLU D 149 -4.92 28.13 29.22
CA GLU D 149 -3.90 28.15 30.26
C GLU D 149 -2.59 28.73 29.73
N LEU D 150 -2.13 28.23 28.57
CA LEU D 150 -0.87 28.71 28.02
C LEU D 150 -0.97 30.14 27.52
N MET D 151 -2.15 30.53 27.01
CA MET D 151 -2.34 31.93 26.61
C MET D 151 -2.26 32.86 27.81
N ASN D 152 -2.95 32.49 28.90
CA ASN D 152 -2.91 33.32 30.11
C ASN D 152 -1.51 33.38 30.71
N ALA D 153 -0.71 32.32 30.52
CA ALA D 153 0.66 32.36 31.00
C ALA D 153 1.48 33.42 30.29
N GLU D 154 1.25 33.59 28.98
CA GLU D 154 1.93 34.65 28.25
C GLU D 154 1.43 36.03 28.65
N LEU D 155 0.11 36.16 28.88
CA LEU D 155 -0.44 37.42 29.33
C LEU D 155 0.06 37.79 30.72
N LYS D 156 0.29 36.79 31.58
CA LYS D 156 0.85 37.06 32.89
C LYS D 156 2.29 37.57 32.79
N LYS D 157 3.06 37.04 31.85
CA LYS D 157 4.42 37.50 31.66
C LYS D 157 4.47 38.95 31.20
N LEU D 158 3.48 39.39 30.42
CA LEU D 158 3.42 40.73 29.89
C LEU D 158 2.69 41.70 30.81
N GLY D 159 2.39 41.29 32.05
CA GLY D 159 1.72 42.17 32.98
C GLY D 159 0.31 42.55 32.62
N ALA D 160 -0.35 41.75 31.79
CA ALA D 160 -1.73 42.05 31.40
C ALA D 160 -2.65 41.91 32.62
N PRO D 161 -3.81 42.57 32.59
CA PRO D 161 -4.76 42.42 33.69
C PRO D 161 -5.24 40.99 33.79
N GLU D 162 -5.52 40.55 35.02
CA GLU D 162 -5.94 39.18 35.25
C GLU D 162 -7.37 38.97 34.77
N ASN D 163 -7.62 37.79 34.21
CA ASN D 163 -8.96 37.32 33.83
C ASN D 163 -9.51 38.08 32.63
N ILE D 164 -8.66 38.50 31.70
CA ILE D 164 -9.18 38.98 30.42
C ILE D 164 -9.58 37.81 29.53
N ILE D 165 -9.12 36.60 29.84
CA ILE D 165 -9.57 35.37 29.20
C ILE D 165 -9.92 34.38 30.31
N GLN D 166 -11.14 33.87 30.27
CA GLN D 166 -11.60 32.87 31.22
C GLN D 166 -12.24 31.72 30.46
N ILE D 167 -12.58 30.65 31.18
CA ILE D 167 -13.16 29.47 30.56
C ILE D 167 -14.02 28.75 31.58
N VAL D 168 -15.14 28.21 31.12
CA VAL D 168 -16.00 27.32 31.89
C VAL D 168 -15.71 25.90 31.43
N GLU D 169 -14.98 25.14 32.23
CA GLU D 169 -14.45 23.86 31.78
C GLU D 169 -15.57 22.87 31.47
N ALA D 170 -16.52 22.69 32.39
CA ALA D 170 -17.61 21.75 32.23
C ALA D 170 -18.92 22.46 32.56
N PRO D 171 -19.41 23.30 31.65
CA PRO D 171 -20.66 24.04 31.93
C PRO D 171 -21.90 23.26 31.52
N SER D 172 -22.89 23.27 32.40
CA SER D 172 -24.21 22.77 32.03
C SER D 172 -24.83 23.69 30.99
N ARG D 173 -25.73 23.12 30.18
CA ARG D 173 -26.42 23.95 29.19
C ARG D 173 -27.21 25.07 29.84
N GLU D 174 -27.60 24.90 31.11
CA GLU D 174 -28.18 26.02 31.86
C GLU D 174 -27.12 27.07 32.14
N ALA D 175 -25.93 26.65 32.57
CA ALA D 175 -24.85 27.59 32.83
C ALA D 175 -24.38 28.26 31.54
N ALA D 176 -24.31 27.50 30.45
CA ALA D 176 -23.95 28.08 29.17
C ALA D 176 -25.01 29.06 28.67
N LYS D 177 -26.29 28.78 28.96
CA LYS D 177 -27.33 29.72 28.59
C LYS D 177 -27.27 30.97 29.46
N GLU D 178 -26.95 30.81 30.75
CA GLU D 178 -26.80 31.96 31.62
C GLU D 178 -25.58 32.80 31.23
N LEU D 179 -24.53 32.16 30.73
CA LEU D 179 -23.35 32.91 30.30
C LEU D 179 -23.66 33.75 29.07
N MET D 180 -24.42 33.19 28.12
CA MET D 180 -24.79 33.95 26.93
C MET D 180 -25.72 35.11 27.27
N GLU D 181 -26.66 34.90 28.19
CA GLU D 181 -27.60 35.95 28.54
C GLU D 181 -26.96 37.03 29.42
N SER D 182 -25.79 36.77 29.98
CA SER D 182 -25.12 37.73 30.85
C SER D 182 -24.00 38.50 30.16
N ALA D 183 -23.49 38.01 29.04
CA ALA D 183 -22.40 38.69 28.36
C ALA D 183 -22.93 39.82 27.48
N ASP D 184 -22.01 40.69 27.07
CA ASP D 184 -22.39 41.82 26.23
C ASP D 184 -22.55 41.41 24.77
N VAL D 185 -21.77 40.44 24.31
CA VAL D 185 -21.88 39.92 22.95
C VAL D 185 -21.52 38.44 22.99
N VAL D 186 -22.11 37.67 22.08
CA VAL D 186 -21.98 36.22 22.07
C VAL D 186 -21.38 35.77 20.75
N ILE D 187 -20.46 34.79 20.82
CA ILE D 187 -19.96 34.08 19.65
C ILE D 187 -20.27 32.61 19.86
N ALA D 188 -20.81 31.96 18.82
CA ALA D 188 -21.21 30.56 18.89
C ALA D 188 -20.68 29.82 17.66
N THR D 189 -19.56 29.12 17.85
CA THR D 189 -18.98 28.29 16.81
C THR D 189 -19.25 26.84 17.17
N GLY D 190 -20.19 26.21 16.47
CA GLY D 190 -20.53 24.82 16.75
C GLY D 190 -21.80 24.40 16.05
N GLY D 191 -22.50 23.46 16.66
CA GLY D 191 -23.71 22.94 16.08
C GLY D 191 -24.82 23.98 16.04
N ALA D 192 -25.85 23.67 15.25
CA ALA D 192 -26.96 24.59 15.08
C ALA D 192 -27.71 24.82 16.40
N GLY D 193 -27.73 23.82 17.28
CA GLY D 193 -28.36 24.02 18.57
C GLY D 193 -27.68 25.09 19.40
N ARG D 194 -26.34 25.10 19.38
CA ARG D 194 -25.61 26.15 20.09
C ARG D 194 -25.81 27.50 19.45
N VAL D 195 -25.87 27.54 18.11
CA VAL D 195 -26.07 28.81 17.42
C VAL D 195 -27.46 29.36 17.68
N LYS D 196 -28.48 28.50 17.63
CA LYS D 196 -29.84 28.96 17.88
C LYS D 196 -30.00 29.48 19.31
N ALA D 197 -29.30 28.86 20.26
CA ALA D 197 -29.34 29.35 21.64
C ALA D 197 -28.69 30.73 21.77
N ALA D 198 -27.65 31.00 20.97
CA ALA D 198 -26.99 32.30 21.03
C ALA D 198 -27.90 33.40 20.52
N TYR D 199 -28.65 33.14 19.45
CA TYR D 199 -29.60 34.11 18.93
C TYR D 199 -30.93 34.10 19.67
N SER D 200 -31.08 33.23 20.67
CA SER D 200 -32.26 33.20 21.52
C SER D 200 -31.95 33.67 22.94
N SER D 201 -30.83 34.38 23.13
CA SER D 201 -30.36 34.77 24.44
C SER D 201 -30.66 36.23 24.78
N GLY D 202 -31.30 36.97 23.89
CA GLY D 202 -31.57 38.37 24.13
C GLY D 202 -30.39 39.30 23.91
N ARG D 203 -29.22 38.77 23.57
CA ARG D 203 -28.03 39.55 23.31
C ARG D 203 -27.62 39.45 21.85
N PRO D 204 -26.91 40.45 21.31
CA PRO D 204 -26.42 40.34 19.93
C PRO D 204 -25.41 39.21 19.83
N ALA D 205 -25.56 38.39 18.79
CA ALA D 205 -24.78 37.17 18.63
C ALA D 205 -24.20 37.08 17.22
N TYR D 206 -23.03 36.46 17.13
CA TYR D 206 -22.40 36.13 15.87
C TYR D 206 -22.28 34.61 15.81
N GLY D 207 -23.06 33.98 14.94
CA GLY D 207 -23.09 32.55 14.83
C GLY D 207 -22.50 32.04 13.52
N VAL D 208 -22.45 30.71 13.43
CA VAL D 208 -22.03 30.03 12.21
C VAL D 208 -23.19 29.19 11.70
N GLY D 209 -22.99 28.52 10.58
CA GLY D 209 -23.98 27.63 10.04
C GLY D 209 -23.36 26.34 9.55
N PRO D 210 -24.18 25.31 9.34
CA PRO D 210 -23.66 24.06 8.80
C PRO D 210 -23.11 24.29 7.39
N GLY D 211 -21.99 23.65 7.11
CA GLY D 211 -21.41 23.73 5.79
C GLY D 211 -21.94 22.65 4.86
N ASN D 212 -21.69 22.86 3.56
CA ASN D 212 -21.99 21.87 2.54
C ASN D 212 -21.43 22.35 1.22
N SER D 213 -20.12 22.61 1.20
CA SER D 213 -19.46 23.25 0.06
C SER D 213 -19.64 22.47 -1.22
N GLN D 214 -20.40 23.04 -2.16
CA GLN D 214 -20.57 22.46 -3.48
C GLN D 214 -19.47 22.98 -4.40
N VAL D 215 -18.90 22.08 -5.19
CA VAL D 215 -17.78 22.39 -6.06
C VAL D 215 -18.18 22.12 -7.50
N ILE D 216 -18.05 23.13 -8.35
CA ILE D 216 -18.33 23.01 -9.77
C ILE D 216 -16.99 22.96 -10.50
N VAL D 217 -16.74 21.85 -11.19
CA VAL D 217 -15.58 21.73 -12.06
C VAL D 217 -16.02 22.10 -13.47
N ASP D 218 -15.61 23.28 -13.93
CA ASP D 218 -16.05 23.78 -15.23
C ASP D 218 -15.32 23.04 -16.35
N LYS D 219 -16.03 22.86 -17.47
CA LYS D 219 -15.48 22.14 -18.61
C LYS D 219 -14.32 22.92 -19.22
N GLY D 220 -13.24 22.21 -19.51
CA GLY D 220 -12.05 22.81 -20.09
C GLY D 220 -10.98 23.19 -19.09
N TYR D 221 -11.30 23.21 -17.80
CA TYR D 221 -10.32 23.50 -16.78
C TYR D 221 -9.35 22.32 -16.64
N ASP D 222 -8.17 22.62 -16.09
CA ASP D 222 -7.18 21.57 -15.82
C ASP D 222 -7.74 20.60 -14.79
N TYR D 223 -8.25 19.46 -15.26
CA TYR D 223 -8.91 18.52 -14.37
C TYR D 223 -7.97 17.95 -13.32
N ASN D 224 -6.69 17.82 -13.66
CA ASN D 224 -5.73 17.35 -12.67
C ASN D 224 -5.51 18.38 -11.57
N LYS D 225 -5.55 19.67 -11.92
CA LYS D 225 -5.39 20.71 -10.92
C LYS D 225 -6.62 20.81 -10.01
N ALA D 226 -7.81 20.72 -10.60
CA ALA D 226 -9.03 20.75 -9.79
C ALA D 226 -9.11 19.55 -8.86
N ALA D 227 -8.67 18.38 -9.34
CA ALA D 227 -8.70 17.19 -8.50
C ALA D 227 -7.79 17.33 -7.29
N GLN D 228 -6.58 17.85 -7.49
CA GLN D 228 -5.65 18.02 -6.38
C GLN D 228 -6.19 19.01 -5.35
N ASP D 229 -6.82 20.09 -5.82
CA ASP D 229 -7.34 21.08 -4.89
C ASP D 229 -8.57 20.56 -4.14
N ILE D 230 -9.40 19.76 -4.81
CA ILE D 230 -10.60 19.25 -4.17
C ILE D 230 -10.25 18.16 -3.16
N ILE D 231 -9.34 17.26 -3.54
CA ILE D 231 -8.93 16.19 -2.63
C ILE D 231 -8.22 16.77 -1.41
N THR D 232 -7.42 17.82 -1.61
CA THR D 232 -6.71 18.44 -0.49
C THR D 232 -7.69 18.99 0.54
N GLY D 233 -8.76 19.64 0.08
CA GLY D 233 -9.72 20.22 1.00
C GLY D 233 -10.69 19.22 1.60
N ARG D 234 -10.97 18.13 0.88
CA ARG D 234 -11.90 17.14 1.41
C ARG D 234 -11.27 16.33 2.53
N LYS D 235 -10.00 15.92 2.37
CA LYS D 235 -9.33 15.08 3.34
C LYS D 235 -8.68 15.87 4.47
N TYR D 236 -8.82 17.19 4.48
CA TYR D 236 -8.16 18.01 5.48
C TYR D 236 -8.77 17.75 6.86
N ASP D 237 -7.94 17.35 7.82
CA ASP D 237 -8.36 17.06 9.18
C ASP D 237 -9.46 15.99 9.19
N ASN D 238 -9.35 15.05 8.26
CA ASN D 238 -10.36 13.99 8.06
C ASN D 238 -11.74 14.58 7.82
N GLY D 239 -11.78 15.75 7.17
CA GLY D 239 -13.02 16.30 6.65
C GLY D 239 -13.93 16.98 7.64
N ILE D 240 -13.42 17.41 8.80
CA ILE D 240 -14.28 18.01 9.82
C ILE D 240 -14.29 19.53 9.69
N ILE D 241 -13.73 20.05 8.59
CA ILE D 241 -13.74 21.48 8.37
C ILE D 241 -15.06 21.87 7.70
N CYS D 242 -15.69 22.91 8.21
CA CYS D 242 -17.02 23.31 7.77
C CYS D 242 -17.04 23.78 6.32
N SER D 243 -15.89 24.21 5.81
CA SER D 243 -15.80 24.72 4.45
C SER D 243 -15.31 23.68 3.46
N SER D 244 -15.05 22.47 3.97
CA SER D 244 -14.44 21.42 3.16
C SER D 244 -15.35 21.03 2.00
N GLU D 245 -14.72 20.59 0.92
CA GLU D 245 -15.45 20.16 -0.28
C GLU D 245 -16.41 19.03 0.06
N GLN D 246 -17.65 19.14 -0.42
CA GLN D 246 -18.66 18.13 -0.15
C GLN D 246 -19.16 17.41 -1.40
N SER D 247 -19.03 18.01 -2.58
CA SER D 247 -19.53 17.39 -3.79
C SER D 247 -18.65 17.79 -4.96
N VAL D 248 -18.73 17.01 -6.04
CA VAL D 248 -18.03 17.28 -7.29
C VAL D 248 -19.07 17.31 -8.39
N ILE D 249 -19.37 18.51 -8.89
CA ILE D 249 -20.34 18.70 -9.96
C ILE D 249 -19.55 18.80 -11.25
N ALA D 250 -19.45 17.69 -11.99
CA ALA D 250 -18.60 17.58 -13.17
C ALA D 250 -19.43 17.57 -14.44
N PRO D 251 -18.89 18.06 -15.55
CA PRO D 251 -19.64 18.05 -16.81
C PRO D 251 -19.81 16.64 -17.35
N ALA D 252 -21.04 16.33 -17.80
CA ALA D 252 -21.34 14.98 -18.25
C ALA D 252 -20.48 14.57 -19.43
N GLU D 253 -20.10 15.51 -20.30
CA GLU D 253 -19.32 15.17 -21.47
C GLU D 253 -17.86 14.86 -21.13
N ASP D 254 -17.34 15.46 -20.06
CA ASP D 254 -15.99 15.18 -19.59
C ASP D 254 -16.00 14.51 -18.21
N TYR D 255 -17.04 13.72 -17.93
CA TYR D 255 -17.16 13.12 -16.61
C TYR D 255 -16.07 12.08 -16.37
N ASP D 256 -15.72 11.30 -17.40
CA ASP D 256 -14.71 10.26 -17.22
C ASP D 256 -13.32 10.86 -17.02
N LYS D 257 -13.04 12.02 -17.62
CA LYS D 257 -11.74 12.64 -17.42
C LYS D 257 -11.61 13.22 -16.02
N VAL D 258 -12.69 13.80 -15.49
CA VAL D 258 -12.65 14.35 -14.14
C VAL D 258 -12.48 13.25 -13.11
N ILE D 259 -13.21 12.15 -13.27
CA ILE D 259 -13.12 11.05 -12.32
C ILE D 259 -11.74 10.39 -12.42
N ALA D 260 -11.23 10.20 -13.63
CA ALA D 260 -9.89 9.65 -13.79
C ALA D 260 -8.83 10.55 -13.18
N ALA D 261 -9.03 11.87 -13.24
CA ALA D 261 -8.10 12.80 -12.60
C ALA D 261 -8.18 12.71 -11.08
N PHE D 262 -9.36 12.36 -10.55
CA PHE D 262 -9.46 12.11 -9.11
C PHE D 262 -8.77 10.79 -8.75
N VAL D 263 -9.06 9.73 -9.50
CA VAL D 263 -8.39 8.46 -9.28
C VAL D 263 -6.88 8.59 -9.45
N GLU D 264 -6.45 9.48 -10.35
CA GLU D 264 -5.02 9.70 -10.55
C GLU D 264 -4.37 10.28 -9.31
N ASN D 265 -5.11 11.06 -8.51
CA ASN D 265 -4.54 11.78 -7.38
C ASN D 265 -4.96 11.19 -6.03
N GLY D 266 -5.27 9.90 -5.99
CA GLY D 266 -5.47 9.21 -4.73
C GLY D 266 -6.91 9.01 -4.28
N ALA D 267 -7.88 9.12 -5.19
CA ALA D 267 -9.28 8.90 -4.83
C ALA D 267 -9.71 7.49 -5.22
N PHE D 268 -10.73 6.99 -4.51
CA PHE D 268 -11.35 5.70 -4.81
C PHE D 268 -12.78 5.98 -5.24
N TYR D 269 -13.07 5.74 -6.52
CA TYR D 269 -14.38 6.05 -7.08
C TYR D 269 -15.27 4.83 -7.07
N VAL D 270 -16.51 5.02 -6.65
CA VAL D 270 -17.52 3.96 -6.59
C VAL D 270 -18.70 4.39 -7.45
N GLU D 271 -19.06 3.54 -8.42
CA GLU D 271 -20.24 3.78 -9.24
C GLU D 271 -21.32 2.73 -9.05
N ASP D 272 -20.97 1.54 -8.56
CA ASP D 272 -21.96 0.50 -8.29
C ASP D 272 -22.85 0.91 -7.12
N GLU D 273 -24.14 1.08 -7.40
CA GLU D 273 -25.06 1.60 -6.38
C GLU D 273 -25.17 0.66 -5.19
N GLU D 274 -25.09 -0.66 -5.43
CA GLU D 274 -25.06 -1.59 -4.30
C GLU D 274 -23.87 -1.31 -3.40
N THR D 275 -22.70 -1.05 -3.98
CA THR D 275 -21.53 -0.72 -3.18
C THR D 275 -21.64 0.70 -2.62
N VAL D 276 -22.24 1.62 -3.37
CA VAL D 276 -22.47 2.97 -2.85
C VAL D 276 -23.39 2.92 -1.65
N GLU D 277 -24.42 2.06 -1.71
CA GLU D 277 -25.35 1.93 -0.59
C GLU D 277 -24.66 1.38 0.65
N LYS D 278 -23.65 0.52 0.47
CA LYS D 278 -22.87 0.06 1.61
C LYS D 278 -22.20 1.21 2.33
N PHE D 279 -21.83 2.26 1.59
CA PHE D 279 -21.27 3.46 2.23
C PHE D 279 -22.38 4.37 2.76
N ARG D 280 -23.45 4.55 1.99
CA ARG D 280 -24.51 5.47 2.40
C ARG D 280 -25.14 5.02 3.72
N SER D 281 -25.47 3.73 3.83
CA SER D 281 -26.02 3.21 5.07
C SER D 281 -25.03 3.25 6.22
N THR D 282 -23.73 3.38 5.92
CA THR D 282 -22.71 3.49 6.94
C THR D 282 -22.51 4.94 7.40
N LEU D 283 -22.71 5.90 6.51
CA LEU D 283 -22.48 7.30 6.85
C LEU D 283 -23.70 7.99 7.44
N PHE D 284 -24.91 7.60 7.01
CA PHE D 284 -26.13 8.26 7.43
C PHE D 284 -27.08 7.25 8.05
N LYS D 285 -27.55 7.54 9.25
CA LYS D 285 -28.54 6.73 9.96
C LYS D 285 -29.86 7.49 9.94
N ASP D 286 -30.70 7.17 8.94
CA ASP D 286 -32.00 7.80 8.76
C ASP D 286 -31.87 9.31 8.59
N GLY D 287 -31.04 9.72 7.64
CA GLY D 287 -30.85 11.11 7.31
C GLY D 287 -29.92 11.87 8.24
N LYS D 288 -29.37 11.22 9.26
CA LYS D 288 -28.48 11.86 10.22
C LYS D 288 -27.09 11.24 10.10
N ILE D 289 -26.06 12.08 10.19
CA ILE D 289 -24.69 11.61 10.03
C ILE D 289 -24.33 10.64 11.15
N ASN D 290 -23.65 9.56 10.79
CA ASN D 290 -23.19 8.58 11.76
C ASN D 290 -21.99 9.14 12.52
N SER D 291 -22.16 9.34 13.84
CA SER D 291 -21.11 9.95 14.63
C SER D 291 -19.89 9.06 14.78
N LYS D 292 -20.01 7.76 14.48
CA LYS D 292 -18.87 6.86 14.64
C LYS D 292 -17.81 7.03 13.55
N ILE D 293 -18.11 7.78 12.49
CA ILE D 293 -17.17 7.99 11.40
C ILE D 293 -16.80 9.45 11.19
N ILE D 294 -17.28 10.36 12.05
CA ILE D 294 -16.95 11.77 11.92
C ILE D 294 -15.48 11.96 12.24
N GLY D 295 -14.73 12.50 11.27
CA GLY D 295 -13.31 12.73 11.49
C GLY D 295 -12.46 11.48 11.52
N LYS D 296 -12.94 10.40 10.93
CA LYS D 296 -12.21 9.14 10.89
C LYS D 296 -11.56 8.93 9.52
N SER D 297 -10.58 8.05 9.51
CA SER D 297 -9.80 7.80 8.30
C SER D 297 -10.65 7.12 7.24
N VAL D 298 -10.06 6.97 6.05
CA VAL D 298 -10.74 6.29 4.95
C VAL D 298 -10.92 4.81 5.27
N GLN D 299 -9.91 4.18 5.87
CA GLN D 299 -9.99 2.75 6.14
C GLN D 299 -10.96 2.44 7.27
N ILE D 300 -11.10 3.34 8.24
CA ILE D 300 -12.13 3.16 9.27
C ILE D 300 -13.52 3.16 8.64
N ILE D 301 -13.76 4.11 7.74
CA ILE D 301 -15.04 4.15 7.04
C ILE D 301 -15.18 2.95 6.10
N ALA D 302 -14.09 2.55 5.45
CA ALA D 302 -14.15 1.43 4.52
C ALA D 302 -14.43 0.12 5.24
N ASP D 303 -13.83 -0.07 6.42
CA ASP D 303 -14.03 -1.31 7.16
C ASP D 303 -15.46 -1.41 7.70
N LEU D 304 -16.01 -0.30 8.18
CA LEU D 304 -17.39 -0.32 8.67
C LEU D 304 -18.38 -0.54 7.54
N ALA D 305 -18.08 -0.08 6.33
CA ALA D 305 -18.97 -0.28 5.20
C ALA D 305 -18.83 -1.66 4.57
N GLY D 306 -17.78 -2.40 4.90
CA GLY D 306 -17.57 -3.70 4.29
C GLY D 306 -17.11 -3.64 2.85
N VAL D 307 -16.39 -2.59 2.48
CA VAL D 307 -15.89 -2.40 1.12
C VAL D 307 -14.37 -2.26 1.19
N LYS D 308 -13.67 -3.04 0.38
CA LYS D 308 -12.21 -2.98 0.35
C LYS D 308 -11.76 -1.75 -0.42
N VAL D 309 -11.02 -0.88 0.26
CA VAL D 309 -10.50 0.35 -0.30
C VAL D 309 -8.98 0.31 -0.21
N PRO D 310 -8.26 0.50 -1.31
CA PRO D 310 -6.84 0.16 -1.34
C PRO D 310 -5.92 1.28 -0.88
N GLU D 311 -4.69 0.87 -0.54
CA GLU D 311 -3.53 1.74 -0.43
C GLU D 311 -3.75 2.93 0.50
N GLY D 312 -3.19 4.07 0.13
CA GLY D 312 -3.42 5.30 0.85
C GLY D 312 -4.46 6.15 0.14
N THR D 313 -5.64 5.57 -0.06
CA THR D 313 -6.75 6.30 -0.64
C THR D 313 -7.07 7.54 0.19
N LYS D 314 -6.92 8.71 -0.41
CA LYS D 314 -7.09 9.95 0.34
C LYS D 314 -8.57 10.25 0.60
N VAL D 315 -9.42 10.10 -0.41
CA VAL D 315 -10.85 10.34 -0.28
C VAL D 315 -11.62 9.26 -1.01
N ILE D 316 -12.89 9.11 -0.64
CA ILE D 316 -13.82 8.21 -1.30
C ILE D 316 -14.82 9.05 -2.07
N VAL D 317 -14.99 8.73 -3.35
CA VAL D 317 -15.94 9.43 -4.22
C VAL D 317 -17.05 8.46 -4.58
N LEU D 318 -18.30 8.87 -4.34
CA LEU D 318 -19.46 8.06 -4.59
C LEU D 318 -20.34 8.72 -5.64
N LYS D 319 -20.81 7.96 -6.61
CA LYS D 319 -21.78 8.47 -7.56
C LYS D 319 -23.13 8.58 -6.88
N GLY D 320 -23.64 9.80 -6.75
CA GLY D 320 -24.90 10.01 -6.07
C GLY D 320 -26.11 9.63 -6.93
N LYS D 321 -27.22 9.38 -6.24
CA LYS D 321 -28.46 9.06 -6.94
C LYS D 321 -28.98 10.26 -7.71
N GLY D 322 -28.86 11.45 -7.14
CA GLY D 322 -29.33 12.65 -7.81
C GLY D 322 -29.04 13.86 -6.95
N ALA D 323 -29.39 15.03 -7.49
CA ALA D 323 -29.16 16.28 -6.80
C ALA D 323 -30.24 16.52 -5.75
N GLY D 324 -29.90 17.38 -4.78
CA GLY D 324 -30.88 17.75 -3.77
C GLY D 324 -31.23 16.58 -2.86
N GLU D 325 -32.51 16.47 -2.54
CA GLU D 325 -33.00 15.45 -1.63
C GLU D 325 -33.10 14.07 -2.29
N LYS D 326 -32.68 13.93 -3.54
CA LYS D 326 -32.68 12.63 -4.18
C LYS D 326 -31.62 11.69 -3.62
N ASP D 327 -30.75 12.18 -2.74
CA ASP D 327 -29.73 11.35 -2.13
C ASP D 327 -29.28 12.03 -0.83
N VAL D 328 -29.25 11.26 0.26
CA VAL D 328 -28.79 11.81 1.52
C VAL D 328 -27.29 12.11 1.47
N LEU D 329 -26.57 11.51 0.53
CA LEU D 329 -25.15 11.81 0.36
C LEU D 329 -24.89 13.24 -0.10
N CYS D 330 -25.93 13.96 -0.51
CA CYS D 330 -25.78 15.37 -0.86
C CYS D 330 -25.84 16.28 0.37
N LYS D 331 -26.05 15.72 1.55
CA LYS D 331 -25.95 16.49 2.79
C LYS D 331 -24.50 16.62 3.21
N GLU D 332 -24.27 17.39 4.26
CA GLU D 332 -22.92 17.57 4.78
C GLU D 332 -22.37 16.25 5.29
N LYS D 333 -21.13 15.95 4.90
CA LYS D 333 -20.45 14.71 5.28
C LYS D 333 -19.11 15.08 5.90
N MET D 334 -19.07 15.13 7.24
CA MET D 334 -17.84 15.50 7.95
C MET D 334 -16.89 14.31 8.01
N CYS D 335 -16.43 13.91 6.82
CA CYS D 335 -15.57 12.76 6.64
C CYS D 335 -15.01 12.81 5.22
N PRO D 336 -13.87 12.17 4.96
CA PRO D 336 -13.26 12.25 3.62
C PRO D 336 -14.04 11.48 2.56
N VAL D 337 -15.31 11.83 2.36
CA VAL D 337 -16.17 11.19 1.38
C VAL D 337 -16.80 12.27 0.50
N LEU D 338 -16.69 12.09 -0.81
CA LEU D 338 -17.27 13.01 -1.78
C LEU D 338 -18.39 12.32 -2.55
N VAL D 339 -19.38 13.11 -2.97
CA VAL D 339 -20.46 12.64 -3.83
C VAL D 339 -20.29 13.29 -5.20
N ALA D 340 -20.47 12.50 -6.26
CA ALA D 340 -20.27 12.94 -7.62
C ALA D 340 -21.60 13.12 -8.33
N LEU D 341 -21.72 14.19 -9.09
CA LEU D 341 -22.96 14.54 -9.78
C LEU D 341 -22.63 15.08 -11.17
N LYS D 342 -23.47 14.72 -12.15
CA LYS D 342 -23.31 15.17 -13.52
C LYS D 342 -24.20 16.37 -13.81
N TYR D 343 -23.74 17.23 -14.71
CA TYR D 343 -24.56 18.34 -15.20
C TYR D 343 -24.43 18.43 -16.71
N ASP D 344 -25.52 18.84 -17.37
CA ASP D 344 -25.55 18.96 -18.81
C ASP D 344 -25.07 20.32 -19.29
N THR D 345 -25.53 21.40 -18.65
CA THR D 345 -25.06 22.74 -18.95
C THR D 345 -24.59 23.40 -17.65
N PHE D 346 -23.75 24.43 -17.80
CA PHE D 346 -23.28 25.15 -16.62
C PHE D 346 -24.43 25.77 -15.84
N GLU D 347 -25.50 26.14 -16.53
CA GLU D 347 -26.68 26.64 -15.84
C GLU D 347 -27.25 25.57 -14.90
N GLU D 348 -27.28 24.33 -15.35
CA GLU D 348 -27.73 23.24 -14.48
C GLU D 348 -26.75 22.99 -13.33
N ALA D 349 -25.46 23.19 -13.57
CA ALA D 349 -24.46 22.99 -12.52
C ALA D 349 -24.73 23.91 -11.34
N VAL D 350 -25.15 25.15 -11.61
CA VAL D 350 -25.52 26.06 -10.53
C VAL D 350 -26.82 25.62 -9.88
N GLU D 351 -27.76 25.08 -10.67
CA GLU D 351 -29.01 24.60 -10.12
C GLU D 351 -28.80 23.37 -9.24
N ILE D 352 -27.86 22.52 -9.62
CA ILE D 352 -27.57 21.33 -8.80
C ILE D 352 -26.97 21.74 -7.46
N ALA D 353 -26.00 22.65 -7.48
CA ALA D 353 -25.46 23.17 -6.23
C ALA D 353 -26.53 23.88 -5.42
N MET D 354 -27.43 24.60 -6.10
CA MET D 354 -28.52 25.27 -5.41
C MET D 354 -29.39 24.27 -4.65
N ALA D 355 -29.73 23.16 -5.28
CA ALA D 355 -30.58 22.16 -4.63
C ALA D 355 -29.91 21.54 -3.42
N ASN D 356 -28.58 21.42 -3.43
CA ASN D 356 -27.88 20.84 -2.29
C ASN D 356 -27.74 21.83 -1.14
N TYR D 357 -27.72 23.14 -1.44
CA TYR D 357 -27.70 24.13 -0.37
C TYR D 357 -29.08 24.28 0.27
N MET D 358 -30.14 24.17 -0.53
CA MET D 358 -31.49 24.12 0.05
C MET D 358 -31.66 22.89 0.92
N TYR D 359 -30.96 21.80 0.59
CA TYR D 359 -30.99 20.61 1.43
C TYR D 359 -30.28 20.85 2.76
N GLU D 360 -29.04 21.35 2.71
CA GLU D 360 -28.27 21.66 3.89
C GLU D 360 -27.07 22.51 3.49
N GLY D 361 -26.69 23.44 4.36
CA GLY D 361 -25.48 24.21 4.18
C GLY D 361 -25.62 25.55 3.48
N ALA D 362 -26.84 26.06 3.31
CA ALA D 362 -27.03 27.31 2.60
C ALA D 362 -26.37 28.46 3.35
N GLY D 363 -25.75 29.37 2.58
CA GLY D 363 -25.12 30.54 3.14
C GLY D 363 -23.65 30.37 3.51
N HIS D 364 -23.09 29.19 3.34
CA HIS D 364 -21.71 28.96 3.77
C HIS D 364 -20.73 29.27 2.65
N THR D 365 -20.18 28.23 2.03
CA THR D 365 -19.08 28.39 1.08
C THR D 365 -19.31 27.46 -0.11
N ALA D 366 -18.85 27.90 -1.28
CA ALA D 366 -18.83 27.07 -2.47
C ALA D 366 -17.45 27.11 -3.09
N GLY D 367 -17.20 26.17 -3.98
CA GLY D 367 -15.95 26.14 -4.73
C GLY D 367 -16.22 26.03 -6.22
N ILE D 368 -15.32 26.63 -7.00
CA ILE D 368 -15.42 26.56 -8.45
C ILE D 368 -14.01 26.54 -9.02
N HIS D 369 -13.80 25.67 -10.01
CA HIS D 369 -12.52 25.54 -10.69
C HIS D 369 -12.76 25.82 -12.16
N SER D 370 -12.38 27.02 -12.59
CA SER D 370 -12.74 27.51 -13.91
C SER D 370 -11.77 28.61 -14.32
N ASP D 371 -11.56 28.74 -15.62
CA ASP D 371 -10.86 29.87 -16.21
C ASP D 371 -11.80 30.83 -16.92
N ASN D 372 -13.10 30.57 -16.85
CA ASN D 372 -14.12 31.41 -17.49
C ASN D 372 -14.70 32.33 -16.41
N ASP D 373 -14.31 33.60 -16.44
CA ASP D 373 -14.75 34.53 -15.41
C ASP D 373 -16.23 34.87 -15.53
N GLU D 374 -16.82 34.75 -16.72
CA GLU D 374 -18.26 34.94 -16.85
C GLU D 374 -19.03 33.84 -16.10
N ASN D 375 -18.53 32.61 -16.16
CA ASN D 375 -19.15 31.52 -15.41
C ASN D 375 -18.93 31.68 -13.91
N ILE D 376 -17.72 32.11 -13.52
CA ILE D 376 -17.44 32.34 -12.10
C ILE D 376 -18.34 33.42 -11.54
N ARG D 377 -18.51 34.52 -12.28
CA ARG D 377 -19.34 35.63 -11.80
C ARG D 377 -20.82 35.28 -11.85
N TYR D 378 -21.23 34.38 -12.74
CA TYR D 378 -22.62 33.93 -12.76
C TYR D 378 -22.91 33.07 -11.54
N ALA D 379 -22.01 32.13 -11.21
CA ALA D 379 -22.22 31.29 -10.04
C ALA D 379 -22.16 32.11 -8.74
N GLY D 380 -21.25 33.08 -8.68
CA GLY D 380 -21.15 33.92 -7.50
C GLY D 380 -22.35 34.83 -7.30
N THR D 381 -23.10 35.12 -8.35
CA THR D 381 -24.27 35.98 -8.22
C THR D 381 -25.51 35.18 -7.82
N VAL D 382 -25.60 33.93 -8.26
CA VAL D 382 -26.83 33.16 -8.09
C VAL D 382 -26.80 32.32 -6.81
N LEU D 383 -25.67 31.69 -6.50
CA LEU D 383 -25.63 30.72 -5.43
C LEU D 383 -25.80 31.40 -4.07
N PRO D 384 -26.60 30.82 -3.17
CA PRO D 384 -26.77 31.36 -1.80
C PRO D 384 -25.62 30.98 -0.88
N ILE D 385 -24.51 31.72 -1.03
CA ILE D 385 -23.29 31.45 -0.29
C ILE D 385 -22.71 32.78 0.20
N SER D 386 -21.84 32.69 1.20
CA SER D 386 -21.11 33.86 1.69
C SER D 386 -19.70 33.95 1.13
N ARG D 387 -19.14 32.85 0.63
CA ARG D 387 -17.80 32.81 0.09
C ARG D 387 -17.77 31.91 -1.13
N LEU D 388 -17.16 32.41 -2.21
CA LEU D 388 -16.91 31.61 -3.40
C LEU D 388 -15.41 31.49 -3.59
N VAL D 389 -14.91 30.26 -3.52
CA VAL D 389 -13.49 29.98 -3.59
C VAL D 389 -13.16 29.49 -5.00
N VAL D 390 -12.21 30.15 -5.66
CA VAL D 390 -11.94 29.96 -7.08
C VAL D 390 -10.55 29.38 -7.25
N ASN D 391 -10.46 28.18 -7.86
CA ASN D 391 -9.20 27.58 -8.28
C ASN D 391 -8.25 27.36 -7.10
N GLN D 392 -8.80 26.86 -6.01
CA GLN D 392 -8.02 26.53 -4.81
C GLN D 392 -8.92 25.68 -3.90
N PRO D 393 -8.32 24.97 -2.94
CA PRO D 393 -9.15 24.19 -2.00
C PRO D 393 -10.15 25.08 -1.27
N ALA D 394 -11.37 24.54 -1.10
CA ALA D 394 -12.42 25.29 -0.43
C ALA D 394 -12.13 25.51 1.05
N THR D 395 -11.22 24.73 1.64
CA THR D 395 -10.83 24.93 3.02
C THR D 395 -10.03 26.21 3.22
N THR D 396 -9.71 26.94 2.16
CA THR D 396 -9.04 28.22 2.26
C THR D 396 -10.02 29.37 2.45
N ALA D 397 -11.31 29.10 2.55
CA ALA D 397 -12.29 30.15 2.73
C ALA D 397 -12.13 30.85 4.08
N GLY D 398 -11.57 30.16 5.07
CA GLY D 398 -11.31 30.75 6.36
C GLY D 398 -10.07 31.60 6.45
N GLY D 399 -9.29 31.70 5.37
CA GLY D 399 -8.09 32.50 5.37
C GLY D 399 -6.90 31.81 4.74
N SER D 400 -6.11 32.57 3.98
CA SER D 400 -4.93 32.03 3.32
C SER D 400 -4.04 33.19 2.91
N PHE D 401 -2.74 32.91 2.77
CA PHE D 401 -1.79 33.88 2.30
C PHE D 401 -1.87 34.08 0.78
N ASN D 402 -2.80 33.43 0.11
CA ASN D 402 -2.93 33.53 -1.35
C ASN D 402 -4.33 33.96 -1.80
N ASN D 403 -5.21 34.32 -0.87
CA ASN D 403 -6.49 34.89 -1.22
C ASN D 403 -6.83 36.02 -0.26
N GLY D 404 -7.94 36.70 -0.54
CA GLY D 404 -8.35 37.88 0.19
C GLY D 404 -9.37 37.68 1.29
N PHE D 405 -9.68 36.44 1.65
CA PHE D 405 -10.60 36.20 2.75
C PHE D 405 -9.94 36.54 4.08
N ASN D 406 -10.66 37.26 4.93
CA ASN D 406 -10.10 37.66 6.21
C ASN D 406 -9.90 36.44 7.11
N PRO D 407 -8.70 36.25 7.67
CA PRO D 407 -8.44 35.04 8.45
C PRO D 407 -9.34 34.95 9.68
N THR D 408 -9.82 33.74 9.94
CA THR D 408 -10.77 33.51 11.02
C THR D 408 -10.89 32.01 11.26
N THR D 409 -11.57 31.66 12.35
CA THR D 409 -12.08 30.32 12.56
C THR D 409 -13.60 30.30 12.69
N THR D 410 -14.23 31.46 12.61
CA THR D 410 -15.68 31.62 12.78
C THR D 410 -16.25 32.19 11.48
N LEU D 411 -16.75 31.31 10.61
CA LEU D 411 -17.24 31.68 9.30
C LEU D 411 -18.75 31.91 9.38
N GLY D 412 -19.17 33.16 9.25
CA GLY D 412 -20.59 33.47 9.26
C GLY D 412 -21.27 33.06 7.97
N CYS D 413 -22.53 32.66 8.09
CA CYS D 413 -23.31 32.17 6.96
C CYS D 413 -24.50 33.07 6.64
N GLY D 414 -24.51 34.29 7.17
CA GLY D 414 -25.56 35.24 6.82
C GLY D 414 -26.94 34.81 7.27
N SER D 415 -27.94 35.40 6.61
CA SER D 415 -29.34 35.08 6.93
C SER D 415 -29.71 33.66 6.54
N TRP D 416 -29.01 33.06 5.56
CA TRP D 416 -29.32 31.70 5.18
C TRP D 416 -29.06 30.72 6.30
N GLY D 417 -27.93 30.88 7.00
CA GLY D 417 -27.60 30.01 8.11
C GLY D 417 -28.00 30.57 9.44
N ARG D 418 -28.91 31.55 9.42
CA ARG D 418 -29.42 32.20 10.63
C ARG D 418 -28.29 32.85 11.42
N ASN D 419 -27.46 33.61 10.72
CA ASN D 419 -26.35 34.34 11.32
C ASN D 419 -26.51 35.83 11.07
N SER D 420 -25.87 36.62 11.94
CA SER D 420 -25.96 38.06 11.84
C SER D 420 -25.08 38.65 10.75
N ILE D 421 -24.06 37.92 10.30
CA ILE D 421 -23.18 38.39 9.24
C ILE D 421 -22.97 37.28 8.23
N SER D 422 -22.70 37.69 6.99
CA SER D 422 -22.40 36.75 5.92
C SER D 422 -20.93 36.85 5.53
N GLU D 423 -20.04 36.86 6.51
CA GLU D 423 -18.62 37.01 6.27
C GLU D 423 -17.85 36.36 7.41
N ASN D 424 -16.52 36.44 7.32
CA ASN D 424 -15.65 35.86 8.32
C ASN D 424 -15.56 36.79 9.54
N LEU D 425 -15.72 36.21 10.73
CA LEU D 425 -15.64 36.98 11.96
C LEU D 425 -14.22 37.45 12.20
N THR D 426 -14.05 38.77 12.35
CA THR D 426 -12.75 39.32 12.67
C THR D 426 -12.82 40.29 13.84
N TYR D 427 -11.75 41.07 14.04
CA TYR D 427 -11.73 42.08 15.09
C TYR D 427 -12.86 43.11 14.91
N GLU D 428 -13.24 43.39 13.66
CA GLU D 428 -14.14 44.50 13.37
C GLU D 428 -15.56 44.28 13.89
N HIS D 429 -15.93 43.04 14.16
CA HIS D 429 -17.28 42.74 14.64
C HIS D 429 -17.37 42.73 16.16
N LEU D 430 -16.27 42.93 16.87
CA LEU D 430 -16.26 42.94 18.33
C LEU D 430 -16.02 44.32 18.92
N ILE D 431 -16.15 45.37 18.11
CA ILE D 431 -16.00 46.74 18.59
C ILE D 431 -17.19 47.57 18.14
N ASN D 432 -17.61 48.50 18.99
CA ASN D 432 -18.62 49.48 18.59
C ASN D 432 -17.92 50.63 17.87
N VAL D 433 -18.39 50.95 16.67
CA VAL D 433 -17.84 52.05 15.88
C VAL D 433 -18.81 53.21 15.98
N SER D 434 -18.45 54.22 16.77
CA SER D 434 -19.27 55.42 16.94
C SER D 434 -18.80 56.50 15.98
N ARG D 435 -19.63 57.52 15.82
CA ARG D 435 -19.36 58.60 14.89
C ARG D 435 -19.54 59.95 15.59
N ILE D 436 -18.59 60.85 15.37
CA ILE D 436 -18.69 62.24 15.82
C ILE D 436 -19.13 63.06 14.62
N GLY D 437 -20.34 63.61 14.68
CA GLY D 437 -20.92 64.33 13.57
C GLY D 437 -20.84 65.84 13.77
N TYR D 438 -20.16 66.49 12.84
CA TYR D 438 -20.00 67.94 12.86
C TYR D 438 -21.05 68.61 11.99
N PHE D 439 -21.14 69.94 12.13
CA PHE D 439 -22.14 70.73 11.42
C PHE D 439 -21.51 71.20 10.10
N ASN D 440 -21.73 70.43 9.04
CA ASN D 440 -21.16 70.75 7.73
C ASN D 440 -21.86 71.99 7.17
N LYS D 441 -21.10 73.05 6.97
CA LYS D 441 -21.66 74.34 6.58
C LYS D 441 -21.72 74.53 5.07
N GLU D 442 -20.75 73.99 4.33
CA GLU D 442 -20.69 74.18 2.89
C GLU D 442 -21.73 73.34 2.13
N ALA D 443 -22.44 72.45 2.81
CA ALA D 443 -23.44 71.63 2.15
C ALA D 443 -24.71 72.42 1.90
N LYS D 444 -25.28 72.26 0.70
CA LYS D 444 -26.50 72.94 0.31
C LYS D 444 -27.68 71.98 0.41
N VAL D 445 -28.80 72.49 0.91
CA VAL D 445 -30.01 71.68 1.09
C VAL D 445 -30.67 71.47 -0.27
N PRO D 446 -30.83 70.23 -0.72
CA PRO D 446 -31.50 69.99 -2.00
C PRO D 446 -32.97 70.38 -1.95
N SER D 447 -33.44 70.99 -3.03
CA SER D 447 -34.84 71.39 -3.13
C SER D 447 -35.71 70.21 -3.53
N TYR D 448 -37.01 70.45 -3.65
CA TYR D 448 -37.95 69.40 -4.03
C TYR D 448 -37.57 68.77 -5.36
N GLU D 449 -37.37 69.61 -6.38
CA GLU D 449 -36.93 69.11 -7.68
C GLU D 449 -35.53 68.51 -7.60
N GLU D 450 -34.72 68.96 -6.64
CA GLU D 450 -33.40 68.39 -6.45
C GLU D 450 -33.43 67.09 -5.66
N ILE D 451 -34.53 66.80 -4.97
CA ILE D 451 -34.67 65.56 -4.21
C ILE D 451 -35.44 64.54 -5.03
N TRP D 452 -36.64 64.91 -5.48
CA TRP D 452 -37.52 63.99 -6.17
C TRP D 452 -37.50 64.14 -7.68
N GLY D 453 -36.87 65.18 -8.21
CA GLY D 453 -36.83 65.38 -9.65
C GLY D 453 -35.95 64.37 -10.35
O4 MEZ E . 1.34 -22.24 -21.94
C5 MEZ E . 0.25 -22.65 -21.74
C3 MEZ E . -0.02 -23.59 -20.56
C4 MEZ E . 0.95 -24.74 -20.28
C2 MEZ E . -1.07 -23.37 -19.80
C1 MEZ E . -1.46 -24.22 -18.60
O1 MEZ E . -0.64 -24.44 -17.66
O2 MEZ E . -2.62 -24.69 -18.52
O4 MEZ F . 25.70 12.10 -13.55
C5 MEZ F . 25.76 12.92 -12.70
C3 MEZ F . 24.86 14.14 -12.76
C4 MEZ F . 24.16 14.50 -14.07
C2 MEZ F . 24.69 14.88 -11.68
C1 MEZ F . 23.78 16.12 -11.67
O1 MEZ F . 22.77 16.15 -10.92
O2 MEZ F . 24.04 17.11 -12.40
C01 OA9 G . -11.96 -19.27 22.05
C02 OA9 G . -11.15 -18.18 22.76
C03 OA9 G . -9.83 -17.93 22.79
C04 OA9 G . -9.44 -19.09 21.85
C07 OA9 G . -12.22 -17.34 23.52
C2P OA9 G . -12.03 -14.91 25.28
C3P OA9 G . -13.42 -14.76 25.93
C5P OA9 G . -13.15 -12.50 27.23
C6P OA9 G . -13.61 -11.04 27.39
C7P OA9 G . -12.57 -10.19 28.17
C9P OA9 G . -12.38 -7.81 29.17
CAP OA9 G . -13.04 -6.42 29.38
CBP OA9 G . -12.42 -5.32 28.49
CDP OA9 G . -12.88 -5.54 27.03
CEP OA9 G . -10.88 -5.33 28.56
CCP OA9 G . -12.93 -3.93 28.98
C5B OA9 G . -17.75 -3.59 33.70
C4B OA9 G . -19.14 -3.63 34.24
C1B OA9 G . -21.10 -4.81 33.63
C8A OA9 G . -20.34 -6.25 32.08
C5A OA9 G . -21.66 -7.83 32.06
C6A OA9 G . -22.28 -8.95 31.80
C2A OA9 G . -23.88 -8.36 33.45
C4A OA9 G . -22.10 -6.83 33.07
C2B OA9 G . -20.73 -5.09 35.04
C3B OA9 G . -19.29 -4.82 35.09
N4P OA9 G . -13.77 -13.35 26.18
N8P OA9 G . -13.12 -8.84 28.40
N9A OA9 G . -21.14 -6.02 32.87
N7A OA9 G . -20.44 -7.30 31.46
N6A OA9 G . -21.80 -9.89 30.80
N1A OA9 G . -23.36 -9.20 32.48
N3A OA9 G . -23.23 -7.13 33.76
O05 OA9 G . -9.69 -19.05 20.61
O06 OA9 G . -8.80 -20.09 22.29
O08 OA9 G . -13.12 -17.89 24.05
O5P OA9 G . -12.31 -12.93 27.95
O9P OA9 G . -11.32 -8.03 29.63
OAP OA9 G . -14.41 -6.51 29.14
O6A OA9 G . -14.34 -3.97 29.09
O4A OA9 G . -14.03 -2.58 31.25
O5A OA9 G . -15.50 -1.66 29.50
O3A OA9 G . -16.33 -3.69 30.89
O1A OA9 G . -14.97 -4.65 32.87
O2A OA9 G . -16.10 -6.24 31.38
O5B OA9 G . -17.52 -4.82 33.03
O4B OA9 G . -20.10 -3.82 33.11
O2B OA9 G . -21.40 -4.09 35.84
O3B OA9 G . -18.83 -4.57 36.46
O7A OA9 G . -17.20 -5.06 38.42
O8A OA9 G . -16.26 -4.77 36.19
O9A OA9 G . -17.52 -6.80 36.72
P2A OA9 G . -15.04 -2.93 30.19
P1A OA9 G . -16.20 -4.89 32.03
P3B OA9 G . -17.43 -5.32 36.97
S1P OA9 G . -12.16 -15.52 23.55
O4 MEZ H . -15.31 24.50 10.84
C5 MEZ H . -15.09 25.36 10.05
C3 MEZ H . -13.78 26.14 10.11
C4 MEZ H . -13.12 26.38 11.47
C2 MEZ H . -13.22 26.57 8.99
C1 MEZ H . -11.91 27.34 8.92
O1 MEZ H . -11.72 28.36 9.62
O2 MEZ H . -11.01 26.95 8.13
#